data_5O2V
#
_entry.id   5O2V
#
_entity_poly.entity_id   1
_entity_poly.type   'polypeptide(L)'
_entity_poly.pdbx_seq_one_letter_code
;MEDEMPKTLYVGNLSRDVTEALILQLFSQIGPCKNCKMIMDTAGNDPYCFVEFHEHRHAAAALAAMNGRKIMGKEVKVNW
ATTPSSQKKDTS
;
_entity_poly.pdbx_strand_id   A
#
# COMPACT_ATOMS: atom_id res chain seq x y z
N MET A 1 7.34 0.38 -21.04
CA MET A 1 6.23 -0.08 -20.18
C MET A 1 6.63 -0.02 -18.71
N GLU A 2 7.49 0.93 -18.37
CA GLU A 2 7.97 1.07 -17.00
C GLU A 2 6.89 1.66 -16.12
N ASP A 3 5.91 2.28 -16.76
CA ASP A 3 4.77 2.86 -16.07
C ASP A 3 3.96 1.78 -15.39
N GLU A 4 4.02 0.58 -15.96
CA GLU A 4 3.31 -0.58 -15.42
C GLU A 4 4.11 -1.25 -14.30
N MET A 5 5.15 -0.57 -13.83
CA MET A 5 5.97 -1.08 -12.74
C MET A 5 5.92 -0.12 -11.55
N PRO A 6 4.81 -0.13 -10.80
CA PRO A 6 4.59 0.80 -9.70
C PRO A 6 5.34 0.42 -8.43
N LYS A 7 5.79 1.43 -7.71
CA LYS A 7 6.46 1.20 -6.43
C LYS A 7 5.53 1.54 -5.28
N THR A 8 4.30 1.90 -5.63
CA THR A 8 3.28 2.22 -4.65
C THR A 8 2.37 1.02 -4.44
N LEU A 9 2.23 0.58 -3.20
CA LEU A 9 1.36 -0.53 -2.87
C LEU A 9 0.04 -0.02 -2.32
N TYR A 10 -1.05 -0.54 -2.87
CA TYR A 10 -2.39 -0.15 -2.48
C TYR A 10 -2.95 -1.18 -1.51
N VAL A 11 -2.77 -0.95 -0.23
CA VAL A 11 -3.24 -1.87 0.78
C VAL A 11 -4.57 -1.40 1.34
N GLY A 12 -5.62 -2.18 1.11
CA GLY A 12 -6.92 -1.85 1.66
C GLY A 12 -7.31 -2.80 2.77
N ASN A 13 -8.54 -2.68 3.25
CA ASN A 13 -9.07 -3.55 4.32
C ASN A 13 -8.45 -3.21 5.67
N LEU A 14 -8.10 -1.95 5.86
CA LEU A 14 -7.46 -1.51 7.10
C LEU A 14 -8.48 -1.24 8.19
N SER A 15 -7.97 -0.98 9.40
CA SER A 15 -8.81 -0.70 10.54
C SER A 15 -8.15 0.39 11.39
N ARG A 16 -8.97 1.15 12.10
CA ARG A 16 -8.48 2.29 12.89
C ARG A 16 -7.60 1.84 14.05
N ASP A 17 -7.65 0.56 14.39
CA ASP A 17 -6.82 0.03 15.46
C ASP A 17 -5.52 -0.56 14.91
N VAL A 18 -5.41 -0.60 13.59
CA VAL A 18 -4.18 -1.02 12.94
C VAL A 18 -3.24 0.18 12.82
N THR A 19 -2.31 0.28 13.74
CA THR A 19 -1.44 1.44 13.82
C THR A 19 -0.48 1.51 12.64
N GLU A 20 -0.24 2.73 12.19
CA GLU A 20 0.63 3.02 11.07
C GLU A 20 2.06 2.61 11.39
N ALA A 21 2.41 2.64 12.66
CA ALA A 21 3.74 2.26 13.10
C ALA A 21 4.02 0.79 12.82
N LEU A 22 2.99 -0.04 13.00
CA LEU A 22 3.12 -1.48 12.78
C LEU A 22 3.20 -1.78 11.29
N ILE A 23 2.28 -1.19 10.53
CA ILE A 23 2.25 -1.37 9.08
C ILE A 23 3.60 -1.00 8.46
N LEU A 24 4.11 0.17 8.85
CA LEU A 24 5.39 0.64 8.32
C LEU A 24 6.50 -0.34 8.64
N GLN A 25 6.53 -0.84 9.87
CA GLN A 25 7.58 -1.77 10.29
C GLN A 25 7.58 -3.02 9.42
N LEU A 26 6.38 -3.51 9.10
CA LEU A 26 6.22 -4.71 8.30
C LEU A 26 6.84 -4.52 6.91
N PHE A 27 6.63 -3.36 6.32
CA PHE A 27 7.16 -3.07 5.00
C PHE A 27 8.66 -2.77 5.04
N SER A 28 9.11 -2.12 6.11
CA SER A 28 10.53 -1.83 6.30
C SER A 28 11.32 -3.13 6.50
N GLN A 29 10.61 -4.20 6.82
CA GLN A 29 11.21 -5.52 6.96
C GLN A 29 11.47 -6.14 5.59
N ILE A 30 10.85 -5.56 4.56
CA ILE A 30 11.00 -6.06 3.21
C ILE A 30 11.90 -5.16 2.39
N GLY A 31 11.61 -3.86 2.37
CA GLY A 31 12.40 -2.94 1.58
C GLY A 31 12.44 -1.55 2.19
N PRO A 32 13.30 -0.67 1.66
CA PRO A 32 13.38 0.72 2.10
C PRO A 32 12.14 1.51 1.69
N CYS A 33 11.30 1.84 2.65
CA CYS A 33 10.09 2.60 2.39
C CYS A 33 10.42 4.06 2.13
N LYS A 34 9.77 4.62 1.11
CA LYS A 34 9.99 6.01 0.72
C LYS A 34 8.91 6.91 1.28
N ASN A 35 7.67 6.46 1.17
CA ASN A 35 6.52 7.25 1.57
C ASN A 35 5.41 6.35 2.09
N CYS A 36 4.57 6.88 2.95
CA CYS A 36 3.50 6.10 3.55
C CYS A 36 2.34 6.99 3.97
N LYS A 37 1.18 6.74 3.40
CA LYS A 37 -0.02 7.49 3.75
C LYS A 37 -1.18 6.58 4.08
N MET A 38 -1.53 6.53 5.35
CA MET A 38 -2.68 5.79 5.80
C MET A 38 -3.91 6.68 5.71
N ILE A 39 -4.77 6.38 4.75
CA ILE A 39 -5.92 7.23 4.49
C ILE A 39 -6.98 7.05 5.56
N MET A 40 -6.93 7.93 6.56
CA MET A 40 -7.93 7.97 7.61
C MET A 40 -9.24 8.51 7.09
N ASP A 41 -10.14 7.60 6.77
CA ASP A 41 -11.43 7.97 6.20
C ASP A 41 -12.36 8.53 7.25
N THR A 42 -13.11 9.50 6.81
CA THR A 42 -14.01 10.25 7.65
C THR A 42 -15.46 9.81 7.49
N ALA A 43 -15.79 9.22 6.34
CA ALA A 43 -17.18 9.03 5.95
C ALA A 43 -17.73 7.65 6.30
N GLY A 44 -16.85 6.69 6.51
CA GLY A 44 -17.30 5.35 6.83
C GLY A 44 -17.06 4.38 5.68
N ASN A 45 -15.91 4.51 5.05
CA ASN A 45 -15.55 3.68 3.91
C ASN A 45 -14.57 2.60 4.34
N ASP A 46 -14.01 1.90 3.37
CA ASP A 46 -12.94 0.93 3.64
C ASP A 46 -11.60 1.65 3.66
N PRO A 47 -10.93 1.68 4.82
CA PRO A 47 -9.65 2.37 4.98
C PRO A 47 -8.52 1.65 4.23
N TYR A 48 -7.66 2.44 3.60
CA TYR A 48 -6.56 1.90 2.84
C TYR A 48 -5.30 2.74 3.06
N CYS A 49 -4.16 2.20 2.68
CA CYS A 49 -2.89 2.86 2.91
C CYS A 49 -2.03 2.82 1.65
N PHE A 50 -1.35 3.93 1.38
CA PHE A 50 -0.42 4.02 0.26
C PHE A 50 1.01 3.93 0.77
N VAL A 51 1.66 2.81 0.51
CA VAL A 51 3.05 2.65 0.90
C VAL A 51 3.95 2.57 -0.33
N GLU A 52 4.92 3.47 -0.39
CA GLU A 52 5.83 3.53 -1.53
C GLU A 52 7.22 3.05 -1.10
N PHE A 53 7.84 2.25 -1.95
CA PHE A 53 9.19 1.77 -1.70
C PHE A 53 10.20 2.47 -2.59
N HIS A 54 11.46 2.44 -2.17
CA HIS A 54 12.55 2.97 -3.00
C HIS A 54 12.94 1.96 -4.05
N GLU A 55 12.43 0.75 -3.90
CA GLU A 55 12.89 -0.36 -4.68
C GLU A 55 11.73 -1.25 -5.11
N HIS A 56 11.42 -1.22 -6.41
CA HIS A 56 10.30 -1.97 -6.96
C HIS A 56 10.50 -3.48 -6.82
N ARG A 57 11.74 -3.92 -6.92
CA ARG A 57 12.06 -5.35 -6.83
C ARG A 57 11.83 -5.86 -5.41
N HIS A 58 11.94 -4.95 -4.45
CA HIS A 58 11.68 -5.28 -3.05
C HIS A 58 10.19 -5.21 -2.75
N ALA A 59 9.52 -4.26 -3.40
CA ALA A 59 8.08 -4.06 -3.24
C ALA A 59 7.31 -5.32 -3.62
N ALA A 60 7.81 -6.02 -4.62
CA ALA A 60 7.20 -7.26 -5.10
C ALA A 60 7.14 -8.32 -4.00
N ALA A 61 8.15 -8.33 -3.14
CA ALA A 61 8.21 -9.29 -2.05
C ALA A 61 7.23 -8.89 -0.96
N ALA A 62 7.08 -7.59 -0.76
CA ALA A 62 6.17 -7.06 0.23
C ALA A 62 4.72 -7.38 -0.12
N LEU A 63 4.44 -7.37 -1.42
CA LEU A 63 3.10 -7.67 -1.91
C LEU A 63 2.64 -9.02 -1.39
N ALA A 64 3.36 -10.08 -1.74
CA ALA A 64 2.97 -11.44 -1.40
C ALA A 64 3.04 -11.70 0.11
N ALA A 65 3.95 -11.00 0.77
CA ALA A 65 4.18 -11.21 2.21
C ALA A 65 3.10 -10.54 3.06
N MET A 66 2.45 -9.52 2.50
CA MET A 66 1.47 -8.75 3.28
C MET A 66 0.05 -8.93 2.72
N ASN A 67 -0.08 -9.27 1.45
CA ASN A 67 -1.39 -9.46 0.86
C ASN A 67 -2.10 -10.66 1.47
N GLY A 68 -3.30 -10.42 1.99
CA GLY A 68 -4.07 -11.49 2.59
C GLY A 68 -3.64 -11.77 4.01
N ARG A 69 -2.81 -10.89 4.55
CA ARG A 69 -2.29 -11.05 5.90
C ARG A 69 -3.33 -10.59 6.91
N LYS A 70 -3.51 -11.38 7.95
CA LYS A 70 -4.47 -11.03 8.98
C LYS A 70 -3.79 -10.19 10.05
N ILE A 71 -4.28 -8.97 10.22
CA ILE A 71 -3.69 -8.04 11.18
C ILE A 71 -4.77 -7.51 12.11
N MET A 72 -4.53 -7.66 13.42
CA MET A 72 -5.48 -7.24 14.46
C MET A 72 -6.75 -8.08 14.41
N GLY A 73 -7.62 -7.79 13.46
CA GLY A 73 -8.84 -8.54 13.30
C GLY A 73 -9.41 -8.44 11.90
N LYS A 74 -8.54 -8.12 10.95
CA LYS A 74 -8.96 -7.96 9.56
C LYS A 74 -7.94 -8.57 8.60
N GLU A 75 -8.41 -8.94 7.42
CA GLU A 75 -7.57 -9.49 6.39
C GLU A 75 -7.24 -8.42 5.36
N VAL A 76 -5.98 -7.98 5.34
CA VAL A 76 -5.58 -6.87 4.49
C VAL A 76 -5.37 -7.32 3.05
N LYS A 77 -5.34 -6.36 2.13
CA LYS A 77 -5.14 -6.65 0.73
C LYS A 77 -4.15 -5.69 0.10
N VAL A 78 -3.04 -6.23 -0.38
CA VAL A 78 -1.99 -5.43 -0.99
C VAL A 78 -2.07 -5.54 -2.50
N ASN A 79 -2.44 -4.45 -3.15
CA ASN A 79 -2.56 -4.42 -4.59
C ASN A 79 -1.51 -3.49 -5.18
N TRP A 80 -1.32 -3.56 -6.48
CA TRP A 80 -0.40 -2.66 -7.17
C TRP A 80 -1.08 -1.35 -7.49
N ALA A 81 -0.60 -0.27 -6.90
CA ALA A 81 -1.10 1.07 -7.21
C ALA A 81 -0.13 1.75 -8.16
N THR A 82 -0.52 1.82 -9.43
CA THR A 82 0.35 2.35 -10.47
C THR A 82 0.86 3.72 -10.11
N THR A 83 2.16 3.92 -10.23
CA THR A 83 2.76 5.19 -9.90
C THR A 83 3.06 5.98 -11.16
N PRO A 84 2.29 7.04 -11.44
CA PRO A 84 2.49 7.88 -12.61
C PRO A 84 3.64 8.86 -12.41
N SER A 85 4.60 8.82 -13.31
CA SER A 85 5.72 9.75 -13.29
C SER A 85 5.24 11.12 -13.75
N SER A 86 4.19 11.12 -14.55
CA SER A 86 3.58 12.33 -15.05
C SER A 86 2.25 11.98 -15.69
N GLN A 87 1.51 13.00 -16.13
CA GLN A 87 0.22 12.82 -16.81
C GLN A 87 -0.82 12.14 -15.92
N LYS A 88 -1.57 12.92 -15.18
CA LYS A 88 -2.70 12.39 -14.44
C LYS A 88 -4.00 12.94 -15.03
N LYS A 89 -4.85 12.06 -15.50
CA LYS A 89 -6.10 12.47 -16.14
C LYS A 89 -7.24 12.36 -15.14
N ASP A 90 -6.96 11.69 -14.03
CA ASP A 90 -7.90 11.60 -12.93
C ASP A 90 -7.97 12.94 -12.22
N THR A 91 -9.19 13.41 -12.01
CA THR A 91 -9.43 14.76 -11.50
C THR A 91 -8.93 14.90 -10.06
N SER A 92 -8.99 13.82 -9.30
CA SER A 92 -8.45 13.80 -7.95
C SER A 92 -7.03 13.24 -7.96
N MET A 1 3.53 5.10 -18.53
CA MET A 1 4.28 3.81 -18.40
C MET A 1 4.38 3.40 -16.94
N GLU A 2 4.30 4.39 -16.06
CA GLU A 2 4.25 4.16 -14.62
C GLU A 2 3.01 3.35 -14.27
N ASP A 3 2.05 3.42 -15.19
CA ASP A 3 0.78 2.72 -15.08
C ASP A 3 1.00 1.20 -15.12
N GLU A 4 2.14 0.79 -15.65
CA GLU A 4 2.48 -0.62 -15.74
C GLU A 4 3.37 -1.04 -14.58
N MET A 5 4.34 -0.18 -14.25
CA MET A 5 5.29 -0.47 -13.18
C MET A 5 5.28 0.65 -12.14
N PRO A 6 4.33 0.56 -11.19
CA PRO A 6 4.08 1.64 -10.22
C PRO A 6 5.09 1.72 -9.08
N LYS A 7 5.44 0.56 -8.51
CA LYS A 7 6.33 0.46 -7.34
C LYS A 7 5.58 0.77 -6.04
N THR A 8 4.52 1.57 -6.15
CA THR A 8 3.69 1.91 -5.01
C THR A 8 2.72 0.77 -4.68
N LEU A 9 2.56 0.48 -3.40
CA LEU A 9 1.63 -0.57 -2.98
C LEU A 9 0.37 0.05 -2.38
N TYR A 10 -0.76 -0.54 -2.73
CA TYR A 10 -2.06 -0.11 -2.23
C TYR A 10 -2.56 -1.08 -1.19
N VAL A 11 -2.42 -0.71 0.08
CA VAL A 11 -2.85 -1.57 1.16
C VAL A 11 -4.20 -1.12 1.71
N GLY A 12 -5.21 -1.94 1.51
CA GLY A 12 -6.54 -1.61 1.95
C GLY A 12 -7.01 -2.47 3.09
N ASN A 13 -8.22 -2.19 3.55
CA ASN A 13 -8.83 -2.90 4.68
C ASN A 13 -8.11 -2.59 5.99
N LEU A 14 -7.86 -1.32 6.22
CA LEU A 14 -7.26 -0.88 7.47
C LEU A 14 -8.33 -0.72 8.54
N SER A 15 -7.96 -0.94 9.78
CA SER A 15 -8.87 -0.77 10.90
C SER A 15 -8.29 0.20 11.91
N ARG A 16 -9.10 0.59 12.88
CA ARG A 16 -8.63 1.42 13.98
C ARG A 16 -7.74 0.59 14.90
N ASP A 17 -7.77 -0.72 14.69
CA ASP A 17 -6.92 -1.65 15.41
C ASP A 17 -5.53 -1.68 14.78
N VAL A 18 -5.42 -1.13 13.57
CA VAL A 18 -4.16 -1.12 12.84
C VAL A 18 -3.40 0.16 13.12
N THR A 19 -2.18 0.03 13.62
CA THR A 19 -1.37 1.17 13.96
C THR A 19 -0.32 1.45 12.88
N GLU A 20 -0.04 2.73 12.65
CA GLU A 20 0.93 3.18 11.65
C GLU A 20 2.28 2.52 11.89
N ALA A 21 2.67 2.43 13.16
CA ALA A 21 3.97 1.88 13.54
C ALA A 21 4.12 0.44 13.06
N LEU A 22 3.01 -0.28 12.99
CA LEU A 22 3.02 -1.68 12.57
C LEU A 22 3.20 -1.78 11.06
N ILE A 23 2.38 -1.03 10.33
CA ILE A 23 2.45 -1.02 8.86
C ILE A 23 3.84 -0.62 8.38
N LEU A 24 4.34 0.48 8.92
CA LEU A 24 5.68 0.97 8.59
C LEU A 24 6.73 -0.12 8.80
N GLN A 25 6.67 -0.74 9.97
CA GLN A 25 7.66 -1.75 10.33
C GLN A 25 7.62 -2.96 9.41
N LEU A 26 6.42 -3.41 9.07
CA LEU A 26 6.24 -4.58 8.23
C LEU A 26 6.90 -4.40 6.87
N PHE A 27 6.62 -3.26 6.23
CA PHE A 27 7.16 -3.00 4.90
C PHE A 27 8.63 -2.64 4.94
N SER A 28 9.07 -2.02 6.04
CA SER A 28 10.48 -1.68 6.23
C SER A 28 11.33 -2.94 6.29
N GLN A 29 10.73 -4.02 6.78
CA GLN A 29 11.41 -5.30 6.90
C GLN A 29 11.73 -5.86 5.51
N ILE A 30 10.87 -5.58 4.55
CA ILE A 30 11.05 -6.10 3.20
C ILE A 30 11.96 -5.19 2.39
N GLY A 31 11.63 -3.90 2.34
CA GLY A 31 12.40 -2.97 1.55
C GLY A 31 12.45 -1.58 2.16
N PRO A 32 13.31 -0.70 1.63
CA PRO A 32 13.41 0.68 2.08
C PRO A 32 12.21 1.50 1.61
N CYS A 33 11.39 1.92 2.55
CA CYS A 33 10.21 2.71 2.25
C CYS A 33 10.58 4.17 2.01
N LYS A 34 10.14 4.69 0.87
CA LYS A 34 10.43 6.05 0.47
C LYS A 34 9.48 7.01 1.15
N ASN A 35 8.25 6.56 1.34
CA ASN A 35 7.21 7.35 1.99
C ASN A 35 5.99 6.48 2.23
N CYS A 36 5.28 6.75 3.30
CA CYS A 36 4.07 6.02 3.63
C CYS A 36 3.00 6.98 4.08
N LYS A 37 1.80 6.83 3.54
CA LYS A 37 0.71 7.75 3.85
C LYS A 37 -0.55 6.98 4.21
N MET A 38 -1.32 7.54 5.11
CA MET A 38 -2.54 6.89 5.59
C MET A 38 -3.75 7.65 5.08
N ILE A 39 -4.66 6.96 4.42
CA ILE A 39 -5.86 7.58 3.89
C ILE A 39 -7.09 6.97 4.55
N MET A 40 -7.67 7.70 5.49
CA MET A 40 -8.89 7.28 6.13
C MET A 40 -10.03 8.19 5.72
N ASP A 41 -11.08 7.59 5.18
CA ASP A 41 -12.23 8.36 4.73
C ASP A 41 -13.19 8.66 5.89
N THR A 42 -14.39 9.07 5.56
CA THR A 42 -15.39 9.51 6.54
C THR A 42 -15.93 8.38 7.42
N ALA A 43 -15.33 7.19 7.30
CA ALA A 43 -15.76 5.99 8.02
C ALA A 43 -16.98 5.37 7.34
N GLY A 44 -17.05 4.04 7.37
CA GLY A 44 -18.07 3.34 6.60
C GLY A 44 -17.53 2.94 5.26
N ASN A 45 -16.47 3.63 4.86
CA ASN A 45 -15.74 3.32 3.65
C ASN A 45 -14.36 2.78 4.03
N ASP A 46 -13.81 1.92 3.19
CA ASP A 46 -12.58 1.20 3.52
C ASP A 46 -11.36 2.10 3.52
N PRO A 47 -10.68 2.20 4.67
CA PRO A 47 -9.42 2.95 4.80
C PRO A 47 -8.25 2.20 4.19
N TYR A 48 -7.30 2.94 3.63
CA TYR A 48 -6.16 2.33 2.95
C TYR A 48 -4.89 3.16 3.15
N CYS A 49 -3.75 2.52 2.92
CA CYS A 49 -2.45 3.14 3.11
C CYS A 49 -1.63 3.07 1.84
N PHE A 50 -0.94 4.16 1.52
CA PHE A 50 -0.07 4.20 0.36
C PHE A 50 1.39 4.09 0.79
N VAL A 51 2.01 2.98 0.44
CA VAL A 51 3.40 2.76 0.80
C VAL A 51 4.31 2.81 -0.44
N GLU A 52 5.21 3.78 -0.43
CA GLU A 52 6.19 3.95 -1.49
C GLU A 52 7.51 3.30 -1.08
N PHE A 53 8.14 2.61 -2.02
CA PHE A 53 9.44 2.02 -1.77
C PHE A 53 10.50 2.69 -2.64
N HIS A 54 11.76 2.42 -2.34
CA HIS A 54 12.83 2.89 -3.21
C HIS A 54 13.07 1.88 -4.31
N GLU A 55 12.96 0.61 -3.96
CA GLU A 55 13.17 -0.48 -4.90
C GLU A 55 11.84 -1.09 -5.33
N HIS A 56 11.70 -1.35 -6.62
CA HIS A 56 10.48 -1.93 -7.17
C HIS A 56 10.42 -3.43 -6.88
N ARG A 57 11.58 -4.07 -6.79
CA ARG A 57 11.65 -5.51 -6.58
C ARG A 57 11.16 -5.89 -5.18
N HIS A 58 11.53 -5.09 -4.19
CA HIS A 58 11.17 -5.41 -2.80
C HIS A 58 9.69 -5.15 -2.57
N ALA A 59 9.11 -4.37 -3.47
CA ALA A 59 7.68 -4.10 -3.45
C ALA A 59 6.90 -5.38 -3.72
N ALA A 60 7.45 -6.23 -4.58
CA ALA A 60 6.84 -7.49 -4.93
C ALA A 60 6.91 -8.48 -3.78
N ALA A 61 8.05 -8.50 -3.11
CA ALA A 61 8.24 -9.38 -1.96
C ALA A 61 7.34 -8.97 -0.81
N ALA A 62 7.18 -7.65 -0.64
CA ALA A 62 6.30 -7.12 0.38
C ALA A 62 4.86 -7.47 0.10
N LEU A 63 4.51 -7.44 -1.18
CA LEU A 63 3.17 -7.79 -1.63
C LEU A 63 2.78 -9.17 -1.11
N ALA A 64 3.55 -10.17 -1.53
CA ALA A 64 3.22 -11.57 -1.27
C ALA A 64 3.33 -11.94 0.21
N ALA A 65 4.11 -11.16 0.96
CA ALA A 65 4.35 -11.47 2.36
C ALA A 65 3.34 -10.80 3.28
N MET A 66 2.62 -9.82 2.76
CA MET A 66 1.73 -9.02 3.59
C MET A 66 0.27 -9.26 3.21
N ASN A 67 -0.01 -9.46 1.93
CA ASN A 67 -1.40 -9.59 1.48
C ASN A 67 -2.02 -10.91 1.94
N GLY A 68 -3.31 -10.87 2.22
CA GLY A 68 -4.03 -12.06 2.65
C GLY A 68 -3.74 -12.41 4.09
N ARG A 69 -3.06 -11.51 4.77
CA ARG A 69 -2.65 -11.74 6.15
C ARG A 69 -3.69 -11.13 7.09
N LYS A 70 -4.10 -11.88 8.09
CA LYS A 70 -5.09 -11.39 9.03
C LYS A 70 -4.40 -10.73 10.21
N ILE A 71 -4.65 -9.45 10.39
CA ILE A 71 -4.00 -8.69 11.45
C ILE A 71 -5.04 -7.98 12.30
N MET A 72 -4.97 -8.20 13.62
CA MET A 72 -5.86 -7.57 14.61
C MET A 72 -7.27 -8.16 14.55
N GLY A 73 -7.82 -8.21 13.35
CA GLY A 73 -9.12 -8.78 13.13
C GLY A 73 -9.66 -8.44 11.75
N LYS A 74 -8.74 -8.21 10.83
CA LYS A 74 -9.11 -7.79 9.49
C LYS A 74 -8.20 -8.44 8.46
N GLU A 75 -8.78 -8.87 7.35
CA GLU A 75 -8.01 -9.42 6.25
C GLU A 75 -7.48 -8.29 5.39
N VAL A 76 -6.16 -8.07 5.43
CA VAL A 76 -5.55 -6.95 4.74
C VAL A 76 -5.45 -7.18 3.24
N LYS A 77 -5.28 -6.09 2.50
CA LYS A 77 -5.16 -6.16 1.05
C LYS A 77 -3.91 -5.41 0.60
N VAL A 78 -3.13 -6.03 -0.27
CA VAL A 78 -1.96 -5.39 -0.82
C VAL A 78 -2.00 -5.52 -2.34
N ASN A 79 -2.35 -4.44 -3.01
CA ASN A 79 -2.43 -4.42 -4.46
C ASN A 79 -1.44 -3.41 -5.01
N TRP A 80 -1.35 -3.32 -6.33
CA TRP A 80 -0.42 -2.38 -6.96
C TRP A 80 -1.08 -1.03 -7.19
N ALA A 81 -0.57 -0.01 -6.51
CA ALA A 81 -1.10 1.34 -6.63
C ALA A 81 -0.43 2.06 -7.77
N THR A 82 -1.11 2.13 -8.89
CA THR A 82 -0.57 2.75 -10.08
C THR A 82 -0.84 4.24 -10.11
N THR A 83 -0.70 4.83 -11.29
CA THR A 83 -0.95 6.23 -11.52
C THR A 83 -2.40 6.59 -11.18
N PRO A 84 -2.63 7.81 -10.68
CA PRO A 84 -3.98 8.29 -10.36
C PRO A 84 -4.86 8.39 -11.61
N SER A 85 -6.07 7.83 -11.51
CA SER A 85 -7.03 7.84 -12.60
C SER A 85 -6.51 7.07 -13.81
N SER A 86 -6.00 5.85 -13.58
CA SER A 86 -5.53 5.00 -14.65
C SER A 86 -6.50 3.84 -14.88
N GLN A 87 -6.58 2.94 -13.91
CA GLN A 87 -7.47 1.79 -14.00
C GLN A 87 -8.83 2.11 -13.40
N LYS A 88 -9.17 3.39 -13.39
CA LYS A 88 -10.45 3.85 -12.86
C LYS A 88 -11.59 3.43 -13.78
N LYS A 89 -12.56 2.73 -13.21
CA LYS A 89 -13.69 2.22 -13.96
C LYS A 89 -14.99 2.79 -13.45
N ASP A 90 -15.00 4.10 -13.22
CA ASP A 90 -16.21 4.80 -12.80
C ASP A 90 -17.07 5.07 -14.03
N THR A 91 -18.10 4.26 -14.20
CA THR A 91 -18.96 4.34 -15.37
C THR A 91 -19.85 5.58 -15.33
N SER A 92 -19.37 6.65 -15.94
CA SER A 92 -20.12 7.90 -16.02
C SER A 92 -19.65 8.68 -17.24
N MET A 1 3.74 2.49 -18.94
CA MET A 1 4.75 3.44 -18.41
C MET A 1 4.90 3.29 -16.89
N GLU A 2 4.24 4.16 -16.13
CA GLU A 2 4.31 4.13 -14.67
C GLU A 2 3.48 2.96 -14.13
N ASP A 3 2.47 2.59 -14.91
CA ASP A 3 1.57 1.50 -14.54
C ASP A 3 2.29 0.16 -14.49
N GLU A 4 3.40 0.07 -15.19
CA GLU A 4 4.16 -1.17 -15.26
C GLU A 4 5.14 -1.26 -14.10
N MET A 5 5.48 -0.11 -13.54
CA MET A 5 6.32 -0.06 -12.35
C MET A 5 5.58 0.66 -11.24
N PRO A 6 4.57 0.00 -10.64
CA PRO A 6 3.67 0.61 -9.65
C PRO A 6 4.43 1.29 -8.51
N LYS A 7 5.32 0.52 -7.87
CA LYS A 7 6.18 1.03 -6.79
C LYS A 7 5.39 1.25 -5.50
N THR A 8 4.23 1.87 -5.62
CA THR A 8 3.35 2.13 -4.49
C THR A 8 2.44 0.92 -4.24
N LEU A 9 2.37 0.48 -3.00
CA LEU A 9 1.50 -0.63 -2.64
C LEU A 9 0.18 -0.11 -2.06
N TYR A 10 -0.91 -0.63 -2.59
CA TYR A 10 -2.25 -0.27 -2.14
C TYR A 10 -2.77 -1.33 -1.19
N VAL A 11 -2.77 -1.04 0.10
CA VAL A 11 -3.23 -2.00 1.08
C VAL A 11 -4.42 -1.46 1.86
N GLY A 12 -5.55 -2.15 1.76
CA GLY A 12 -6.72 -1.73 2.50
C GLY A 12 -7.07 -2.70 3.59
N ASN A 13 -7.13 -2.21 4.83
CA ASN A 13 -7.37 -3.06 5.99
C ASN A 13 -7.29 -2.27 7.30
N LEU A 14 -7.13 -0.96 7.19
CA LEU A 14 -6.86 -0.14 8.37
C LEU A 14 -8.05 -0.13 9.32
N SER A 15 -7.74 -0.14 10.60
CA SER A 15 -8.75 -0.11 11.64
C SER A 15 -8.42 1.00 12.63
N ARG A 16 -9.23 1.16 13.66
CA ARG A 16 -8.93 2.12 14.72
C ARG A 16 -7.77 1.62 15.60
N ASP A 17 -7.43 0.34 15.43
CA ASP A 17 -6.37 -0.27 16.22
C ASP A 17 -5.03 -0.14 15.49
N VAL A 18 -5.07 -0.27 14.18
CA VAL A 18 -3.86 -0.21 13.37
C VAL A 18 -3.16 1.15 13.50
N THR A 19 -1.84 1.11 13.60
CA THR A 19 -1.05 2.32 13.77
C THR A 19 -0.05 2.48 12.62
N GLU A 20 0.35 3.71 12.33
CA GLU A 20 1.31 3.98 11.28
C GLU A 20 2.61 3.21 11.51
N ALA A 21 3.07 3.22 12.75
CA ALA A 21 4.33 2.57 13.12
C ALA A 21 4.29 1.06 12.89
N LEU A 22 3.09 0.50 12.79
CA LEU A 22 2.93 -0.92 12.55
C LEU A 22 3.06 -1.22 11.05
N ILE A 23 2.28 -0.51 10.25
CA ILE A 23 2.25 -0.73 8.81
C ILE A 23 3.63 -0.47 8.19
N LEU A 24 4.18 0.70 8.46
CA LEU A 24 5.48 1.07 7.89
C LEU A 24 6.57 0.10 8.35
N GLN A 25 6.43 -0.42 9.55
CA GLN A 25 7.41 -1.34 10.11
C GLN A 25 7.38 -2.68 9.39
N LEU A 26 6.18 -3.19 9.17
CA LEU A 26 5.99 -4.49 8.52
C LEU A 26 6.53 -4.45 7.09
N PHE A 27 6.33 -3.33 6.42
CA PHE A 27 6.81 -3.17 5.06
C PHE A 27 8.28 -2.79 5.04
N SER A 28 8.75 -2.11 6.08
CA SER A 28 10.16 -1.77 6.23
C SER A 28 10.98 -3.05 6.41
N GLN A 29 10.31 -4.10 6.89
CA GLN A 29 10.93 -5.40 7.00
C GLN A 29 11.35 -5.91 5.62
N ILE A 30 10.60 -5.52 4.60
CA ILE A 30 10.86 -5.96 3.24
C ILE A 30 11.77 -4.97 2.52
N GLY A 31 11.39 -3.70 2.52
CA GLY A 31 12.16 -2.71 1.80
C GLY A 31 12.16 -1.35 2.46
N PRO A 32 13.14 -0.50 2.14
CA PRO A 32 13.23 0.87 2.68
C PRO A 32 12.15 1.77 2.07
N CYS A 33 11.43 2.46 2.93
CA CYS A 33 10.30 3.28 2.50
C CYS A 33 10.77 4.67 2.06
N LYS A 34 10.26 5.12 0.91
CA LYS A 34 10.57 6.44 0.39
C LYS A 34 9.56 7.44 0.94
N ASN A 35 8.30 7.05 0.92
CA ASN A 35 7.23 7.84 1.48
C ASN A 35 6.01 6.96 1.68
N CYS A 36 5.25 7.24 2.71
CA CYS A 36 4.08 6.44 3.03
C CYS A 36 2.90 7.32 3.38
N LYS A 37 1.75 6.95 2.88
CA LYS A 37 0.52 7.69 3.12
C LYS A 37 -0.51 6.75 3.72
N MET A 38 -1.36 7.27 4.57
CA MET A 38 -2.43 6.48 5.14
C MET A 38 -3.75 7.23 5.04
N ILE A 39 -4.61 6.77 4.15
CA ILE A 39 -5.87 7.43 3.90
C ILE A 39 -6.87 7.06 4.98
N MET A 40 -6.81 7.80 6.08
CA MET A 40 -7.73 7.59 7.19
C MET A 40 -9.05 8.25 6.87
N ASP A 41 -9.86 7.55 6.13
CA ASP A 41 -11.16 8.05 5.72
C ASP A 41 -12.25 7.30 6.45
N THR A 42 -13.16 8.05 7.03
CA THR A 42 -14.16 7.50 7.92
C THR A 42 -15.51 7.31 7.22
N ALA A 43 -15.54 7.52 5.92
CA ALA A 43 -16.77 7.44 5.15
C ALA A 43 -17.22 5.99 4.92
N GLY A 44 -17.43 5.26 6.02
CA GLY A 44 -17.97 3.93 5.94
C GLY A 44 -16.94 2.87 5.56
N ASN A 45 -16.36 3.05 4.39
CA ASN A 45 -15.44 2.05 3.83
C ASN A 45 -14.15 1.99 4.65
N ASP A 46 -13.47 0.86 4.57
CA ASP A 46 -12.25 0.62 5.33
C ASP A 46 -11.10 1.45 4.77
N PRO A 47 -10.38 2.15 5.65
CA PRO A 47 -9.23 2.98 5.25
C PRO A 47 -8.12 2.14 4.63
N TYR A 48 -7.38 2.76 3.70
CA TYR A 48 -6.32 2.09 3.00
C TYR A 48 -5.03 2.89 3.07
N CYS A 49 -3.90 2.21 2.93
CA CYS A 49 -2.60 2.83 3.09
C CYS A 49 -1.78 2.70 1.80
N PHE A 50 -1.06 3.76 1.47
CA PHE A 50 -0.14 3.77 0.34
C PHE A 50 1.30 3.73 0.82
N VAL A 51 1.95 2.60 0.68
CA VAL A 51 3.36 2.49 1.04
C VAL A 51 4.21 2.40 -0.22
N GLU A 52 5.14 3.35 -0.36
CA GLU A 52 5.99 3.39 -1.54
C GLU A 52 7.45 3.26 -1.12
N PHE A 53 8.13 2.27 -1.67
CA PHE A 53 9.51 2.00 -1.31
C PHE A 53 10.46 2.68 -2.28
N HIS A 54 11.74 2.63 -1.95
CA HIS A 54 12.78 3.10 -2.85
C HIS A 54 12.97 2.11 -3.98
N GLU A 55 12.78 0.85 -3.63
CA GLU A 55 13.18 -0.24 -4.47
C GLU A 55 11.98 -1.07 -4.90
N HIS A 56 11.77 -1.15 -6.21
CA HIS A 56 10.60 -1.78 -6.81
C HIS A 56 10.60 -3.30 -6.62
N ARG A 57 11.78 -3.91 -6.65
CA ARG A 57 11.89 -5.37 -6.59
C ARG A 57 11.50 -5.88 -5.20
N HIS A 58 11.61 -5.02 -4.21
CA HIS A 58 11.23 -5.36 -2.85
C HIS A 58 9.72 -5.20 -2.67
N ALA A 59 9.15 -4.25 -3.42
CA ALA A 59 7.72 -4.01 -3.38
C ALA A 59 6.95 -5.25 -3.85
N ALA A 60 7.57 -5.98 -4.76
CA ALA A 60 7.00 -7.21 -5.27
C ALA A 60 6.83 -8.24 -4.15
N ALA A 61 7.90 -8.45 -3.39
CA ALA A 61 7.89 -9.39 -2.29
C ALA A 61 6.93 -8.93 -1.18
N ALA A 62 6.91 -7.62 -0.94
CA ALA A 62 6.04 -7.03 0.05
C ALA A 62 4.58 -7.35 -0.24
N LEU A 63 4.18 -7.16 -1.49
CA LEU A 63 2.81 -7.43 -1.92
C LEU A 63 2.51 -8.93 -1.81
N ALA A 64 3.40 -9.75 -2.37
CA ALA A 64 3.19 -11.18 -2.44
C ALA A 64 3.04 -11.81 -1.05
N ALA A 65 3.82 -11.33 -0.10
CA ALA A 65 3.82 -11.89 1.25
C ALA A 65 2.65 -11.37 2.08
N MET A 66 2.33 -10.08 1.93
CA MET A 66 1.33 -9.45 2.79
C MET A 66 -0.09 -9.63 2.27
N ASN A 67 -0.26 -9.80 0.96
CA ASN A 67 -1.60 -9.90 0.38
C ASN A 67 -2.32 -11.14 0.88
N GLY A 68 -3.50 -10.95 1.47
CA GLY A 68 -4.29 -12.07 1.95
C GLY A 68 -3.97 -12.45 3.37
N ARG A 69 -3.18 -11.63 4.04
CA ARG A 69 -2.76 -11.90 5.41
C ARG A 69 -3.84 -11.44 6.39
N LYS A 70 -3.96 -12.13 7.51
CA LYS A 70 -4.98 -11.80 8.50
C LYS A 70 -4.37 -11.02 9.65
N ILE A 71 -4.84 -9.79 9.85
CA ILE A 71 -4.33 -8.92 10.89
C ILE A 71 -5.49 -8.22 11.61
N MET A 72 -5.52 -8.34 12.94
CA MET A 72 -6.58 -7.77 13.76
C MET A 72 -7.94 -8.37 13.43
N GLY A 73 -7.93 -9.59 12.91
CA GLY A 73 -9.16 -10.22 12.46
C GLY A 73 -9.60 -9.70 11.11
N LYS A 74 -8.82 -8.79 10.56
CA LYS A 74 -9.12 -8.15 9.29
C LYS A 74 -8.30 -8.79 8.17
N GLU A 75 -8.95 -9.05 7.04
CA GLU A 75 -8.26 -9.56 5.88
C GLU A 75 -7.66 -8.42 5.08
N VAL A 76 -6.34 -8.36 5.06
CA VAL A 76 -5.64 -7.30 4.37
C VAL A 76 -5.51 -7.62 2.88
N LYS A 77 -5.58 -6.59 2.06
CA LYS A 77 -5.44 -6.76 0.62
C LYS A 77 -4.40 -5.81 0.06
N VAL A 78 -3.41 -6.37 -0.60
CA VAL A 78 -2.33 -5.58 -1.18
C VAL A 78 -2.41 -5.64 -2.69
N ASN A 79 -2.70 -4.50 -3.30
CA ASN A 79 -2.79 -4.39 -4.75
C ASN A 79 -1.79 -3.36 -5.25
N TRP A 80 -1.43 -3.46 -6.52
CA TRP A 80 -0.54 -2.50 -7.12
C TRP A 80 -1.29 -1.19 -7.36
N ALA A 81 -0.85 -0.12 -6.71
CA ALA A 81 -1.51 1.16 -6.85
C ALA A 81 -1.10 1.84 -8.15
N THR A 82 -1.87 1.58 -9.19
CA THR A 82 -1.59 2.13 -10.51
C THR A 82 -2.87 2.48 -11.24
N THR A 83 -2.86 3.60 -11.94
CA THR A 83 -3.94 3.95 -12.84
C THR A 83 -3.38 4.07 -14.25
N PRO A 84 -3.66 3.07 -15.11
CA PRO A 84 -3.17 3.05 -16.48
C PRO A 84 -3.54 4.32 -17.25
N SER A 85 -2.57 4.89 -17.94
CA SER A 85 -2.78 6.12 -18.69
C SER A 85 -3.62 5.83 -19.93
N SER A 86 -3.62 4.55 -20.33
CA SER A 86 -4.49 4.09 -21.40
C SER A 86 -5.92 3.96 -20.86
N GLN A 87 -6.55 5.10 -20.64
CA GLN A 87 -7.86 5.14 -20.01
C GLN A 87 -8.94 5.39 -21.06
N LYS A 88 -9.70 4.36 -21.36
CA LYS A 88 -10.79 4.48 -22.32
C LYS A 88 -12.03 5.04 -21.63
N LYS A 89 -12.65 6.02 -22.27
CA LYS A 89 -13.90 6.57 -21.79
C LYS A 89 -15.04 5.63 -22.12
N ASP A 90 -15.33 4.73 -21.19
CA ASP A 90 -16.39 3.75 -21.34
C ASP A 90 -16.08 2.78 -22.49
N THR A 91 -15.40 1.70 -22.17
CA THR A 91 -15.12 0.67 -23.15
C THR A 91 -16.41 -0.07 -23.50
N SER A 92 -17.18 -0.37 -22.45
CA SER A 92 -18.48 -1.04 -22.57
C SER A 92 -18.97 -1.40 -21.18
N MET A 1 4.83 5.20 -18.47
CA MET A 1 6.18 5.02 -17.89
C MET A 1 6.06 4.58 -16.43
N GLU A 2 5.27 5.32 -15.65
CA GLU A 2 5.10 5.02 -14.23
C GLU A 2 4.06 3.91 -14.02
N ASP A 3 3.01 3.91 -14.83
CA ASP A 3 1.89 3.01 -14.66
C ASP A 3 2.31 1.55 -14.86
N GLU A 4 3.23 1.34 -15.79
CA GLU A 4 3.72 -0.01 -16.10
C GLU A 4 4.46 -0.62 -14.92
N MET A 5 4.95 0.23 -14.03
CA MET A 5 5.65 -0.25 -12.84
C MET A 5 5.11 0.48 -11.60
N PRO A 6 3.95 -0.01 -11.10
CA PRO A 6 3.17 0.67 -10.04
C PRO A 6 4.01 1.27 -8.91
N LYS A 7 4.94 0.45 -8.38
CA LYS A 7 5.89 0.89 -7.35
C LYS A 7 5.23 1.04 -5.98
N THR A 8 4.09 1.69 -5.95
CA THR A 8 3.34 1.90 -4.73
C THR A 8 2.38 0.73 -4.47
N LEU A 9 2.27 0.32 -3.22
CA LEU A 9 1.36 -0.75 -2.86
C LEU A 9 0.10 -0.17 -2.25
N TYR A 10 -1.04 -0.67 -2.70
CA TYR A 10 -2.33 -0.24 -2.19
C TYR A 10 -2.81 -1.19 -1.11
N VAL A 11 -2.89 -0.70 0.11
CA VAL A 11 -3.40 -1.50 1.21
C VAL A 11 -4.79 -1.04 1.59
N GLY A 12 -5.75 -1.95 1.51
CA GLY A 12 -7.11 -1.63 1.86
C GLY A 12 -7.54 -2.29 3.14
N ASN A 13 -8.67 -1.86 3.68
CA ASN A 13 -9.24 -2.42 4.91
C ASN A 13 -8.41 -2.02 6.12
N LEU A 14 -8.31 -0.71 6.35
CA LEU A 14 -7.67 -0.24 7.57
C LEU A 14 -8.67 -0.20 8.70
N SER A 15 -8.20 -0.53 9.88
CA SER A 15 -9.03 -0.58 11.06
C SER A 15 -8.49 0.42 12.08
N ARG A 16 -9.32 0.81 13.04
CA ARG A 16 -8.90 1.79 14.05
C ARG A 16 -7.69 1.27 14.81
N ASP A 17 -7.63 -0.05 14.94
CA ASP A 17 -6.59 -0.73 15.70
C ASP A 17 -5.29 -0.88 14.89
N VAL A 18 -5.20 -0.15 13.78
CA VAL A 18 -4.00 -0.21 12.96
C VAL A 18 -3.09 1.00 13.20
N THR A 19 -1.97 0.75 13.86
CA THR A 19 -0.96 1.77 14.04
C THR A 19 -0.06 1.85 12.81
N GLU A 20 0.37 3.07 12.48
CA GLU A 20 1.26 3.30 11.35
C GLU A 20 2.59 2.60 11.57
N ALA A 21 3.00 2.50 12.83
CA ALA A 21 4.28 1.90 13.18
C ALA A 21 4.36 0.45 12.74
N LEU A 22 3.28 -0.29 12.97
CA LEU A 22 3.26 -1.72 12.67
C LEU A 22 3.31 -1.96 11.17
N ILE A 23 2.43 -1.29 10.44
CA ILE A 23 2.35 -1.45 9.00
C ILE A 23 3.69 -1.12 8.33
N LEU A 24 4.27 0.01 8.71
CA LEU A 24 5.54 0.44 8.14
C LEU A 24 6.68 -0.50 8.52
N GLN A 25 6.56 -1.13 9.68
CA GLN A 25 7.55 -2.11 10.11
C GLN A 25 7.52 -3.33 9.20
N LEU A 26 6.31 -3.80 8.92
CA LEU A 26 6.09 -4.94 8.03
C LEU A 26 6.74 -4.73 6.68
N PHE A 27 6.63 -3.53 6.16
CA PHE A 27 7.19 -3.21 4.85
C PHE A 27 8.69 -2.91 4.94
N SER A 28 9.10 -2.25 6.03
CA SER A 28 10.51 -1.91 6.24
C SER A 28 11.35 -3.18 6.39
N GLN A 29 10.72 -4.26 6.86
CA GLN A 29 11.40 -5.53 7.01
C GLN A 29 11.71 -6.13 5.63
N ILE A 30 10.97 -5.68 4.63
CA ILE A 30 11.14 -6.19 3.26
C ILE A 30 12.05 -5.25 2.45
N GLY A 31 11.74 -3.97 2.47
CA GLY A 31 12.52 -3.01 1.70
C GLY A 31 12.45 -1.61 2.28
N PRO A 32 13.35 -0.72 1.84
CA PRO A 32 13.37 0.68 2.28
C PRO A 32 12.14 1.43 1.81
N CYS A 33 11.37 1.93 2.77
CA CYS A 33 10.17 2.67 2.47
C CYS A 33 10.49 4.12 2.11
N LYS A 34 9.74 4.65 1.16
CA LYS A 34 9.92 6.01 0.70
C LYS A 34 9.03 6.97 1.49
N ASN A 35 7.75 6.65 1.53
CA ASN A 35 6.78 7.48 2.23
C ASN A 35 5.49 6.69 2.42
N CYS A 36 4.76 7.01 3.46
CA CYS A 36 3.52 6.32 3.76
C CYS A 36 2.38 7.32 3.94
N LYS A 37 1.32 7.13 3.18
CA LYS A 37 0.13 7.96 3.33
C LYS A 37 -0.97 7.14 3.98
N MET A 38 -1.56 7.71 4.99
CA MET A 38 -2.58 7.04 5.78
C MET A 38 -3.93 7.68 5.52
N ILE A 39 -4.72 7.05 4.67
CA ILE A 39 -6.02 7.58 4.32
C ILE A 39 -7.04 7.09 5.35
N MET A 40 -7.12 7.81 6.46
CA MET A 40 -8.05 7.45 7.51
C MET A 40 -9.28 8.34 7.44
N ASP A 41 -10.19 7.94 6.59
CA ASP A 41 -11.46 8.62 6.42
C ASP A 41 -12.56 7.59 6.41
N THR A 42 -13.37 7.60 7.44
CA THR A 42 -14.37 6.57 7.60
C THR A 42 -15.74 7.07 7.15
N ALA A 43 -15.76 8.31 6.69
CA ALA A 43 -17.00 8.93 6.25
C ALA A 43 -17.19 8.73 4.75
N GLY A 44 -16.08 8.68 4.02
CA GLY A 44 -16.13 8.44 2.60
C GLY A 44 -16.33 6.97 2.28
N ASN A 45 -15.38 6.16 2.68
CA ASN A 45 -15.43 4.72 2.43
C ASN A 45 -14.52 3.98 3.40
N ASP A 46 -14.22 2.72 3.10
CA ASP A 46 -13.30 1.93 3.92
C ASP A 46 -11.87 2.47 3.78
N PRO A 47 -11.27 2.90 4.92
CA PRO A 47 -9.94 3.51 4.94
C PRO A 47 -8.86 2.64 4.31
N TYR A 48 -7.87 3.29 3.70
CA TYR A 48 -6.80 2.58 3.00
C TYR A 48 -5.47 3.33 3.16
N CYS A 49 -4.42 2.78 2.57
CA CYS A 49 -3.07 3.30 2.78
C CYS A 49 -2.23 3.18 1.50
N PHE A 50 -1.30 4.11 1.33
CA PHE A 50 -0.37 4.07 0.20
C PHE A 50 1.06 4.02 0.70
N VAL A 51 1.74 2.90 0.44
CA VAL A 51 3.12 2.75 0.85
C VAL A 51 4.06 2.66 -0.35
N GLU A 52 5.09 3.50 -0.36
CA GLU A 52 6.05 3.53 -1.45
C GLU A 52 7.36 2.90 -1.04
N PHE A 53 7.95 2.13 -1.94
CA PHE A 53 9.28 1.57 -1.72
C PHE A 53 10.30 2.26 -2.61
N HIS A 54 11.55 2.23 -2.20
CA HIS A 54 12.63 2.80 -3.00
C HIS A 54 13.12 1.78 -4.02
N GLU A 55 12.61 0.56 -3.91
CA GLU A 55 12.98 -0.52 -4.81
C GLU A 55 11.73 -1.31 -5.21
N HIS A 56 11.47 -1.38 -6.50
CA HIS A 56 10.32 -2.10 -7.03
C HIS A 56 10.44 -3.59 -6.70
N ARG A 57 11.66 -4.11 -6.67
CA ARG A 57 11.89 -5.52 -6.38
C ARG A 57 11.51 -5.85 -4.93
N HIS A 58 11.76 -4.93 -4.02
CA HIS A 58 11.42 -5.15 -2.62
C HIS A 58 9.94 -4.91 -2.40
N ALA A 59 9.36 -4.06 -3.23
CA ALA A 59 7.92 -3.83 -3.21
C ALA A 59 7.19 -5.11 -3.62
N ALA A 60 7.77 -5.82 -4.58
CA ALA A 60 7.21 -7.08 -5.07
C ALA A 60 7.21 -8.14 -3.99
N ALA A 61 8.30 -8.20 -3.24
CA ALA A 61 8.45 -9.18 -2.16
C ALA A 61 7.45 -8.89 -1.04
N ALA A 62 7.22 -7.61 -0.77
CA ALA A 62 6.27 -7.19 0.25
C ALA A 62 4.85 -7.50 -0.20
N LEU A 63 4.60 -7.32 -1.50
CA LEU A 63 3.29 -7.56 -2.08
C LEU A 63 2.77 -8.96 -1.72
N ALA A 64 3.55 -9.98 -2.06
CA ALA A 64 3.13 -11.36 -1.89
C ALA A 64 3.12 -11.79 -0.43
N ALA A 65 3.91 -11.12 0.40
CA ALA A 65 4.05 -11.52 1.80
C ALA A 65 3.04 -10.84 2.70
N MET A 66 2.61 -9.65 2.32
CA MET A 66 1.71 -8.86 3.16
C MET A 66 0.25 -9.13 2.77
N ASN A 67 -0.01 -9.23 1.48
CA ASN A 67 -1.37 -9.41 0.99
C ASN A 67 -1.97 -10.74 1.49
N GLY A 68 -3.13 -10.64 2.12
CA GLY A 68 -3.82 -11.83 2.59
C GLY A 68 -3.41 -12.25 3.99
N ARG A 69 -2.56 -11.44 4.62
CA ARG A 69 -2.07 -11.77 5.94
C ARG A 69 -2.99 -11.17 7.02
N LYS A 70 -3.22 -11.91 8.09
CA LYS A 70 -4.12 -11.46 9.13
C LYS A 70 -3.44 -10.51 10.10
N ILE A 71 -3.98 -9.31 10.18
CA ILE A 71 -3.45 -8.29 11.08
C ILE A 71 -4.58 -7.56 11.80
N MET A 72 -4.70 -7.82 13.10
CA MET A 72 -5.74 -7.22 13.93
C MET A 72 -7.12 -7.74 13.56
N GLY A 73 -7.22 -9.07 13.45
CA GLY A 73 -8.51 -9.72 13.23
C GLY A 73 -9.18 -9.33 11.92
N LYS A 74 -8.41 -9.25 10.85
CA LYS A 74 -8.98 -8.92 9.54
C LYS A 74 -8.04 -9.41 8.43
N GLU A 75 -8.60 -9.63 7.25
CA GLU A 75 -7.80 -9.97 6.08
C GLU A 75 -7.39 -8.69 5.36
N VAL A 76 -6.10 -8.40 5.36
CA VAL A 76 -5.59 -7.19 4.72
C VAL A 76 -5.53 -7.36 3.20
N LYS A 77 -5.45 -6.25 2.50
CA LYS A 77 -5.35 -6.29 1.04
C LYS A 77 -4.20 -5.43 0.57
N VAL A 78 -3.28 -6.06 -0.13
CA VAL A 78 -2.12 -5.37 -0.68
C VAL A 78 -1.97 -5.71 -2.15
N ASN A 79 -2.26 -4.75 -3.02
CA ASN A 79 -2.12 -4.97 -4.45
C ASN A 79 -1.27 -3.88 -5.07
N TRP A 80 -0.96 -4.03 -6.35
CA TRP A 80 -0.15 -3.06 -7.05
C TRP A 80 -1.00 -1.86 -7.46
N ALA A 81 -0.73 -0.73 -6.81
CA ALA A 81 -1.43 0.50 -7.12
C ALA A 81 -0.73 1.23 -8.25
N THR A 82 -1.35 1.22 -9.42
CA THR A 82 -0.82 1.93 -10.56
C THR A 82 -1.09 3.42 -10.45
N THR A 83 -0.99 4.14 -11.55
CA THR A 83 -1.27 5.56 -11.52
C THR A 83 -2.77 5.77 -11.27
N PRO A 84 -3.11 6.73 -10.40
CA PRO A 84 -4.51 7.03 -10.04
C PRO A 84 -5.29 7.61 -11.22
N SER A 85 -5.56 6.76 -12.20
CA SER A 85 -6.30 7.14 -13.38
C SER A 85 -7.80 7.15 -13.11
N SER A 86 -8.24 8.19 -12.38
CA SER A 86 -9.63 8.40 -12.03
C SER A 86 -10.11 7.36 -11.00
N GLN A 87 -9.19 6.52 -10.55
CA GLN A 87 -9.51 5.51 -9.55
C GLN A 87 -9.32 6.07 -8.15
N LYS A 88 -10.40 6.63 -7.61
CA LYS A 88 -10.40 7.22 -6.27
C LYS A 88 -9.40 8.36 -6.14
N LYS A 89 -9.78 9.51 -6.69
CA LYS A 89 -9.02 10.73 -6.53
C LYS A 89 -9.82 11.72 -5.70
N ASP A 90 -9.21 12.83 -5.32
CA ASP A 90 -9.85 13.79 -4.43
C ASP A 90 -10.72 14.74 -5.23
N THR A 91 -11.82 14.21 -5.75
CA THR A 91 -12.76 15.00 -6.54
C THR A 91 -13.94 15.45 -5.69
N SER A 92 -13.84 16.65 -5.14
CA SER A 92 -14.94 17.26 -4.43
C SER A 92 -15.16 18.67 -4.96
N MET A 1 5.62 2.80 -18.99
CA MET A 1 6.53 1.95 -18.18
C MET A 1 6.20 2.03 -16.70
N GLU A 2 5.79 3.20 -16.22
CA GLU A 2 5.36 3.37 -14.84
C GLU A 2 4.06 2.61 -14.62
N ASP A 3 3.34 2.41 -15.72
CA ASP A 3 2.12 1.62 -15.71
C ASP A 3 2.45 0.13 -15.62
N GLU A 4 3.67 -0.23 -16.03
CA GLU A 4 4.11 -1.61 -16.00
C GLU A 4 4.64 -1.95 -14.61
N MET A 5 5.20 -0.95 -13.94
CA MET A 5 5.78 -1.13 -12.63
C MET A 5 5.14 -0.17 -11.63
N PRO A 6 3.99 -0.57 -11.06
CA PRO A 6 3.19 0.27 -10.14
C PRO A 6 4.02 0.96 -9.06
N LYS A 7 4.98 0.22 -8.49
CA LYS A 7 5.93 0.74 -7.50
C LYS A 7 5.30 0.94 -6.13
N THR A 8 4.12 1.54 -6.11
CA THR A 8 3.43 1.82 -4.86
C THR A 8 2.49 0.67 -4.52
N LEU A 9 2.42 0.32 -3.23
CA LEU A 9 1.52 -0.74 -2.79
C LEU A 9 0.24 -0.14 -2.25
N TYR A 10 -0.89 -0.66 -2.70
CA TYR A 10 -2.18 -0.18 -2.26
C TYR A 10 -2.73 -1.11 -1.19
N VAL A 11 -2.63 -0.71 0.06
CA VAL A 11 -3.13 -1.52 1.15
C VAL A 11 -4.41 -0.94 1.71
N GLY A 12 -5.50 -1.66 1.52
CA GLY A 12 -6.78 -1.21 2.03
C GLY A 12 -7.30 -2.11 3.12
N ASN A 13 -8.51 -1.84 3.58
CA ASN A 13 -9.15 -2.62 4.65
C ASN A 13 -8.40 -2.46 5.96
N LEU A 14 -8.02 -1.23 6.27
CA LEU A 14 -7.39 -0.95 7.54
C LEU A 14 -8.41 -1.00 8.67
N SER A 15 -7.95 -1.42 9.82
CA SER A 15 -8.81 -1.56 10.99
C SER A 15 -8.43 -0.49 12.00
N ARG A 16 -9.38 -0.14 12.86
CA ARG A 16 -9.15 0.91 13.85
C ARG A 16 -8.19 0.43 14.94
N ASP A 17 -7.90 -0.85 14.93
CA ASP A 17 -6.94 -1.44 15.84
C ASP A 17 -5.56 -1.53 15.20
N VAL A 18 -5.48 -1.17 13.91
CA VAL A 18 -4.22 -1.19 13.18
C VAL A 18 -3.44 0.09 13.41
N THR A 19 -2.21 -0.06 13.86
CA THR A 19 -1.32 1.06 14.08
C THR A 19 -0.35 1.21 12.90
N GLU A 20 0.02 2.45 12.60
CA GLU A 20 0.89 2.74 11.47
C GLU A 20 2.26 2.09 11.67
N ALA A 21 2.74 2.15 12.91
CA ALA A 21 4.05 1.61 13.25
C ALA A 21 4.21 0.16 12.84
N LEU A 22 3.18 -0.64 13.11
CA LEU A 22 3.22 -2.07 12.83
C LEU A 22 3.25 -2.33 11.32
N ILE A 23 2.34 -1.67 10.61
CA ILE A 23 2.25 -1.81 9.16
C ILE A 23 3.57 -1.42 8.49
N LEU A 24 4.07 -0.24 8.84
CA LEU A 24 5.30 0.26 8.24
C LEU A 24 6.50 -0.61 8.60
N GLN A 25 6.49 -1.18 9.81
CA GLN A 25 7.56 -2.06 10.24
C GLN A 25 7.60 -3.31 9.37
N LEU A 26 6.43 -3.85 9.05
CA LEU A 26 6.35 -5.05 8.23
C LEU A 26 6.83 -4.79 6.81
N PHE A 27 6.56 -3.60 6.29
CA PHE A 27 7.03 -3.21 4.97
C PHE A 27 8.52 -2.86 5.01
N SER A 28 8.94 -2.20 6.08
CA SER A 28 10.35 -1.87 6.28
C SER A 28 11.19 -3.13 6.38
N GLN A 29 10.55 -4.22 6.80
CA GLN A 29 11.19 -5.52 6.88
C GLN A 29 11.54 -6.04 5.48
N ILE A 30 10.79 -5.58 4.49
CA ILE A 30 11.02 -6.02 3.11
C ILE A 30 11.93 -5.04 2.39
N GLY A 31 11.62 -3.75 2.49
CA GLY A 31 12.41 -2.75 1.82
C GLY A 31 12.33 -1.41 2.50
N PRO A 32 13.04 -0.40 1.97
CA PRO A 32 13.04 0.94 2.51
C PRO A 32 11.89 1.79 1.95
N CYS A 33 11.09 2.33 2.85
CA CYS A 33 9.95 3.15 2.47
C CYS A 33 10.27 4.62 2.73
N LYS A 34 10.18 5.44 1.69
CA LYS A 34 10.53 6.84 1.81
C LYS A 34 9.43 7.63 2.50
N ASN A 35 8.20 7.15 2.37
CA ASN A 35 7.05 7.81 2.97
C ASN A 35 5.83 6.91 2.88
N CYS A 36 4.89 7.11 3.78
CA CYS A 36 3.64 6.39 3.74
C CYS A 36 2.49 7.37 3.83
N LYS A 37 1.36 7.03 3.23
CA LYS A 37 0.19 7.85 3.33
C LYS A 37 -0.99 7.01 3.77
N MET A 38 -1.39 7.18 4.99
CA MET A 38 -2.46 6.40 5.56
C MET A 38 -3.73 7.23 5.63
N ILE A 39 -4.68 6.89 4.76
CA ILE A 39 -5.91 7.66 4.67
C ILE A 39 -6.87 7.26 5.77
N MET A 40 -6.78 7.96 6.89
CA MET A 40 -7.68 7.74 8.01
C MET A 40 -9.09 8.16 7.62
N ASP A 41 -10.02 7.22 7.69
CA ASP A 41 -11.39 7.46 7.26
C ASP A 41 -12.09 8.44 8.17
N THR A 42 -12.61 9.50 7.56
CA THR A 42 -13.23 10.57 8.28
C THR A 42 -14.76 10.51 8.22
N ALA A 43 -15.30 9.57 7.45
CA ALA A 43 -16.74 9.52 7.22
C ALA A 43 -17.32 8.12 7.43
N GLY A 44 -16.73 7.14 6.78
CA GLY A 44 -17.24 5.78 6.82
C GLY A 44 -16.99 5.05 5.52
N ASN A 45 -15.78 5.22 5.00
CA ASN A 45 -15.40 4.64 3.73
C ASN A 45 -14.38 3.52 3.94
N ASP A 46 -13.80 3.04 2.86
CA ASP A 46 -12.76 2.01 2.93
C ASP A 46 -11.42 2.67 3.21
N PRO A 47 -10.81 2.37 4.37
CA PRO A 47 -9.52 2.95 4.76
C PRO A 47 -8.35 2.24 4.10
N TYR A 48 -7.46 3.02 3.51
CA TYR A 48 -6.32 2.48 2.79
C TYR A 48 -5.05 3.28 3.07
N CYS A 49 -3.91 2.67 2.80
CA CYS A 49 -2.64 3.31 3.03
C CYS A 49 -1.70 3.08 1.83
N PHE A 50 -1.04 4.15 1.44
CA PHE A 50 -0.05 4.08 0.36
C PHE A 50 1.35 3.99 0.93
N VAL A 51 2.07 2.93 0.58
CA VAL A 51 3.46 2.79 0.99
C VAL A 51 4.38 2.85 -0.22
N GLU A 52 5.29 3.82 -0.21
CA GLU A 52 6.17 4.03 -1.34
C GLU A 52 7.59 3.59 -1.00
N PHE A 53 8.06 2.56 -1.70
CA PHE A 53 9.43 2.07 -1.54
C PHE A 53 10.36 2.75 -2.53
N HIS A 54 11.60 2.27 -2.59
CA HIS A 54 12.56 2.79 -3.55
C HIS A 54 12.79 1.78 -4.66
N GLU A 55 12.96 0.53 -4.27
CA GLU A 55 13.21 -0.54 -5.21
C GLU A 55 11.92 -1.33 -5.46
N HIS A 56 11.52 -1.37 -6.72
CA HIS A 56 10.31 -2.06 -7.15
C HIS A 56 10.34 -3.53 -6.75
N ARG A 57 11.53 -4.11 -6.70
CA ARG A 57 11.69 -5.52 -6.36
C ARG A 57 11.36 -5.77 -4.89
N HIS A 58 11.42 -4.72 -4.07
CA HIS A 58 11.04 -4.84 -2.68
C HIS A 58 9.52 -4.75 -2.56
N ALA A 59 8.94 -3.95 -3.44
CA ALA A 59 7.50 -3.84 -3.53
C ALA A 59 6.88 -5.17 -3.95
N ALA A 60 7.58 -5.85 -4.86
CA ALA A 60 7.14 -7.16 -5.35
C ALA A 60 7.15 -8.19 -4.21
N ALA A 61 8.21 -8.15 -3.41
CA ALA A 61 8.34 -9.07 -2.29
C ALA A 61 7.30 -8.77 -1.22
N ALA A 62 7.05 -7.49 -0.99
CA ALA A 62 6.08 -7.05 0.02
C ALA A 62 4.65 -7.40 -0.41
N LEU A 63 4.38 -7.28 -1.71
CA LEU A 63 3.05 -7.57 -2.25
C LEU A 63 2.59 -8.97 -1.84
N ALA A 64 3.36 -9.98 -2.23
CA ALA A 64 2.96 -11.37 -2.02
C ALA A 64 3.05 -11.77 -0.55
N ALA A 65 3.85 -11.04 0.23
CA ALA A 65 4.07 -11.37 1.63
C ALA A 65 3.00 -10.73 2.52
N MET A 66 2.58 -9.53 2.17
CA MET A 66 1.66 -8.77 3.00
C MET A 66 0.21 -9.03 2.60
N ASN A 67 -0.02 -9.34 1.33
CA ASN A 67 -1.36 -9.61 0.84
C ASN A 67 -1.90 -10.90 1.46
N GLY A 68 -3.05 -10.80 2.12
CA GLY A 68 -3.63 -11.97 2.74
C GLY A 68 -3.14 -12.16 4.17
N ARG A 69 -2.44 -11.16 4.69
CA ARG A 69 -1.88 -11.23 6.03
C ARG A 69 -2.85 -10.60 7.01
N LYS A 70 -3.18 -11.32 8.07
CA LYS A 70 -4.16 -10.81 9.02
C LYS A 70 -3.46 -10.09 10.17
N ILE A 71 -3.57 -8.78 10.17
CA ILE A 71 -2.93 -7.94 11.18
C ILE A 71 -3.95 -7.51 12.23
N MET A 72 -3.65 -7.84 13.49
CA MET A 72 -4.48 -7.46 14.65
C MET A 72 -5.82 -8.20 14.67
N GLY A 73 -6.64 -7.94 13.67
CA GLY A 73 -7.93 -8.58 13.57
C GLY A 73 -8.72 -8.05 12.39
N LYS A 74 -8.11 -8.09 11.22
CA LYS A 74 -8.74 -7.61 10.01
C LYS A 74 -8.11 -8.24 8.77
N GLU A 75 -8.94 -8.55 7.79
CA GLU A 75 -8.45 -9.06 6.51
C GLU A 75 -7.95 -7.90 5.65
N VAL A 76 -6.65 -7.83 5.47
CA VAL A 76 -6.04 -6.71 4.74
C VAL A 76 -6.16 -6.88 3.24
N LYS A 77 -5.86 -5.81 2.51
CA LYS A 77 -5.82 -5.86 1.06
C LYS A 77 -4.53 -5.24 0.58
N VAL A 78 -3.77 -5.98 -0.21
CA VAL A 78 -2.52 -5.46 -0.75
C VAL A 78 -2.49 -5.67 -2.26
N ASN A 79 -2.69 -4.59 -2.99
CA ASN A 79 -2.74 -4.65 -4.45
C ASN A 79 -1.74 -3.65 -5.03
N TRP A 80 -1.58 -3.68 -6.34
CA TRP A 80 -0.63 -2.79 -7.01
C TRP A 80 -1.26 -1.42 -7.25
N ALA A 81 -0.64 -0.39 -6.69
CA ALA A 81 -1.10 0.98 -6.92
C ALA A 81 -0.26 1.63 -8.00
N THR A 82 -0.79 1.69 -9.20
CA THR A 82 -0.07 2.24 -10.33
C THR A 82 0.02 3.77 -10.26
N THR A 83 1.23 4.28 -10.36
CA THR A 83 1.45 5.70 -10.49
C THR A 83 2.14 5.99 -11.82
N PRO A 84 1.38 6.49 -12.80
CA PRO A 84 1.87 6.69 -14.17
C PRO A 84 2.92 7.80 -14.27
N SER A 85 2.97 8.63 -13.22
CA SER A 85 3.94 9.72 -13.14
C SER A 85 3.80 10.68 -14.32
N SER A 86 2.61 10.73 -14.89
CA SER A 86 2.38 11.48 -16.13
C SER A 86 2.23 12.98 -15.86
N GLN A 87 2.19 13.36 -14.59
CA GLN A 87 2.07 14.77 -14.23
C GLN A 87 2.66 15.02 -12.85
N LYS A 88 3.57 15.97 -12.78
CA LYS A 88 4.15 16.38 -11.51
C LYS A 88 4.59 17.85 -11.55
N LYS A 89 4.40 18.49 -12.71
CA LYS A 89 4.76 19.89 -12.87
C LYS A 89 3.73 20.79 -12.21
N ASP A 90 3.87 20.99 -10.91
CA ASP A 90 3.11 22.02 -10.22
C ASP A 90 4.09 23.04 -9.65
N THR A 91 4.02 24.24 -10.19
CA THR A 91 4.98 25.28 -9.85
C THR A 91 4.93 25.62 -8.36
N SER A 92 6.03 25.35 -7.69
CA SER A 92 6.18 25.64 -6.27
C SER A 92 7.49 26.38 -6.05
N MET A 1 9.02 6.47 -14.59
CA MET A 1 8.79 5.06 -14.21
C MET A 1 7.60 4.94 -13.26
N GLU A 2 6.82 6.00 -13.16
CA GLU A 2 5.70 6.06 -12.22
C GLU A 2 4.59 5.09 -12.63
N ASP A 3 4.30 5.07 -13.92
CA ASP A 3 3.24 4.22 -14.45
C ASP A 3 3.76 2.83 -14.81
N GLU A 4 5.08 2.72 -14.94
CA GLU A 4 5.67 1.46 -15.36
C GLU A 4 6.12 0.63 -14.16
N MET A 5 6.68 1.31 -13.16
CA MET A 5 7.18 0.63 -11.98
C MET A 5 6.49 1.17 -10.73
N PRO A 6 5.29 0.64 -10.40
CA PRO A 6 4.58 1.03 -9.20
C PRO A 6 5.40 0.76 -7.95
N LYS A 7 5.97 1.83 -7.39
CA LYS A 7 6.81 1.72 -6.21
C LYS A 7 5.94 1.82 -4.95
N THR A 8 4.66 2.05 -5.16
CA THR A 8 3.72 2.18 -4.06
C THR A 8 2.81 0.95 -4.01
N LEU A 9 2.57 0.45 -2.80
CA LEU A 9 1.65 -0.66 -2.60
C LEU A 9 0.35 -0.15 -2.03
N TYR A 10 -0.75 -0.59 -2.62
CA TYR A 10 -2.07 -0.17 -2.20
C TYR A 10 -2.63 -1.16 -1.20
N VAL A 11 -2.56 -0.82 0.07
CA VAL A 11 -3.07 -1.70 1.11
C VAL A 11 -4.42 -1.20 1.62
N GLY A 12 -5.45 -1.99 1.37
CA GLY A 12 -6.77 -1.66 1.86
C GLY A 12 -7.14 -2.48 3.07
N ASN A 13 -8.30 -2.18 3.66
CA ASN A 13 -8.80 -2.90 4.82
C ASN A 13 -8.02 -2.55 6.08
N LEU A 14 -8.01 -1.28 6.42
CA LEU A 14 -7.38 -0.81 7.65
C LEU A 14 -8.32 -0.91 8.83
N SER A 15 -7.82 -0.55 10.00
CA SER A 15 -8.60 -0.56 11.22
C SER A 15 -8.10 0.53 12.14
N ARG A 16 -8.93 0.93 13.10
CA ARG A 16 -8.53 1.92 14.09
C ARG A 16 -7.53 1.28 15.05
N ASP A 17 -7.37 -0.04 14.94
CA ASP A 17 -6.41 -0.77 15.75
C ASP A 17 -5.12 -1.01 14.95
N VAL A 18 -5.10 -0.48 13.73
CA VAL A 18 -3.95 -0.61 12.86
C VAL A 18 -3.16 0.70 12.81
N THR A 19 -1.98 0.70 13.39
CA THR A 19 -1.13 1.88 13.40
C THR A 19 -0.19 1.89 12.19
N GLU A 20 0.11 3.10 11.71
CA GLU A 20 1.02 3.30 10.59
C GLU A 20 2.40 2.73 10.91
N ALA A 21 2.79 2.86 12.17
CA ALA A 21 4.09 2.39 12.64
C ALA A 21 4.24 0.89 12.43
N LEU A 22 3.13 0.17 12.57
CA LEU A 22 3.14 -1.27 12.38
C LEU A 22 3.22 -1.61 10.89
N ILE A 23 2.30 -1.03 10.12
CA ILE A 23 2.24 -1.28 8.69
C ILE A 23 3.60 -1.01 8.02
N LEU A 24 4.13 0.18 8.27
CA LEU A 24 5.38 0.58 7.64
C LEU A 24 6.53 -0.31 8.09
N GLN A 25 6.57 -0.66 9.36
CA GLN A 25 7.66 -1.49 9.90
C GLN A 25 7.65 -2.87 9.24
N LEU A 26 6.46 -3.43 9.07
CA LEU A 26 6.31 -4.72 8.42
C LEU A 26 6.85 -4.67 7.00
N PHE A 27 6.50 -3.62 6.28
CA PHE A 27 6.98 -3.44 4.91
C PHE A 27 8.47 -3.09 4.90
N SER A 28 8.93 -2.40 5.94
CA SER A 28 10.34 -2.05 6.08
C SER A 28 11.19 -3.30 6.22
N GLN A 29 10.61 -4.35 6.79
CA GLN A 29 11.29 -5.63 6.94
C GLN A 29 11.48 -6.28 5.57
N ILE A 30 10.59 -5.94 4.63
CA ILE A 30 10.68 -6.46 3.27
C ILE A 30 11.62 -5.58 2.43
N GLY A 31 11.35 -4.28 2.41
CA GLY A 31 12.16 -3.37 1.63
C GLY A 31 12.23 -1.99 2.23
N PRO A 32 13.28 -1.23 1.90
CA PRO A 32 13.43 0.15 2.39
C PRO A 32 12.28 1.03 1.94
N CYS A 33 11.52 1.53 2.91
CA CYS A 33 10.34 2.34 2.63
C CYS A 33 10.73 3.80 2.42
N LYS A 34 10.02 4.47 1.52
CA LYS A 34 10.35 5.83 1.13
C LYS A 34 9.28 6.83 1.58
N ASN A 35 8.02 6.43 1.47
CA ASN A 35 6.92 7.33 1.81
C ASN A 35 5.76 6.54 2.41
N CYS A 36 4.98 7.19 3.25
CA CYS A 36 3.83 6.56 3.87
C CYS A 36 2.67 7.55 3.96
N LYS A 37 1.50 7.13 3.52
CA LYS A 37 0.30 7.93 3.63
C LYS A 37 -0.91 7.06 3.97
N MET A 38 -1.43 7.25 5.16
CA MET A 38 -2.69 6.62 5.54
C MET A 38 -3.85 7.50 5.07
N ILE A 39 -4.92 6.88 4.62
CA ILE A 39 -6.08 7.63 4.15
C ILE A 39 -7.26 7.39 5.08
N MET A 40 -7.89 8.49 5.50
CA MET A 40 -9.04 8.40 6.39
C MET A 40 -10.33 8.61 5.60
N ASP A 41 -11.29 7.72 5.81
CA ASP A 41 -12.57 7.82 5.12
C ASP A 41 -13.72 7.76 6.11
N THR A 42 -14.64 8.71 6.00
CA THR A 42 -15.85 8.68 6.77
C THR A 42 -17.01 8.18 5.90
N ALA A 43 -16.66 7.77 4.69
CA ALA A 43 -17.65 7.33 3.71
C ALA A 43 -17.95 5.84 3.86
N GLY A 44 -18.74 5.29 2.95
CA GLY A 44 -19.15 3.91 3.03
C GLY A 44 -18.13 2.97 2.42
N ASN A 45 -16.87 3.18 2.78
CA ASN A 45 -15.78 2.35 2.29
C ASN A 45 -14.81 2.10 3.43
N ASP A 46 -14.00 1.06 3.30
CA ASP A 46 -13.03 0.73 4.33
C ASP A 46 -11.70 1.39 3.99
N PRO A 47 -11.08 2.05 4.99
CA PRO A 47 -9.85 2.85 4.80
C PRO A 47 -8.69 2.08 4.17
N TYR A 48 -7.86 2.80 3.44
CA TYR A 48 -6.73 2.23 2.75
C TYR A 48 -5.48 3.06 3.01
N CYS A 49 -4.32 2.50 2.69
CA CYS A 49 -3.05 3.18 2.92
C CYS A 49 -2.12 3.05 1.73
N PHE A 50 -1.33 4.08 1.49
CA PHE A 50 -0.32 4.06 0.43
C PHE A 50 1.08 3.95 1.04
N VAL A 51 1.76 2.85 0.76
CA VAL A 51 3.13 2.67 1.22
C VAL A 51 4.08 2.64 0.02
N GLU A 52 5.04 3.55 0.01
CA GLU A 52 5.98 3.65 -1.09
C GLU A 52 7.35 3.11 -0.70
N PHE A 53 7.91 2.28 -1.56
CA PHE A 53 9.21 1.67 -1.33
C PHE A 53 10.29 2.38 -2.14
N HIS A 54 11.53 2.25 -1.69
CA HIS A 54 12.67 2.71 -2.47
C HIS A 54 12.98 1.66 -3.52
N GLU A 55 12.72 0.43 -3.16
CA GLU A 55 13.14 -0.72 -3.94
C GLU A 55 11.91 -1.47 -4.47
N HIS A 56 11.71 -1.41 -5.77
CA HIS A 56 10.53 -2.00 -6.41
C HIS A 56 10.57 -3.52 -6.41
N ARG A 57 11.77 -4.09 -6.53
CA ARG A 57 11.92 -5.55 -6.52
C ARG A 57 11.49 -6.12 -5.18
N HIS A 58 11.74 -5.38 -4.12
CA HIS A 58 11.35 -5.80 -2.78
C HIS A 58 9.86 -5.57 -2.58
N ALA A 59 9.32 -4.59 -3.29
CA ALA A 59 7.90 -4.29 -3.26
C ALA A 59 7.09 -5.46 -3.80
N ALA A 60 7.71 -6.20 -4.72
CA ALA A 60 7.09 -7.40 -5.29
C ALA A 60 6.87 -8.45 -4.20
N ALA A 61 7.89 -8.66 -3.39
CA ALA A 61 7.81 -9.62 -2.29
C ALA A 61 6.75 -9.20 -1.28
N ALA A 62 6.71 -7.90 -1.01
CA ALA A 62 5.72 -7.34 -0.08
C ALA A 62 4.31 -7.58 -0.61
N LEU A 63 4.13 -7.36 -1.90
CA LEU A 63 2.85 -7.57 -2.56
C LEU A 63 2.35 -8.99 -2.32
N ALA A 64 3.18 -9.96 -2.66
CA ALA A 64 2.79 -11.37 -2.58
C ALA A 64 2.61 -11.84 -1.14
N ALA A 65 3.54 -11.47 -0.26
CA ALA A 65 3.55 -11.98 1.10
C ALA A 65 2.54 -11.29 2.01
N MET A 66 2.40 -9.97 1.86
CA MET A 66 1.57 -9.21 2.79
C MET A 66 0.11 -9.18 2.39
N ASN A 67 -0.17 -9.45 1.12
CA ASN A 67 -1.56 -9.45 0.65
C ASN A 67 -2.33 -10.61 1.28
N GLY A 68 -3.33 -10.29 2.07
CA GLY A 68 -4.12 -11.32 2.71
C GLY A 68 -3.62 -11.64 4.11
N ARG A 69 -2.71 -10.83 4.62
CA ARG A 69 -2.16 -11.04 5.95
C ARG A 69 -3.19 -10.68 7.00
N LYS A 70 -3.06 -11.27 8.18
CA LYS A 70 -4.03 -11.08 9.23
C LYS A 70 -3.45 -10.17 10.30
N ILE A 71 -3.85 -8.90 10.27
CA ILE A 71 -3.29 -7.91 11.18
C ILE A 71 -4.39 -7.32 12.06
N MET A 72 -4.25 -7.54 13.37
CA MET A 72 -5.16 -6.98 14.36
C MET A 72 -6.60 -7.44 14.13
N GLY A 73 -6.77 -8.67 13.67
CA GLY A 73 -8.10 -9.21 13.45
C GLY A 73 -8.74 -8.69 12.17
N LYS A 74 -7.95 -8.04 11.33
CA LYS A 74 -8.41 -7.51 10.06
C LYS A 74 -7.56 -8.09 8.94
N GLU A 75 -8.19 -8.47 7.84
CA GLU A 75 -7.48 -9.03 6.71
C GLU A 75 -7.11 -7.94 5.71
N VAL A 76 -5.82 -7.65 5.64
CA VAL A 76 -5.32 -6.59 4.78
C VAL A 76 -5.24 -7.06 3.34
N LYS A 77 -5.39 -6.13 2.41
CA LYS A 77 -5.34 -6.46 1.00
C LYS A 77 -4.40 -5.52 0.27
N VAL A 78 -3.39 -6.10 -0.37
CA VAL A 78 -2.35 -5.32 -1.01
C VAL A 78 -2.41 -5.49 -2.52
N ASN A 79 -2.41 -4.37 -3.24
CA ASN A 79 -2.44 -4.38 -4.69
C ASN A 79 -1.41 -3.38 -5.22
N TRP A 80 -1.07 -3.51 -6.50
CA TRP A 80 -0.08 -2.64 -7.11
C TRP A 80 -0.64 -1.24 -7.32
N ALA A 81 -0.17 -0.28 -6.54
CA ALA A 81 -0.61 1.09 -6.67
C ALA A 81 0.29 1.83 -7.65
N THR A 82 -0.17 1.95 -8.88
CA THR A 82 0.56 2.67 -9.91
C THR A 82 0.57 4.15 -9.58
N THR A 83 1.56 4.86 -10.06
CA THR A 83 1.66 6.28 -9.78
C THR A 83 1.33 7.10 -11.03
N PRO A 84 0.14 7.71 -11.06
CA PRO A 84 -0.26 8.61 -12.14
C PRO A 84 0.47 9.95 -12.06
N SER A 85 1.76 9.91 -12.41
CA SER A 85 2.64 11.08 -12.33
C SER A 85 2.88 11.47 -10.87
N SER A 86 1.91 12.15 -10.27
CA SER A 86 1.98 12.49 -8.86
C SER A 86 0.58 12.47 -8.24
N GLN A 87 -0.38 11.95 -9.00
CA GLN A 87 -1.78 11.89 -8.56
C GLN A 87 -2.37 13.29 -8.43
N LYS A 88 -3.64 13.35 -8.08
CA LYS A 88 -4.31 14.62 -7.89
C LYS A 88 -4.87 14.72 -6.48
N LYS A 89 -3.99 14.95 -5.52
CA LYS A 89 -4.38 15.09 -4.12
C LYS A 89 -5.00 16.46 -3.88
N ASP A 90 -6.09 16.73 -4.58
CA ASP A 90 -6.76 18.03 -4.50
C ASP A 90 -7.74 18.04 -3.33
N THR A 91 -8.18 16.86 -2.91
CA THR A 91 -9.14 16.73 -1.83
C THR A 91 -8.45 16.84 -0.46
N SER A 92 -7.21 16.39 -0.38
CA SER A 92 -6.47 16.43 0.86
C SER A 92 -5.03 16.88 0.59
N MET A 1 4.95 4.64 -18.18
CA MET A 1 5.20 3.24 -17.75
C MET A 1 5.06 3.09 -16.24
N GLU A 2 4.33 4.01 -15.64
CA GLU A 2 4.06 3.99 -14.21
C GLU A 2 3.00 2.95 -13.90
N ASP A 3 2.23 2.59 -14.93
CA ASP A 3 1.25 1.51 -14.83
C ASP A 3 1.96 0.16 -14.92
N GLU A 4 3.18 0.20 -15.45
CA GLU A 4 4.01 -1.01 -15.56
C GLU A 4 4.78 -1.22 -14.26
N MET A 5 5.37 -0.14 -13.75
CA MET A 5 6.14 -0.18 -12.52
C MET A 5 5.53 0.76 -11.48
N PRO A 6 4.51 0.27 -10.73
CA PRO A 6 3.77 1.10 -9.76
C PRO A 6 4.62 1.62 -8.62
N LYS A 7 5.42 0.72 -8.03
CA LYS A 7 6.29 1.03 -6.89
C LYS A 7 5.49 1.22 -5.60
N THR A 8 4.40 1.94 -5.68
CA THR A 8 3.52 2.17 -4.55
C THR A 8 2.61 0.96 -4.32
N LEU A 9 2.64 0.44 -3.11
CA LEU A 9 1.76 -0.66 -2.75
C LEU A 9 0.47 -0.15 -2.15
N TYR A 10 -0.63 -0.68 -2.64
CA TYR A 10 -1.95 -0.29 -2.16
C TYR A 10 -2.46 -1.33 -1.16
N VAL A 11 -2.52 -0.95 0.11
CA VAL A 11 -3.09 -1.82 1.12
C VAL A 11 -4.39 -1.23 1.61
N GLY A 12 -5.46 -1.98 1.49
CA GLY A 12 -6.76 -1.48 1.91
C GLY A 12 -7.36 -2.30 3.04
N ASN A 13 -8.54 -1.87 3.50
CA ASN A 13 -9.29 -2.53 4.56
C ASN A 13 -8.61 -2.36 5.91
N LEU A 14 -7.92 -1.23 6.07
CA LEU A 14 -7.23 -0.93 7.32
C LEU A 14 -8.23 -0.61 8.42
N SER A 15 -7.73 -0.56 9.64
CA SER A 15 -8.54 -0.26 10.79
C SER A 15 -7.71 0.49 11.83
N ARG A 16 -8.37 1.32 12.62
CA ARG A 16 -7.70 2.13 13.64
C ARG A 16 -7.08 1.27 14.74
N ASP A 17 -7.37 -0.04 14.70
CA ASP A 17 -6.73 -1.00 15.59
C ASP A 17 -5.29 -1.25 15.15
N VAL A 18 -5.03 -1.01 13.88
CA VAL A 18 -3.71 -1.25 13.31
C VAL A 18 -2.80 -0.08 13.59
N THR A 19 -1.65 -0.35 14.19
CA THR A 19 -0.68 0.69 14.48
C THR A 19 0.21 0.94 13.28
N GLU A 20 0.55 2.21 13.10
CA GLU A 20 1.38 2.66 11.99
C GLU A 20 2.80 2.14 12.15
N ALA A 21 3.18 1.84 13.38
CA ALA A 21 4.50 1.30 13.67
C ALA A 21 4.64 -0.07 13.03
N LEU A 22 3.57 -0.85 13.08
CA LEU A 22 3.56 -2.20 12.52
C LEU A 22 3.61 -2.15 11.00
N ILE A 23 2.72 -1.35 10.42
CA ILE A 23 2.64 -1.23 8.97
C ILE A 23 3.98 -0.81 8.38
N LEU A 24 4.54 0.27 8.91
CA LEU A 24 5.81 0.78 8.42
C LEU A 24 6.94 -0.24 8.58
N GLN A 25 6.95 -0.93 9.72
CA GLN A 25 7.99 -1.92 10.01
C GLN A 25 7.89 -3.11 9.05
N LEU A 26 6.67 -3.60 8.85
CA LEU A 26 6.44 -4.76 7.99
C LEU A 26 6.95 -4.54 6.58
N PHE A 27 6.80 -3.33 6.08
CA PHE A 27 7.28 -3.01 4.74
C PHE A 27 8.75 -2.61 4.77
N SER A 28 9.19 -2.08 5.90
CA SER A 28 10.56 -1.60 6.06
C SER A 28 11.55 -2.76 6.01
N GLN A 29 11.13 -3.92 6.53
CA GLN A 29 11.96 -5.12 6.51
C GLN A 29 12.10 -5.67 5.10
N ILE A 30 11.18 -5.27 4.23
CA ILE A 30 11.20 -5.69 2.84
C ILE A 30 12.02 -4.70 2.03
N GLY A 31 11.78 -3.42 2.26
CA GLY A 31 12.54 -2.38 1.61
C GLY A 31 12.29 -1.03 2.22
N PRO A 32 13.14 -0.04 1.95
CA PRO A 32 13.01 1.30 2.52
C PRO A 32 11.74 2.00 2.05
N CYS A 33 10.82 2.22 2.98
CA CYS A 33 9.57 2.92 2.69
C CYS A 33 9.72 4.41 2.97
N LYS A 34 9.65 5.22 1.92
CA LYS A 34 9.90 6.65 2.05
C LYS A 34 8.63 7.42 2.41
N ASN A 35 7.49 6.95 1.94
CA ASN A 35 6.24 7.64 2.18
C ASN A 35 5.21 6.70 2.77
N CYS A 36 4.48 7.19 3.75
CA CYS A 36 3.40 6.45 4.36
C CYS A 36 2.11 7.26 4.31
N LYS A 37 1.23 6.86 3.41
CA LYS A 37 -0.05 7.52 3.26
C LYS A 37 -1.14 6.68 3.91
N MET A 38 -1.64 7.11 5.04
CA MET A 38 -2.74 6.42 5.69
C MET A 38 -4.00 7.26 5.54
N ILE A 39 -4.82 6.89 4.58
CA ILE A 39 -5.99 7.67 4.24
C ILE A 39 -7.16 7.27 5.15
N MET A 40 -7.22 7.91 6.30
CA MET A 40 -8.31 7.71 7.24
C MET A 40 -9.31 8.83 7.08
N ASP A 41 -10.59 8.48 7.02
CA ASP A 41 -11.64 9.45 6.78
C ASP A 41 -12.89 9.06 7.55
N THR A 42 -13.87 9.96 7.59
CA THR A 42 -15.08 9.76 8.37
C THR A 42 -16.16 9.12 7.51
N ALA A 43 -15.90 9.04 6.20
CA ALA A 43 -16.83 8.43 5.28
C ALA A 43 -16.08 7.57 4.27
N GLY A 44 -16.77 6.59 3.71
CA GLY A 44 -16.17 5.73 2.72
C GLY A 44 -16.38 4.26 3.03
N ASN A 45 -15.36 3.45 2.74
CA ASN A 45 -15.45 2.02 2.98
C ASN A 45 -14.57 1.64 4.16
N ASP A 46 -13.33 1.36 3.84
CA ASP A 46 -12.31 1.06 4.84
C ASP A 46 -11.05 1.84 4.50
N PRO A 47 -10.39 2.42 5.51
CA PRO A 47 -9.14 3.16 5.32
C PRO A 47 -8.09 2.35 4.56
N TYR A 48 -7.24 3.03 3.82
CA TYR A 48 -6.23 2.37 3.02
C TYR A 48 -4.92 3.12 3.09
N CYS A 49 -3.84 2.45 2.73
CA CYS A 49 -2.53 3.01 2.85
C CYS A 49 -1.74 2.91 1.54
N PHE A 50 -1.06 4.00 1.21
CA PHE A 50 -0.14 4.03 0.08
C PHE A 50 1.29 4.09 0.61
N VAL A 51 2.11 3.13 0.22
CA VAL A 51 3.49 3.09 0.69
C VAL A 51 4.46 3.20 -0.48
N GLU A 52 5.33 4.20 -0.42
CA GLU A 52 6.34 4.40 -1.45
C GLU A 52 7.59 3.60 -1.14
N PHE A 53 7.90 2.63 -1.98
CA PHE A 53 9.12 1.86 -1.86
C PHE A 53 10.18 2.41 -2.81
N HIS A 54 11.38 2.65 -2.30
CA HIS A 54 12.47 3.19 -3.11
C HIS A 54 12.82 2.27 -4.27
N GLU A 55 12.65 0.98 -4.05
CA GLU A 55 12.99 -0.03 -5.05
C GLU A 55 11.76 -0.85 -5.41
N HIS A 56 11.58 -1.05 -6.71
CA HIS A 56 10.40 -1.72 -7.25
C HIS A 56 10.49 -3.24 -7.08
N ARG A 57 11.70 -3.77 -7.05
CA ARG A 57 11.91 -5.20 -6.99
C ARG A 57 11.36 -5.80 -5.69
N HIS A 58 11.68 -5.18 -4.56
CA HIS A 58 11.27 -5.70 -3.26
C HIS A 58 9.79 -5.41 -3.02
N ALA A 59 9.22 -4.58 -3.88
CA ALA A 59 7.81 -4.23 -3.76
C ALA A 59 6.93 -5.46 -3.96
N ALA A 60 7.42 -6.39 -4.78
CA ALA A 60 6.72 -7.64 -5.04
C ALA A 60 6.83 -8.56 -3.82
N ALA A 61 7.91 -8.42 -3.09
CA ALA A 61 8.17 -9.25 -1.92
C ALA A 61 7.17 -8.96 -0.81
N ALA A 62 6.83 -7.69 -0.66
CA ALA A 62 5.87 -7.27 0.37
C ALA A 62 4.46 -7.63 -0.05
N LEU A 63 4.19 -7.53 -1.35
CA LEU A 63 2.87 -7.83 -1.89
C LEU A 63 2.45 -9.26 -1.53
N ALA A 64 3.27 -10.22 -1.93
CA ALA A 64 2.92 -11.63 -1.81
C ALA A 64 2.94 -12.10 -0.36
N ALA A 65 3.54 -11.32 0.51
CA ALA A 65 3.64 -11.69 1.92
C ALA A 65 2.47 -11.15 2.72
N MET A 66 2.16 -9.86 2.55
CA MET A 66 1.16 -9.20 3.37
C MET A 66 -0.25 -9.33 2.80
N ASN A 67 -0.35 -9.55 1.50
CA ASN A 67 -1.66 -9.62 0.83
C ASN A 67 -2.49 -10.77 1.39
N GLY A 68 -3.65 -10.44 1.93
CA GLY A 68 -4.58 -11.45 2.39
C GLY A 68 -4.29 -11.90 3.82
N ARG A 69 -3.43 -11.18 4.51
CA ARG A 69 -3.05 -11.58 5.86
C ARG A 69 -4.00 -10.98 6.88
N LYS A 70 -4.33 -11.77 7.89
CA LYS A 70 -5.21 -11.34 8.96
C LYS A 70 -4.45 -10.49 9.98
N ILE A 71 -4.75 -9.20 10.01
CA ILE A 71 -4.07 -8.29 10.92
C ILE A 71 -5.08 -7.61 11.86
N MET A 72 -4.83 -7.76 13.16
CA MET A 72 -5.66 -7.17 14.21
C MET A 72 -7.04 -7.83 14.27
N GLY A 73 -7.92 -7.42 13.37
CA GLY A 73 -9.25 -8.00 13.30
C GLY A 73 -9.82 -7.90 11.91
N LYS A 74 -8.94 -7.70 10.93
CA LYS A 74 -9.35 -7.52 9.55
C LYS A 74 -8.39 -8.21 8.60
N GLU A 75 -8.90 -8.49 7.40
CA GLU A 75 -8.08 -9.03 6.33
C GLU A 75 -7.58 -7.89 5.46
N VAL A 76 -6.27 -7.75 5.37
CA VAL A 76 -5.67 -6.70 4.55
C VAL A 76 -5.54 -7.17 3.11
N LYS A 77 -5.56 -6.22 2.19
CA LYS A 77 -5.41 -6.53 0.78
C LYS A 77 -4.36 -5.64 0.16
N VAL A 78 -3.42 -6.24 -0.53
CA VAL A 78 -2.32 -5.49 -1.13
C VAL A 78 -2.35 -5.64 -2.65
N ASN A 79 -2.41 -4.51 -3.33
CA ASN A 79 -2.39 -4.48 -4.79
C ASN A 79 -1.39 -3.44 -5.26
N TRP A 80 -1.03 -3.49 -6.53
CA TRP A 80 -0.13 -2.51 -7.11
C TRP A 80 -0.90 -1.24 -7.45
N ALA A 81 -0.59 -0.16 -6.75
CA ALA A 81 -1.23 1.12 -7.02
C ALA A 81 -0.61 1.73 -8.27
N THR A 82 -1.23 1.45 -9.40
CA THR A 82 -0.72 1.90 -10.69
C THR A 82 -1.43 3.15 -11.16
N THR A 83 -0.69 4.04 -11.79
CA THR A 83 -1.28 5.16 -12.48
C THR A 83 -1.44 4.81 -13.96
N PRO A 84 -2.68 4.54 -14.40
CA PRO A 84 -2.98 4.13 -15.76
C PRO A 84 -2.86 5.30 -16.75
N SER A 85 -1.64 5.59 -17.16
CA SER A 85 -1.40 6.66 -18.12
C SER A 85 -1.67 6.15 -19.54
N SER A 86 -2.95 5.87 -19.81
CA SER A 86 -3.36 5.37 -21.11
C SER A 86 -3.59 6.50 -22.10
N GLN A 87 -2.89 7.61 -21.88
CA GLN A 87 -3.02 8.78 -22.73
C GLN A 87 -2.08 8.69 -23.93
N LYS A 88 -2.22 7.59 -24.66
CA LYS A 88 -1.43 7.35 -25.86
C LYS A 88 -2.07 6.19 -26.63
N LYS A 89 -3.00 6.52 -27.51
CA LYS A 89 -3.78 5.50 -28.20
C LYS A 89 -3.06 4.96 -29.43
N ASP A 90 -1.96 4.27 -29.19
CA ASP A 90 -1.27 3.54 -30.24
C ASP A 90 -1.42 2.05 -29.99
N THR A 91 -2.54 1.50 -30.42
CA THR A 91 -2.89 0.12 -30.11
C THR A 91 -2.77 -0.76 -31.35
N SER A 92 -2.19 -1.94 -31.16
CA SER A 92 -2.05 -2.92 -32.23
C SER A 92 -1.87 -4.30 -31.60
N MET A 1 5.23 1.12 -19.17
CA MET A 1 6.14 2.13 -18.56
C MET A 1 5.68 2.49 -17.16
N GLU A 2 4.98 3.62 -17.00
CA GLU A 2 4.48 4.03 -15.69
C GLU A 2 3.29 3.17 -15.29
N ASP A 3 2.64 2.61 -16.29
CA ASP A 3 1.51 1.71 -16.12
C ASP A 3 2.00 0.31 -15.78
N GLU A 4 3.32 0.17 -15.71
CA GLU A 4 3.95 -1.13 -15.52
C GLU A 4 4.71 -1.19 -14.20
N MET A 5 4.82 -0.05 -13.54
CA MET A 5 5.67 0.05 -12.35
C MET A 5 4.89 0.49 -11.12
N PRO A 6 4.25 -0.45 -10.41
CA PRO A 6 3.65 -0.17 -9.11
C PRO A 6 4.73 0.02 -8.04
N LYS A 7 5.17 1.26 -7.86
CA LYS A 7 6.19 1.56 -6.87
C LYS A 7 5.54 1.86 -5.52
N THR A 8 4.23 1.95 -5.55
CA THR A 8 3.45 2.15 -4.34
C THR A 8 2.45 1.00 -4.18
N LEU A 9 2.35 0.47 -2.97
CA LEU A 9 1.46 -0.66 -2.72
C LEU A 9 0.17 -0.17 -2.07
N TYR A 10 -0.94 -0.75 -2.51
CA TYR A 10 -2.25 -0.38 -2.01
C TYR A 10 -2.75 -1.43 -1.02
N VAL A 11 -2.73 -1.09 0.25
CA VAL A 11 -3.22 -2.01 1.28
C VAL A 11 -4.58 -1.55 1.79
N GLY A 12 -5.60 -2.32 1.50
CA GLY A 12 -6.94 -1.97 1.93
C GLY A 12 -7.38 -2.79 3.13
N ASN A 13 -8.52 -2.40 3.70
CA ASN A 13 -9.13 -3.08 4.85
C ASN A 13 -8.35 -2.84 6.13
N LEU A 14 -7.89 -1.61 6.32
CA LEU A 14 -7.25 -1.25 7.57
C LEU A 14 -8.29 -0.98 8.63
N SER A 15 -7.96 -1.32 9.85
CA SER A 15 -8.83 -1.06 10.98
C SER A 15 -8.42 0.25 11.63
N ARG A 16 -9.27 0.75 12.50
CA ARG A 16 -8.99 1.98 13.23
C ARG A 16 -8.06 1.67 14.39
N ASP A 17 -7.83 0.38 14.59
CA ASP A 17 -6.94 -0.09 15.64
C ASP A 17 -5.55 -0.37 15.08
N VAL A 18 -5.38 -0.16 13.78
CA VAL A 18 -4.10 -0.40 13.12
C VAL A 18 -3.19 0.84 13.24
N THR A 19 -1.98 0.62 13.74
CA THR A 19 -1.02 1.71 13.92
C THR A 19 -0.02 1.76 12.76
N GLU A 20 0.59 2.92 12.57
CA GLU A 20 1.51 3.16 11.47
C GLU A 20 2.78 2.33 11.64
N ALA A 21 3.28 2.26 12.87
CA ALA A 21 4.53 1.58 13.18
C ALA A 21 4.50 0.12 12.72
N LEU A 22 3.34 -0.52 12.87
CA LEU A 22 3.19 -1.92 12.54
C LEU A 22 3.26 -2.10 11.02
N ILE A 23 2.49 -1.30 10.30
CA ILE A 23 2.48 -1.33 8.84
C ILE A 23 3.89 -1.14 8.29
N LEU A 24 4.49 -0.03 8.66
CA LEU A 24 5.77 0.37 8.15
C LEU A 24 6.83 -0.69 8.42
N GLN A 25 6.80 -1.27 9.60
CA GLN A 25 7.78 -2.27 10.00
C GLN A 25 7.66 -3.52 9.13
N LEU A 26 6.44 -3.95 8.88
CA LEU A 26 6.18 -5.15 8.10
C LEU A 26 6.74 -5.04 6.69
N PHE A 27 6.64 -3.85 6.10
CA PHE A 27 7.13 -3.61 4.76
C PHE A 27 8.62 -3.31 4.76
N SER A 28 9.10 -2.66 5.82
CA SER A 28 10.53 -2.37 5.97
C SER A 28 11.33 -3.66 6.11
N GLN A 29 10.66 -4.72 6.54
CA GLN A 29 11.25 -6.05 6.60
C GLN A 29 11.66 -6.49 5.19
N ILE A 30 10.88 -6.09 4.20
CA ILE A 30 11.12 -6.48 2.83
C ILE A 30 11.98 -5.45 2.10
N GLY A 31 11.57 -4.20 2.14
CA GLY A 31 12.29 -3.17 1.41
C GLY A 31 12.28 -1.83 2.12
N PRO A 32 13.22 -0.93 1.76
CA PRO A 32 13.30 0.41 2.34
C PRO A 32 12.07 1.26 1.96
N CYS A 33 11.26 1.58 2.95
CA CYS A 33 10.06 2.38 2.73
C CYS A 33 10.36 3.85 3.02
N LYS A 34 9.81 4.73 2.19
CA LYS A 34 10.01 6.16 2.37
C LYS A 34 8.75 6.85 2.86
N ASN A 35 7.60 6.49 2.30
CA ASN A 35 6.37 7.16 2.64
C ASN A 35 5.29 6.16 3.00
N CYS A 36 4.52 6.51 4.00
CA CYS A 36 3.37 5.73 4.40
C CYS A 36 2.18 6.66 4.48
N LYS A 37 1.31 6.56 3.49
CA LYS A 37 0.17 7.43 3.43
C LYS A 37 -1.02 6.75 4.08
N MET A 38 -1.80 7.53 4.79
CA MET A 38 -2.91 6.99 5.55
C MET A 38 -4.20 7.68 5.14
N ILE A 39 -5.00 6.98 4.36
CA ILE A 39 -6.25 7.54 3.87
C ILE A 39 -7.36 7.34 4.88
N MET A 40 -7.64 8.37 5.65
CA MET A 40 -8.69 8.31 6.65
C MET A 40 -9.90 9.11 6.20
N ASP A 41 -10.96 8.40 5.88
CA ASP A 41 -12.20 9.04 5.47
C ASP A 41 -13.13 9.13 6.67
N THR A 42 -14.33 9.64 6.49
CA THR A 42 -15.25 9.76 7.61
C THR A 42 -15.88 8.41 7.93
N ALA A 43 -16.17 7.63 6.88
CA ALA A 43 -16.81 6.33 7.02
C ALA A 43 -17.01 5.69 5.66
N GLY A 44 -17.49 4.46 5.66
CA GLY A 44 -17.76 3.76 4.43
C GLY A 44 -16.98 2.47 4.34
N ASN A 45 -15.98 2.45 3.49
CA ASN A 45 -15.08 1.31 3.39
C ASN A 45 -13.96 1.47 4.41
N ASP A 46 -13.38 0.34 4.81
CA ASP A 46 -12.26 0.38 5.74
C ASP A 46 -11.06 1.04 5.09
N PRO A 47 -10.39 1.94 5.84
CA PRO A 47 -9.26 2.74 5.35
C PRO A 47 -8.21 1.94 4.59
N TYR A 48 -7.48 2.62 3.72
CA TYR A 48 -6.44 2.00 2.93
C TYR A 48 -5.14 2.81 3.01
N CYS A 49 -4.02 2.12 2.86
CA CYS A 49 -2.72 2.76 3.03
C CYS A 49 -1.92 2.70 1.73
N PHE A 50 -1.18 3.77 1.48
CA PHE A 50 -0.26 3.81 0.34
C PHE A 50 1.17 3.82 0.85
N VAL A 51 1.88 2.73 0.63
CA VAL A 51 3.27 2.63 1.07
C VAL A 51 4.22 2.77 -0.12
N GLU A 52 5.15 3.71 -0.01
CA GLU A 52 6.11 3.97 -1.07
C GLU A 52 7.49 3.44 -0.70
N PHE A 53 8.02 2.58 -1.54
CA PHE A 53 9.34 2.00 -1.33
C PHE A 53 10.39 2.78 -2.13
N HIS A 54 11.65 2.56 -1.80
CA HIS A 54 12.76 3.08 -2.58
C HIS A 54 13.13 2.08 -3.66
N GLU A 55 12.51 0.92 -3.58
CA GLU A 55 12.91 -0.20 -4.39
C GLU A 55 11.69 -1.01 -4.83
N HIS A 56 11.41 -0.97 -6.12
CA HIS A 56 10.23 -1.63 -6.69
C HIS A 56 10.34 -3.15 -6.60
N ARG A 57 11.55 -3.68 -6.72
CA ARG A 57 11.74 -5.12 -6.74
C ARG A 57 11.47 -5.71 -5.36
N HIS A 58 11.76 -4.93 -4.34
CA HIS A 58 11.46 -5.33 -2.97
C HIS A 58 9.99 -5.07 -2.67
N ALA A 59 9.46 -4.01 -3.25
CA ALA A 59 8.05 -3.67 -3.11
C ALA A 59 7.18 -4.80 -3.64
N ALA A 60 7.60 -5.38 -4.77
CA ALA A 60 6.91 -6.50 -5.38
C ALA A 60 6.89 -7.71 -4.45
N ALA A 61 7.99 -7.91 -3.74
CA ALA A 61 8.09 -9.02 -2.80
C ALA A 61 7.14 -8.81 -1.63
N ALA A 62 7.07 -7.57 -1.15
CA ALA A 62 6.17 -7.22 -0.06
C ALA A 62 4.72 -7.40 -0.47
N LEU A 63 4.44 -7.13 -1.75
CA LEU A 63 3.10 -7.31 -2.32
C LEU A 63 2.62 -8.72 -2.07
N ALA A 64 3.37 -9.70 -2.56
CA ALA A 64 2.97 -11.09 -2.51
C ALA A 64 3.11 -11.67 -1.10
N ALA A 65 3.92 -11.03 -0.27
CA ALA A 65 4.19 -11.54 1.07
C ALA A 65 3.17 -11.03 2.08
N MET A 66 2.71 -9.80 1.91
CA MET A 66 1.85 -9.17 2.89
C MET A 66 0.37 -9.29 2.53
N ASN A 67 0.08 -9.47 1.26
CA ASN A 67 -1.31 -9.59 0.82
C ASN A 67 -1.95 -10.84 1.40
N GLY A 68 -2.89 -10.64 2.30
CA GLY A 68 -3.55 -11.76 2.94
C GLY A 68 -3.15 -11.91 4.39
N ARG A 69 -2.38 -10.95 4.89
CA ARG A 69 -1.99 -10.96 6.29
C ARG A 69 -3.16 -10.48 7.14
N LYS A 70 -3.16 -10.84 8.41
CA LYS A 70 -4.24 -10.46 9.28
C LYS A 70 -3.73 -9.58 10.40
N ILE A 71 -4.23 -8.36 10.45
CA ILE A 71 -3.76 -7.36 11.41
C ILE A 71 -4.92 -6.78 12.20
N MET A 72 -4.87 -6.99 13.52
CA MET A 72 -5.88 -6.45 14.44
C MET A 72 -7.27 -6.99 14.12
N GLY A 73 -7.33 -8.25 13.70
CA GLY A 73 -8.59 -8.90 13.45
C GLY A 73 -9.03 -8.84 11.99
N LYS A 74 -8.44 -7.94 11.22
CA LYS A 74 -8.81 -7.78 9.82
C LYS A 74 -7.71 -8.25 8.89
N GLU A 75 -8.10 -9.00 7.87
CA GLU A 75 -7.16 -9.49 6.89
C GLU A 75 -6.95 -8.42 5.81
N VAL A 76 -5.71 -8.00 5.68
CA VAL A 76 -5.35 -6.92 4.78
C VAL A 76 -5.30 -7.41 3.34
N LYS A 77 -5.47 -6.47 2.42
CA LYS A 77 -5.45 -6.79 1.00
C LYS A 77 -4.54 -5.83 0.27
N VAL A 78 -3.42 -6.36 -0.21
CA VAL A 78 -2.41 -5.54 -0.85
C VAL A 78 -2.43 -5.77 -2.36
N ASN A 79 -2.75 -4.72 -3.11
CA ASN A 79 -2.72 -4.80 -4.56
C ASN A 79 -1.84 -3.71 -5.13
N TRP A 80 -1.54 -3.81 -6.43
CA TRP A 80 -0.70 -2.83 -7.10
C TRP A 80 -1.40 -1.48 -7.19
N ALA A 81 -0.78 -0.44 -6.66
CA ALA A 81 -1.27 0.90 -6.85
C ALA A 81 -0.52 1.55 -8.02
N THR A 82 -1.07 1.40 -9.21
CA THR A 82 -0.43 1.89 -10.41
C THR A 82 -0.99 3.24 -10.82
N THR A 83 -0.24 3.94 -11.65
CA THR A 83 -0.70 5.20 -12.20
C THR A 83 -0.92 5.04 -13.70
N PRO A 84 -2.19 5.10 -14.14
CA PRO A 84 -2.57 4.94 -15.54
C PRO A 84 -1.97 6.02 -16.42
N SER A 85 -0.83 5.72 -17.02
CA SER A 85 -0.15 6.65 -17.89
C SER A 85 -0.70 6.54 -19.30
N SER A 86 -1.94 6.99 -19.48
CA SER A 86 -2.60 6.94 -20.78
C SER A 86 -1.99 7.97 -21.73
N GLN A 87 -0.91 7.57 -22.38
CA GLN A 87 -0.20 8.45 -23.30
C GLN A 87 -0.77 8.32 -24.70
N LYS A 88 -0.93 7.09 -25.17
CA LYS A 88 -1.42 6.83 -26.51
C LYS A 88 -2.95 6.89 -26.55
N LYS A 89 -3.46 8.10 -26.36
CA LYS A 89 -4.89 8.38 -26.43
C LYS A 89 -5.09 9.67 -27.20
N ASP A 90 -4.37 10.70 -26.78
CA ASP A 90 -4.35 11.97 -27.49
C ASP A 90 -2.98 12.15 -28.12
N THR A 91 -2.62 13.39 -28.47
CA THR A 91 -1.35 13.66 -29.14
C THR A 91 -1.32 12.99 -30.51
N SER A 92 -1.73 13.75 -31.53
CA SER A 92 -1.88 13.24 -32.89
C SER A 92 -2.99 12.19 -32.94
N MET A 1 5.22 2.59 -19.76
CA MET A 1 6.40 2.15 -18.96
C MET A 1 6.21 2.51 -17.50
N GLU A 2 5.82 3.75 -17.25
CA GLU A 2 5.55 4.23 -15.90
C GLU A 2 4.31 3.54 -15.32
N ASP A 3 3.40 3.18 -16.22
CA ASP A 3 2.18 2.48 -15.86
C ASP A 3 2.47 1.02 -15.56
N GLU A 4 3.72 0.62 -15.80
CA GLU A 4 4.15 -0.75 -15.58
C GLU A 4 5.15 -0.79 -14.43
N MET A 5 5.37 0.35 -13.81
CA MET A 5 6.25 0.44 -12.65
C MET A 5 5.55 1.22 -11.54
N PRO A 6 4.52 0.62 -10.91
CA PRO A 6 3.73 1.29 -9.88
C PRO A 6 4.57 1.81 -8.72
N LYS A 7 5.35 0.92 -8.10
CA LYS A 7 6.26 1.27 -6.99
C LYS A 7 5.48 1.59 -5.71
N THR A 8 4.18 1.81 -5.86
CA THR A 8 3.31 2.10 -4.73
C THR A 8 2.39 0.92 -4.48
N LEU A 9 2.26 0.54 -3.22
CA LEU A 9 1.38 -0.56 -2.85
C LEU A 9 0.10 -0.03 -2.23
N TYR A 10 -1.01 -0.58 -2.66
CA TYR A 10 -2.32 -0.20 -2.16
C TYR A 10 -2.74 -1.16 -1.06
N VAL A 11 -2.76 -0.66 0.16
CA VAL A 11 -3.21 -1.46 1.29
C VAL A 11 -4.58 -0.97 1.75
N GLY A 12 -5.54 -1.88 1.80
CA GLY A 12 -6.87 -1.52 2.20
C GLY A 12 -7.36 -2.34 3.37
N ASN A 13 -8.57 -2.05 3.83
CA ASN A 13 -9.18 -2.73 4.99
C ASN A 13 -8.41 -2.42 6.26
N LEU A 14 -7.90 -1.20 6.35
CA LEU A 14 -7.18 -0.76 7.53
C LEU A 14 -8.12 -0.64 8.72
N SER A 15 -7.59 -0.91 9.88
CA SER A 15 -8.38 -0.89 11.10
C SER A 15 -7.92 0.25 12.00
N ARG A 16 -8.80 0.71 12.86
CA ARG A 16 -8.52 1.87 13.71
C ARG A 16 -7.60 1.45 14.86
N ASP A 17 -7.51 0.15 15.06
CA ASP A 17 -6.63 -0.43 16.07
C ASP A 17 -5.29 -0.81 15.44
N VAL A 18 -5.13 -0.47 14.17
CA VAL A 18 -3.86 -0.65 13.47
C VAL A 18 -3.02 0.61 13.64
N THR A 19 -1.77 0.42 14.06
CA THR A 19 -0.87 1.54 14.28
C THR A 19 0.03 1.75 13.06
N GLU A 20 0.39 3.00 12.82
CA GLU A 20 1.29 3.36 11.72
C GLU A 20 2.62 2.63 11.88
N ALA A 21 3.05 2.50 13.14
CA ALA A 21 4.31 1.82 13.46
C ALA A 21 4.32 0.39 12.96
N LEU A 22 3.14 -0.24 12.95
CA LEU A 22 3.01 -1.62 12.52
C LEU A 22 3.18 -1.71 11.01
N ILE A 23 2.37 -0.94 10.30
CA ILE A 23 2.40 -0.93 8.83
C ILE A 23 3.78 -0.57 8.32
N LEU A 24 4.36 0.50 8.87
CA LEU A 24 5.70 0.93 8.51
C LEU A 24 6.72 -0.19 8.71
N GLN A 25 6.64 -0.86 9.86
CA GLN A 25 7.59 -1.90 10.20
C GLN A 25 7.44 -3.11 9.28
N LEU A 26 6.18 -3.47 8.99
CA LEU A 26 5.89 -4.63 8.16
C LEU A 26 6.53 -4.50 6.78
N PHE A 27 6.44 -3.32 6.20
CA PHE A 27 7.02 -3.07 4.88
C PHE A 27 8.50 -2.75 4.98
N SER A 28 8.91 -2.16 6.11
CA SER A 28 10.31 -1.89 6.39
C SER A 28 11.10 -3.20 6.43
N GLN A 29 10.44 -4.27 6.84
CA GLN A 29 11.03 -5.58 6.92
C GLN A 29 11.43 -6.07 5.53
N ILE A 30 10.72 -5.61 4.51
CA ILE A 30 10.94 -6.06 3.15
C ILE A 30 11.84 -5.09 2.40
N GLY A 31 11.50 -3.80 2.43
CA GLY A 31 12.28 -2.82 1.70
C GLY A 31 12.19 -1.43 2.30
N PRO A 32 13.22 -0.61 2.08
CA PRO A 32 13.22 0.80 2.49
C PRO A 32 12.00 1.55 1.98
N CYS A 33 11.15 1.97 2.92
CA CYS A 33 9.92 2.67 2.59
C CYS A 33 10.19 4.14 2.28
N LYS A 34 9.56 4.62 1.23
CA LYS A 34 9.73 5.98 0.76
C LYS A 34 8.74 6.91 1.46
N ASN A 35 7.48 6.51 1.45
CA ASN A 35 6.41 7.29 2.08
C ASN A 35 5.17 6.42 2.24
N CYS A 36 4.38 6.70 3.26
CA CYS A 36 3.18 5.93 3.54
C CYS A 36 2.00 6.86 3.75
N LYS A 37 1.07 6.84 2.81
CA LYS A 37 -0.08 7.73 2.88
C LYS A 37 -1.29 7.02 3.46
N MET A 38 -1.62 7.36 4.69
CA MET A 38 -2.82 6.84 5.32
C MET A 38 -3.99 7.76 5.03
N ILE A 39 -4.81 7.35 4.07
CA ILE A 39 -5.94 8.16 3.65
C ILE A 39 -7.07 8.04 4.67
N MET A 40 -7.31 9.13 5.39
CA MET A 40 -8.37 9.17 6.38
C MET A 40 -9.73 9.22 5.70
N ASP A 41 -10.61 8.31 6.12
CA ASP A 41 -11.94 8.23 5.54
C ASP A 41 -12.96 8.88 6.48
N THR A 42 -14.23 8.59 6.26
CA THR A 42 -15.31 9.07 7.12
C THR A 42 -15.24 8.45 8.53
N ALA A 43 -14.23 7.61 8.76
CA ALA A 43 -14.03 6.89 10.03
C ALA A 43 -15.01 5.72 10.16
N GLY A 44 -16.01 5.70 9.30
CA GLY A 44 -17.00 4.63 9.34
C GLY A 44 -17.01 3.80 8.07
N ASN A 45 -16.07 4.06 7.18
CA ASN A 45 -15.96 3.30 5.94
C ASN A 45 -14.69 2.44 5.99
N ASP A 46 -13.98 2.34 4.87
CA ASP A 46 -12.77 1.54 4.83
C ASP A 46 -11.57 2.41 4.50
N PRO A 47 -10.63 2.55 5.44
CA PRO A 47 -9.41 3.33 5.25
C PRO A 47 -8.36 2.56 4.44
N TYR A 48 -7.59 3.28 3.65
CA TYR A 48 -6.59 2.66 2.80
C TYR A 48 -5.28 3.45 2.83
N CYS A 49 -4.18 2.74 2.62
CA CYS A 49 -2.85 3.33 2.71
C CYS A 49 -2.07 3.10 1.43
N PHE A 50 -1.34 4.13 1.01
CA PHE A 50 -0.45 4.05 -0.13
C PHE A 50 0.99 4.05 0.32
N VAL A 51 1.65 2.90 0.26
CA VAL A 51 3.03 2.82 0.67
C VAL A 51 3.96 2.75 -0.54
N GLU A 52 4.91 3.66 -0.60
CA GLU A 52 5.88 3.70 -1.68
C GLU A 52 7.21 3.13 -1.22
N PHE A 53 7.89 2.42 -2.12
CA PHE A 53 9.18 1.82 -1.82
C PHE A 53 10.26 2.43 -2.69
N HIS A 54 11.50 2.37 -2.21
CA HIS A 54 12.66 2.69 -3.02
C HIS A 54 13.10 1.44 -3.76
N GLU A 55 12.47 0.33 -3.37
CA GLU A 55 12.81 -0.98 -3.90
C GLU A 55 11.61 -1.59 -4.62
N HIS A 56 11.55 -1.39 -5.94
CA HIS A 56 10.49 -1.99 -6.74
C HIS A 56 10.64 -3.51 -6.73
N ARG A 57 11.88 -3.96 -6.58
CA ARG A 57 12.19 -5.39 -6.50
C ARG A 57 11.65 -5.97 -5.20
N HIS A 58 11.73 -5.20 -4.13
CA HIS A 58 11.29 -5.66 -2.82
C HIS A 58 9.79 -5.45 -2.65
N ALA A 59 9.25 -4.48 -3.36
CA ALA A 59 7.82 -4.21 -3.34
C ALA A 59 7.01 -5.46 -3.72
N ALA A 60 7.53 -6.20 -4.68
CA ALA A 60 6.91 -7.43 -5.14
C ALA A 60 6.82 -8.47 -4.02
N ALA A 61 7.92 -8.61 -3.29
CA ALA A 61 7.99 -9.57 -2.20
C ALA A 61 7.07 -9.17 -1.06
N ALA A 62 7.00 -7.87 -0.80
CA ALA A 62 6.11 -7.34 0.23
C ALA A 62 4.65 -7.65 -0.10
N LEU A 63 4.29 -7.46 -1.36
CA LEU A 63 2.93 -7.73 -1.83
C LEU A 63 2.60 -9.21 -1.64
N ALA A 64 3.56 -10.07 -1.95
CA ALA A 64 3.35 -11.51 -1.89
C ALA A 64 3.22 -12.02 -0.46
N ALA A 65 3.94 -11.40 0.46
CA ALA A 65 3.99 -11.87 1.83
C ALA A 65 2.91 -11.25 2.70
N MET A 66 2.53 -10.02 2.41
CA MET A 66 1.63 -9.29 3.29
C MET A 66 0.17 -9.38 2.85
N ASN A 67 -0.07 -9.61 1.56
CA ASN A 67 -1.44 -9.70 1.05
C ASN A 67 -2.06 -11.03 1.47
N GLY A 68 -3.33 -10.98 1.86
CA GLY A 68 -4.04 -12.19 2.24
C GLY A 68 -3.72 -12.63 3.65
N ARG A 69 -3.05 -11.77 4.39
CA ARG A 69 -2.64 -12.10 5.74
C ARG A 69 -3.62 -11.52 6.76
N LYS A 70 -3.62 -12.06 7.96
CA LYS A 70 -4.50 -11.58 9.01
C LYS A 70 -3.75 -10.62 9.91
N ILE A 71 -3.97 -9.34 9.73
CA ILE A 71 -3.33 -8.33 10.55
C ILE A 71 -4.31 -7.84 11.61
N MET A 72 -3.95 -8.01 12.87
CA MET A 72 -4.81 -7.66 14.01
C MET A 72 -6.02 -8.59 14.08
N GLY A 73 -6.93 -8.42 13.14
CA GLY A 73 -8.13 -9.24 13.07
C GLY A 73 -8.92 -8.94 11.82
N LYS A 74 -8.20 -8.63 10.74
CA LYS A 74 -8.84 -8.22 9.50
C LYS A 74 -8.17 -8.91 8.31
N GLU A 75 -8.94 -9.15 7.26
CA GLU A 75 -8.40 -9.70 6.03
C GLU A 75 -7.88 -8.54 5.19
N VAL A 76 -6.56 -8.45 5.09
CA VAL A 76 -5.93 -7.26 4.53
C VAL A 76 -5.75 -7.35 3.03
N LYS A 77 -5.41 -6.23 2.43
CA LYS A 77 -5.22 -6.14 1.00
C LYS A 77 -3.93 -5.41 0.68
N VAL A 78 -3.04 -6.06 -0.04
CA VAL A 78 -1.82 -5.42 -0.51
C VAL A 78 -1.72 -5.61 -2.01
N ASN A 79 -2.11 -4.58 -2.74
CA ASN A 79 -2.15 -4.67 -4.20
C ASN A 79 -1.22 -3.63 -4.80
N TRP A 80 -0.92 -3.78 -6.08
CA TRP A 80 -0.06 -2.84 -6.77
C TRP A 80 -0.88 -1.67 -7.30
N ALA A 81 -0.66 -0.50 -6.73
CA ALA A 81 -1.43 0.68 -7.06
C ALA A 81 -0.78 1.46 -8.18
N THR A 82 -1.48 1.52 -9.30
CA THR A 82 -1.03 2.29 -10.44
C THR A 82 -1.58 3.70 -10.38
N THR A 83 -1.10 4.56 -11.27
CA THR A 83 -1.61 5.91 -11.35
C THR A 83 -2.81 6.00 -12.27
N PRO A 84 -4.01 6.24 -11.71
CA PRO A 84 -5.24 6.38 -12.48
C PRO A 84 -5.26 7.70 -13.24
N SER A 85 -4.71 7.68 -14.45
CA SER A 85 -4.53 8.87 -15.26
C SER A 85 -5.83 9.34 -15.92
N SER A 86 -6.92 9.33 -15.16
CA SER A 86 -8.19 9.80 -15.63
C SER A 86 -8.69 10.91 -14.72
N GLN A 87 -7.75 11.71 -14.25
CA GLN A 87 -8.02 12.84 -13.38
C GLN A 87 -7.47 14.12 -14.00
N LYS A 88 -7.60 15.23 -13.28
CA LYS A 88 -7.04 16.52 -13.68
C LYS A 88 -7.76 17.13 -14.89
N LYS A 89 -7.95 16.33 -15.93
CA LYS A 89 -8.65 16.79 -17.13
C LYS A 89 -10.10 16.31 -17.12
N ASP A 90 -10.34 15.17 -16.48
CA ASP A 90 -11.68 14.60 -16.41
C ASP A 90 -12.42 15.11 -15.19
N THR A 91 -11.67 15.42 -14.16
CA THR A 91 -12.24 15.88 -12.91
C THR A 91 -11.28 16.87 -12.26
N SER A 92 -11.82 17.75 -11.43
CA SER A 92 -11.01 18.72 -10.72
C SER A 92 -11.47 18.83 -9.28
N MET A 1 6.51 2.14 -20.06
CA MET A 1 7.69 1.43 -19.51
C MET A 1 8.07 1.99 -18.15
N GLU A 2 7.99 3.30 -17.99
CA GLU A 2 8.31 3.95 -16.72
C GLU A 2 7.21 3.68 -15.71
N ASP A 3 6.04 3.31 -16.23
CA ASP A 3 4.88 3.01 -15.43
C ASP A 3 4.95 1.58 -14.88
N GLU A 4 5.97 0.84 -15.32
CA GLU A 4 6.16 -0.53 -14.89
C GLU A 4 6.77 -0.59 -13.49
N MET A 5 7.13 0.56 -12.94
CA MET A 5 7.75 0.61 -11.62
C MET A 5 6.94 1.50 -10.67
N PRO A 6 5.75 1.04 -10.23
CA PRO A 6 4.93 1.79 -9.28
C PRO A 6 5.62 1.95 -7.94
N LYS A 7 5.94 0.81 -7.32
CA LYS A 7 6.63 0.74 -6.03
C LYS A 7 5.70 1.12 -4.89
N THR A 8 4.53 1.63 -5.23
CA THR A 8 3.53 1.99 -4.24
C THR A 8 2.57 0.82 -4.00
N LEU A 9 2.52 0.35 -2.77
CA LEU A 9 1.61 -0.73 -2.41
C LEU A 9 0.33 -0.16 -1.83
N TYR A 10 -0.80 -0.59 -2.38
CA TYR A 10 -2.10 -0.18 -1.90
C TYR A 10 -2.61 -1.22 -0.92
N VAL A 11 -2.82 -0.81 0.32
CA VAL A 11 -3.35 -1.70 1.34
C VAL A 11 -4.72 -1.22 1.82
N GLY A 12 -5.72 -2.06 1.67
CA GLY A 12 -7.04 -1.71 2.13
C GLY A 12 -7.42 -2.48 3.38
N ASN A 13 -8.52 -2.06 4.01
CA ASN A 13 -9.08 -2.73 5.18
C ASN A 13 -8.28 -2.44 6.45
N LEU A 14 -8.02 -1.17 6.69
CA LEU A 14 -7.36 -0.75 7.93
C LEU A 14 -8.39 -0.49 9.02
N SER A 15 -7.91 -0.16 10.20
CA SER A 15 -8.77 0.16 11.32
C SER A 15 -8.08 1.19 12.20
N ARG A 16 -8.82 1.79 13.13
CA ARG A 16 -8.24 2.78 14.03
C ARG A 16 -7.27 2.10 14.99
N ASP A 17 -7.50 0.80 15.18
CA ASP A 17 -6.64 -0.02 16.03
C ASP A 17 -5.27 -0.17 15.39
N VAL A 18 -5.22 -0.13 14.07
CA VAL A 18 -3.98 -0.33 13.34
C VAL A 18 -3.07 0.89 13.47
N THR A 19 -1.86 0.66 13.96
CA THR A 19 -0.88 1.73 14.09
C THR A 19 0.00 1.80 12.86
N GLU A 20 0.40 3.02 12.51
CA GLU A 20 1.31 3.26 11.40
C GLU A 20 2.63 2.53 11.62
N ALA A 21 3.05 2.47 12.89
CA ALA A 21 4.31 1.85 13.25
C ALA A 21 4.34 0.39 12.84
N LEU A 22 3.20 -0.28 12.95
CA LEU A 22 3.09 -1.68 12.60
C LEU A 22 3.25 -1.87 11.10
N ILE A 23 2.43 -1.14 10.34
CA ILE A 23 2.41 -1.24 8.89
C ILE A 23 3.76 -0.91 8.28
N LEU A 24 4.31 0.24 8.63
CA LEU A 24 5.58 0.70 8.08
C LEU A 24 6.71 -0.23 8.47
N GLN A 25 6.68 -0.74 9.69
CA GLN A 25 7.71 -1.66 10.17
C GLN A 25 7.72 -2.94 9.35
N LEU A 26 6.54 -3.48 9.09
CA LEU A 26 6.40 -4.71 8.33
C LEU A 26 6.93 -4.52 6.91
N PHE A 27 6.57 -3.40 6.30
CA PHE A 27 7.04 -3.09 4.96
C PHE A 27 8.53 -2.79 4.95
N SER A 28 9.03 -2.15 6.00
CA SER A 28 10.45 -1.85 6.13
C SER A 28 11.28 -3.13 6.15
N GLN A 29 10.69 -4.21 6.67
CA GLN A 29 11.36 -5.49 6.71
C GLN A 29 11.50 -6.07 5.29
N ILE A 30 10.58 -5.69 4.42
CA ILE A 30 10.58 -6.17 3.05
C ILE A 30 11.39 -5.24 2.16
N GLY A 31 11.06 -3.96 2.18
CA GLY A 31 11.75 -3.01 1.33
C GLY A 31 11.82 -1.64 1.95
N PRO A 32 12.74 -0.78 1.47
CA PRO A 32 12.87 0.59 1.96
C PRO A 32 11.65 1.45 1.61
N CYS A 33 10.93 1.91 2.63
CA CYS A 33 9.75 2.73 2.43
C CYS A 33 10.13 4.21 2.40
N LYS A 34 9.75 4.89 1.32
CA LYS A 34 10.14 6.28 1.11
C LYS A 34 9.16 7.23 1.77
N ASN A 35 7.88 6.91 1.68
CA ASN A 35 6.83 7.78 2.22
C ASN A 35 5.56 6.96 2.42
N CYS A 36 4.72 7.40 3.36
CA CYS A 36 3.52 6.66 3.70
C CYS A 36 2.29 7.56 3.62
N LYS A 37 1.17 6.95 3.25
CA LYS A 37 -0.11 7.64 3.18
C LYS A 37 -1.13 6.93 4.05
N MET A 38 -1.51 7.55 5.13
CA MET A 38 -2.56 7.01 5.99
C MET A 38 -3.89 7.65 5.62
N ILE A 39 -4.68 6.94 4.84
CA ILE A 39 -5.96 7.49 4.39
C ILE A 39 -7.12 6.74 5.04
N MET A 40 -7.48 7.18 6.24
CA MET A 40 -8.63 6.63 6.92
C MET A 40 -9.89 7.35 6.47
N ASP A 41 -10.43 6.86 5.37
CA ASP A 41 -11.56 7.49 4.71
C ASP A 41 -12.77 7.53 5.65
N THR A 42 -13.36 8.71 5.75
CA THR A 42 -14.47 8.91 6.66
C THR A 42 -15.81 8.90 5.93
N ALA A 43 -15.78 8.89 4.60
CA ALA A 43 -17.00 9.01 3.83
C ALA A 43 -17.09 7.99 2.70
N GLY A 44 -15.96 7.63 2.13
CA GLY A 44 -15.95 6.73 1.00
C GLY A 44 -15.95 5.27 1.40
N ASN A 45 -14.78 4.66 1.37
CA ASN A 45 -14.67 3.22 1.62
C ASN A 45 -13.98 2.96 2.95
N ASP A 46 -13.68 1.69 3.20
CA ASP A 46 -12.99 1.30 4.43
C ASP A 46 -11.54 1.76 4.37
N PRO A 47 -11.04 2.39 5.45
CA PRO A 47 -9.71 3.01 5.52
C PRO A 47 -8.61 2.22 4.82
N TYR A 48 -7.82 2.92 4.03
CA TYR A 48 -6.78 2.30 3.22
C TYR A 48 -5.46 3.06 3.38
N CYS A 49 -4.38 2.44 2.93
CA CYS A 49 -3.05 3.02 3.08
C CYS A 49 -2.25 2.89 1.79
N PHE A 50 -1.49 3.92 1.49
CA PHE A 50 -0.52 3.90 0.41
C PHE A 50 0.87 3.90 1.00
N VAL A 51 1.77 3.11 0.43
CA VAL A 51 3.15 3.13 0.89
C VAL A 51 4.10 3.06 -0.30
N GLU A 52 4.84 4.16 -0.50
CA GLU A 52 5.77 4.26 -1.62
C GLU A 52 7.13 3.67 -1.24
N PHE A 53 7.54 2.63 -1.95
CA PHE A 53 8.84 2.01 -1.74
C PHE A 53 9.90 2.66 -2.61
N HIS A 54 11.15 2.51 -2.18
CA HIS A 54 12.30 2.98 -2.97
C HIS A 54 12.63 1.97 -4.04
N GLU A 55 12.08 0.77 -3.88
CA GLU A 55 12.54 -0.36 -4.64
C GLU A 55 11.37 -1.25 -5.04
N HIS A 56 11.25 -1.50 -6.35
CA HIS A 56 10.13 -2.26 -6.89
C HIS A 56 10.30 -3.76 -6.68
N ARG A 57 11.53 -4.24 -6.75
CA ARG A 57 11.79 -5.67 -6.65
C ARG A 57 11.46 -6.19 -5.25
N HIS A 58 11.68 -5.34 -4.25
CA HIS A 58 11.31 -5.67 -2.88
C HIS A 58 9.82 -5.52 -2.68
N ALA A 59 9.25 -4.58 -3.42
CA ALA A 59 7.81 -4.33 -3.39
C ALA A 59 7.04 -5.53 -3.96
N ALA A 60 7.73 -6.31 -4.79
CA ALA A 60 7.17 -7.53 -5.36
C ALA A 60 6.97 -8.58 -4.27
N ALA A 61 7.95 -8.69 -3.39
CA ALA A 61 7.89 -9.63 -2.28
C ALA A 61 6.84 -9.16 -1.27
N ALA A 62 6.72 -7.85 -1.10
CA ALA A 62 5.72 -7.28 -0.22
C ALA A 62 4.32 -7.64 -0.70
N LEU A 63 4.16 -7.71 -2.01
CA LEU A 63 2.87 -8.04 -2.60
C LEU A 63 2.43 -9.44 -2.18
N ALA A 64 3.36 -10.39 -2.21
CA ALA A 64 3.07 -11.77 -1.91
C ALA A 64 3.05 -12.06 -0.40
N ALA A 65 3.92 -11.38 0.33
CA ALA A 65 4.09 -11.65 1.76
C ALA A 65 3.12 -10.87 2.63
N MET A 66 2.78 -9.65 2.20
CA MET A 66 1.91 -8.80 3.01
C MET A 66 0.46 -9.07 2.69
N ASN A 67 0.14 -9.26 1.43
CA ASN A 67 -1.23 -9.60 1.05
C ASN A 67 -1.51 -11.04 1.42
N GLY A 68 -2.36 -11.22 2.42
CA GLY A 68 -2.61 -12.55 2.95
C GLY A 68 -2.21 -12.65 4.40
N ARG A 69 -1.58 -11.60 4.91
CA ARG A 69 -1.22 -11.51 6.31
C ARG A 69 -2.48 -11.30 7.13
N LYS A 70 -2.42 -11.49 8.44
CA LYS A 70 -3.58 -11.26 9.26
C LYS A 70 -3.31 -10.20 10.31
N ILE A 71 -4.07 -9.12 10.25
CA ILE A 71 -3.90 -8.00 11.15
C ILE A 71 -5.24 -7.49 11.64
N MET A 72 -5.45 -7.54 12.96
CA MET A 72 -6.66 -7.03 13.59
C MET A 72 -7.93 -7.66 13.02
N GLY A 73 -7.80 -8.93 12.62
CA GLY A 73 -8.95 -9.68 12.14
C GLY A 73 -9.52 -9.17 10.84
N LYS A 74 -8.74 -8.42 10.08
CA LYS A 74 -9.18 -7.91 8.79
C LYS A 74 -8.24 -8.38 7.68
N GLU A 75 -8.79 -8.59 6.49
CA GLU A 75 -8.02 -9.01 5.34
C GLU A 75 -7.19 -7.86 4.80
N VAL A 76 -5.90 -7.93 4.99
CA VAL A 76 -5.00 -6.94 4.45
C VAL A 76 -4.86 -7.15 2.94
N LYS A 77 -5.43 -6.24 2.18
CA LYS A 77 -5.43 -6.37 0.74
C LYS A 77 -4.41 -5.44 0.13
N VAL A 78 -3.34 -6.03 -0.38
CA VAL A 78 -2.22 -5.28 -0.91
C VAL A 78 -2.06 -5.51 -2.40
N ASN A 79 -2.21 -4.46 -3.18
CA ASN A 79 -1.97 -4.53 -4.61
C ASN A 79 -1.03 -3.41 -5.01
N TRP A 80 -0.36 -3.57 -6.14
CA TRP A 80 0.56 -2.56 -6.62
C TRP A 80 -0.18 -1.49 -7.42
N ALA A 81 -0.39 -0.35 -6.80
CA ALA A 81 -1.13 0.74 -7.41
C ALA A 81 -0.23 1.55 -8.34
N THR A 82 -0.27 1.22 -9.62
CA THR A 82 0.56 1.89 -10.61
C THR A 82 0.09 3.31 -10.87
N THR A 83 1.03 4.16 -11.23
CA THR A 83 0.72 5.49 -11.72
C THR A 83 0.76 5.48 -13.25
N PRO A 84 -0.41 5.47 -13.90
CA PRO A 84 -0.52 5.35 -15.36
C PRO A 84 -0.23 6.67 -16.07
N SER A 85 0.68 7.46 -15.51
CA SER A 85 1.02 8.79 -16.01
C SER A 85 -0.23 9.61 -16.33
N SER A 86 -1.25 9.47 -15.48
CA SER A 86 -2.50 10.20 -15.67
C SER A 86 -2.46 11.47 -14.85
N GLN A 87 -1.70 12.45 -15.33
CA GLN A 87 -1.54 13.70 -14.65
C GLN A 87 -2.55 14.72 -15.15
N LYS A 88 -3.45 15.15 -14.28
CA LYS A 88 -4.39 16.20 -14.63
C LYS A 88 -3.82 17.56 -14.23
N LYS A 89 -2.61 17.83 -14.73
CA LYS A 89 -1.92 19.07 -14.43
C LYS A 89 -2.08 20.04 -15.59
N ASP A 90 -2.34 19.49 -16.77
CA ASP A 90 -2.65 20.27 -17.96
C ASP A 90 -3.85 21.18 -17.71
N THR A 91 -3.66 22.47 -17.92
CA THR A 91 -4.70 23.44 -17.68
C THR A 91 -5.64 23.52 -18.88
N SER A 92 -6.86 23.03 -18.69
CA SER A 92 -7.89 23.11 -19.71
C SER A 92 -9.22 23.48 -19.08
N MET A 1 3.89 3.50 -20.33
CA MET A 1 4.17 2.26 -19.59
C MET A 1 4.06 2.50 -18.08
N GLU A 2 3.09 3.30 -17.70
CA GLU A 2 2.92 3.70 -16.30
C GLU A 2 2.31 2.56 -15.49
N ASP A 3 1.48 1.77 -16.15
CA ASP A 3 0.87 0.60 -15.52
C ASP A 3 1.95 -0.41 -15.13
N GLU A 4 2.98 -0.48 -15.96
CA GLU A 4 4.09 -1.39 -15.76
C GLU A 4 4.88 -1.01 -14.51
N MET A 5 4.77 0.24 -14.10
CA MET A 5 5.60 0.77 -13.02
C MET A 5 4.76 1.48 -11.95
N PRO A 6 4.01 0.73 -11.13
CA PRO A 6 3.21 1.30 -10.05
C PRO A 6 4.08 1.78 -8.87
N LYS A 7 5.03 0.93 -8.47
CA LYS A 7 5.97 1.20 -7.38
C LYS A 7 5.29 1.20 -6.00
N THR A 8 4.25 2.00 -5.85
CA THR A 8 3.59 2.18 -4.57
C THR A 8 2.59 1.07 -4.28
N LEU A 9 2.55 0.62 -3.04
CA LEU A 9 1.62 -0.43 -2.62
C LEU A 9 0.35 0.18 -2.05
N TYR A 10 -0.77 -0.42 -2.41
CA TYR A 10 -2.08 0.02 -1.96
C TYR A 10 -2.59 -0.95 -0.89
N VAL A 11 -2.56 -0.52 0.36
CA VAL A 11 -3.06 -1.35 1.46
C VAL A 11 -4.32 -0.75 2.05
N GLY A 12 -5.44 -1.44 1.87
CA GLY A 12 -6.71 -0.93 2.35
C GLY A 12 -7.26 -1.75 3.50
N ASN A 13 -8.52 -1.46 3.85
CA ASN A 13 -9.22 -2.15 4.94
C ASN A 13 -8.52 -1.92 6.27
N LEU A 14 -8.11 -0.69 6.53
CA LEU A 14 -7.45 -0.36 7.78
C LEU A 14 -8.44 -0.40 8.95
N SER A 15 -7.90 -0.57 10.15
CA SER A 15 -8.72 -0.65 11.34
C SER A 15 -8.15 0.27 12.43
N ARG A 16 -8.97 0.64 13.39
CA ARG A 16 -8.57 1.60 14.42
C ARG A 16 -7.34 1.11 15.19
N ASP A 17 -7.32 -0.18 15.51
CA ASP A 17 -6.24 -0.76 16.30
C ASP A 17 -5.00 -1.00 15.45
N VAL A 18 -5.08 -0.69 14.16
CA VAL A 18 -3.94 -0.81 13.27
C VAL A 18 -3.12 0.46 13.29
N THR A 19 -1.94 0.39 13.90
CA THR A 19 -1.06 1.54 13.97
C THR A 19 -0.14 1.61 12.75
N GLU A 20 0.13 2.84 12.32
CA GLU A 20 1.04 3.11 11.22
C GLU A 20 2.42 2.50 11.49
N ALA A 21 2.85 2.60 12.74
CA ALA A 21 4.17 2.11 13.14
C ALA A 21 4.36 0.63 12.80
N LEU A 22 3.34 -0.16 13.08
CA LEU A 22 3.41 -1.60 12.86
C LEU A 22 3.45 -1.92 11.38
N ILE A 23 2.49 -1.38 10.63
CA ILE A 23 2.40 -1.59 9.19
C ILE A 23 3.73 -1.26 8.50
N LEU A 24 4.24 -0.06 8.74
CA LEU A 24 5.48 0.38 8.12
C LEU A 24 6.66 -0.49 8.54
N GLN A 25 6.68 -0.88 9.80
CA GLN A 25 7.76 -1.73 10.33
C GLN A 25 7.83 -3.05 9.57
N LEU A 26 6.67 -3.65 9.34
CA LEU A 26 6.60 -4.92 8.63
C LEU A 26 7.13 -4.78 7.21
N PHE A 27 6.73 -3.70 6.54
CA PHE A 27 7.17 -3.41 5.18
C PHE A 27 8.65 -3.03 5.17
N SER A 28 9.11 -2.37 6.23
CA SER A 28 10.50 -1.94 6.33
C SER A 28 11.42 -3.16 6.46
N GLN A 29 10.87 -4.27 6.93
CA GLN A 29 11.63 -5.51 7.01
C GLN A 29 11.81 -6.11 5.61
N ILE A 30 10.88 -5.79 4.72
CA ILE A 30 10.94 -6.28 3.34
C ILE A 30 11.81 -5.36 2.49
N GLY A 31 11.52 -4.07 2.54
CA GLY A 31 12.26 -3.11 1.76
C GLY A 31 12.37 -1.77 2.45
N PRO A 32 13.02 -0.80 1.81
CA PRO A 32 13.17 0.55 2.37
C PRO A 32 11.91 1.37 2.20
N CYS A 33 11.21 1.59 3.31
CA CYS A 33 9.99 2.39 3.31
C CYS A 33 10.32 3.87 3.15
N LYS A 34 9.79 4.47 2.10
CA LYS A 34 10.00 5.87 1.81
C LYS A 34 9.03 6.73 2.58
N ASN A 35 7.74 6.47 2.37
CA ASN A 35 6.69 7.33 2.89
C ASN A 35 5.41 6.52 3.09
N CYS A 36 4.52 7.02 3.92
CA CYS A 36 3.25 6.36 4.16
C CYS A 36 2.11 7.35 3.94
N LYS A 37 1.39 7.18 2.85
CA LYS A 37 0.24 8.03 2.57
C LYS A 37 -1.01 7.42 3.19
N MET A 38 -1.45 7.99 4.28
CA MET A 38 -2.59 7.43 5.01
C MET A 38 -3.85 8.20 4.68
N ILE A 39 -4.73 7.57 3.91
CA ILE A 39 -5.95 8.21 3.47
C ILE A 39 -7.15 7.65 4.24
N MET A 40 -7.61 8.39 5.24
CA MET A 40 -8.78 8.00 5.98
C MET A 40 -10.01 8.65 5.36
N ASP A 41 -10.95 7.83 4.94
CA ASP A 41 -12.15 8.30 4.26
C ASP A 41 -13.24 8.65 5.26
N THR A 42 -14.04 9.64 4.92
CA THR A 42 -15.18 10.01 5.73
C THR A 42 -16.45 9.46 5.08
N ALA A 43 -16.36 9.12 3.81
CA ALA A 43 -17.52 8.64 3.06
C ALA A 43 -17.09 7.78 1.88
N GLY A 44 -16.11 6.90 2.11
CA GLY A 44 -15.66 6.01 1.07
C GLY A 44 -16.10 4.59 1.33
N ASN A 45 -15.50 3.96 2.35
CA ASN A 45 -15.84 2.60 2.75
C ASN A 45 -14.89 2.14 3.85
N ASP A 46 -13.62 2.20 3.52
CA ASP A 46 -12.55 1.76 4.41
C ASP A 46 -11.29 2.57 4.15
N PRO A 47 -10.52 2.86 5.21
CA PRO A 47 -9.29 3.65 5.09
C PRO A 47 -8.17 2.84 4.45
N TYR A 48 -7.40 3.50 3.60
CA TYR A 48 -6.33 2.85 2.87
C TYR A 48 -5.04 3.66 2.98
N CYS A 49 -3.92 2.96 2.89
CA CYS A 49 -2.63 3.59 3.01
C CYS A 49 -1.74 3.22 1.83
N PHE A 50 -1.06 4.22 1.31
CA PHE A 50 -0.09 4.01 0.23
C PHE A 50 1.30 3.86 0.81
N VAL A 51 1.94 2.74 0.53
CA VAL A 51 3.28 2.50 1.01
C VAL A 51 4.28 2.64 -0.12
N GLU A 52 5.13 3.66 -0.03
CA GLU A 52 6.12 3.93 -1.05
C GLU A 52 7.43 3.22 -0.73
N PHE A 53 7.91 2.41 -1.66
CA PHE A 53 9.20 1.74 -1.53
C PHE A 53 10.20 2.35 -2.49
N HIS A 54 11.48 2.21 -2.15
CA HIS A 54 12.56 2.67 -3.03
C HIS A 54 12.94 1.58 -4.03
N GLU A 55 12.36 0.40 -3.85
CA GLU A 55 12.67 -0.75 -4.69
C GLU A 55 11.41 -1.47 -5.11
N HIS A 56 11.21 -1.56 -6.42
CA HIS A 56 10.06 -2.26 -6.99
C HIS A 56 10.12 -3.75 -6.65
N ARG A 57 11.33 -4.29 -6.61
CA ARG A 57 11.54 -5.71 -6.32
C ARG A 57 11.09 -6.04 -4.89
N HIS A 58 11.42 -5.17 -3.95
CA HIS A 58 11.05 -5.40 -2.56
C HIS A 58 9.59 -5.04 -2.34
N ALA A 59 9.09 -4.15 -3.18
CA ALA A 59 7.67 -3.83 -3.22
C ALA A 59 6.88 -5.08 -3.64
N ALA A 60 7.45 -5.81 -4.60
CA ALA A 60 6.87 -7.05 -5.08
C ALA A 60 6.88 -8.11 -3.99
N ALA A 61 7.99 -8.19 -3.26
CA ALA A 61 8.11 -9.14 -2.16
C ALA A 61 7.07 -8.84 -1.09
N ALA A 62 6.87 -7.54 -0.81
CA ALA A 62 5.86 -7.11 0.15
C ALA A 62 4.47 -7.45 -0.36
N LEU A 63 4.26 -7.25 -1.66
CA LEU A 63 3.00 -7.58 -2.31
C LEU A 63 2.63 -9.04 -2.05
N ALA A 64 3.57 -9.93 -2.29
CA ALA A 64 3.33 -11.36 -2.16
C ALA A 64 3.25 -11.81 -0.70
N ALA A 65 4.19 -11.33 0.11
CA ALA A 65 4.32 -11.81 1.48
C ALA A 65 3.26 -11.24 2.43
N MET A 66 2.78 -10.04 2.13
CA MET A 66 1.85 -9.38 3.03
C MET A 66 0.40 -9.57 2.61
N ASN A 67 0.15 -9.67 1.30
CA ASN A 67 -1.22 -9.85 0.82
C ASN A 67 -1.69 -11.29 1.11
N GLY A 68 -2.64 -11.41 2.02
CA GLY A 68 -3.11 -12.71 2.44
C GLY A 68 -2.71 -13.03 3.87
N ARG A 69 -1.87 -12.16 4.43
CA ARG A 69 -1.44 -12.32 5.80
C ARG A 69 -2.45 -11.71 6.75
N LYS A 70 -2.94 -12.51 7.69
CA LYS A 70 -3.99 -12.05 8.59
C LYS A 70 -3.38 -11.27 9.76
N ILE A 71 -3.80 -10.02 9.90
CA ILE A 71 -3.24 -9.14 10.92
C ILE A 71 -4.36 -8.50 11.74
N MET A 72 -4.19 -8.48 13.06
CA MET A 72 -5.14 -7.89 14.00
C MET A 72 -6.44 -8.68 14.09
N GLY A 73 -7.24 -8.61 13.04
CA GLY A 73 -8.51 -9.29 13.01
C GLY A 73 -9.34 -8.83 11.84
N LYS A 74 -8.69 -8.74 10.70
CA LYS A 74 -9.30 -8.17 9.51
C LYS A 74 -8.64 -8.78 8.27
N GLU A 75 -9.27 -8.58 7.12
CA GLU A 75 -8.65 -8.97 5.88
C GLU A 75 -7.70 -7.87 5.43
N VAL A 76 -6.54 -8.24 4.93
CA VAL A 76 -5.60 -7.27 4.43
C VAL A 76 -5.70 -7.18 2.93
N LYS A 77 -5.45 -6.02 2.38
CA LYS A 77 -5.46 -5.83 0.95
C LYS A 77 -4.20 -5.13 0.52
N VAL A 78 -3.35 -5.87 -0.15
CA VAL A 78 -2.10 -5.34 -0.63
C VAL A 78 -2.07 -5.45 -2.16
N ASN A 79 -2.38 -4.35 -2.82
CA ASN A 79 -2.43 -4.33 -4.27
C ASN A 79 -1.43 -3.31 -4.80
N TRP A 80 -1.18 -3.34 -6.10
CA TRP A 80 -0.30 -2.35 -6.71
C TRP A 80 -1.08 -1.09 -7.01
N ALA A 81 -0.68 0.00 -6.37
CA ALA A 81 -1.33 1.29 -6.61
C ALA A 81 -0.91 1.81 -7.97
N THR A 82 -1.70 1.48 -8.97
CA THR A 82 -1.37 1.83 -10.34
C THR A 82 -2.32 2.89 -10.86
N THR A 83 -1.80 3.82 -11.63
CA THR A 83 -2.64 4.83 -12.24
C THR A 83 -2.72 4.61 -13.74
N PRO A 84 -3.88 4.09 -14.22
CA PRO A 84 -4.11 3.81 -15.64
C PRO A 84 -4.07 5.07 -16.49
N SER A 85 -2.89 5.44 -16.94
CA SER A 85 -2.71 6.63 -17.75
C SER A 85 -2.85 6.29 -19.22
N SER A 86 -3.85 6.90 -19.87
CA SER A 86 -4.16 6.65 -21.28
C SER A 86 -4.77 5.27 -21.47
N GLN A 87 -5.00 4.57 -20.37
CA GLN A 87 -5.60 3.24 -20.40
C GLN A 87 -7.12 3.35 -20.31
N LYS A 88 -7.70 3.94 -21.34
CA LYS A 88 -9.14 4.14 -21.42
C LYS A 88 -9.79 3.01 -22.19
N LYS A 89 -9.17 1.83 -22.14
CA LYS A 89 -9.56 0.72 -22.99
C LYS A 89 -9.51 1.15 -24.45
N ASP A 90 -8.35 1.66 -24.85
CA ASP A 90 -8.14 2.12 -26.21
C ASP A 90 -7.96 0.92 -27.13
N THR A 91 -7.29 -0.10 -26.60
CA THR A 91 -7.11 -1.37 -27.29
C THR A 91 -6.39 -2.32 -26.34
N SER A 92 -6.93 -2.41 -25.12
CA SER A 92 -6.30 -3.16 -24.06
C SER A 92 -7.34 -3.87 -23.21
N MET A 1 4.49 3.92 -18.94
CA MET A 1 5.77 4.20 -18.23
C MET A 1 5.75 3.63 -16.82
N GLU A 2 5.83 4.50 -15.82
CA GLU A 2 5.81 4.09 -14.41
C GLU A 2 4.47 3.46 -14.05
N ASP A 3 3.44 3.83 -14.80
CA ASP A 3 2.09 3.31 -14.61
C ASP A 3 2.02 1.83 -15.01
N GLU A 4 3.10 1.32 -15.56
CA GLU A 4 3.17 -0.08 -15.95
C GLU A 4 4.02 -0.87 -14.96
N MET A 5 4.71 -0.14 -14.09
CA MET A 5 5.54 -0.73 -13.06
C MET A 5 5.14 -0.21 -11.68
N PRO A 6 4.04 -0.74 -11.11
CA PRO A 6 3.54 -0.31 -9.80
C PRO A 6 4.60 -0.47 -8.72
N LYS A 7 5.16 0.64 -8.28
CA LYS A 7 6.18 0.61 -7.24
C LYS A 7 5.57 1.00 -5.90
N THR A 8 4.29 1.34 -5.93
CA THR A 8 3.54 1.67 -4.74
C THR A 8 2.55 0.56 -4.42
N LEU A 9 2.39 0.24 -3.15
CA LEU A 9 1.48 -0.82 -2.74
C LEU A 9 0.20 -0.25 -2.16
N TYR A 10 -0.93 -0.74 -2.64
CA TYR A 10 -2.22 -0.32 -2.15
C TYR A 10 -2.73 -1.31 -1.12
N VAL A 11 -2.58 -0.98 0.14
CA VAL A 11 -3.11 -1.81 1.20
C VAL A 11 -4.45 -1.28 1.65
N GLY A 12 -5.48 -2.09 1.49
CA GLY A 12 -6.82 -1.66 1.87
C GLY A 12 -7.38 -2.51 2.98
N ASN A 13 -8.64 -2.24 3.34
CA ASN A 13 -9.33 -2.97 4.40
C ASN A 13 -8.72 -2.66 5.76
N LEU A 14 -8.10 -1.49 5.88
CA LEU A 14 -7.42 -1.11 7.12
C LEU A 14 -8.40 -0.90 8.27
N SER A 15 -7.88 -0.99 9.47
CA SER A 15 -8.67 -0.82 10.67
C SER A 15 -8.03 0.24 11.55
N ARG A 16 -8.85 0.96 12.31
CA ARG A 16 -8.34 1.94 13.26
C ARG A 16 -7.63 1.24 14.41
N ASP A 17 -7.73 -0.08 14.42
CA ASP A 17 -7.07 -0.91 15.41
C ASP A 17 -5.62 -1.17 14.96
N VAL A 18 -5.33 -0.79 13.73
CA VAL A 18 -4.01 -0.95 13.15
C VAL A 18 -3.27 0.39 13.15
N THR A 19 -2.08 0.41 13.73
CA THR A 19 -1.28 1.62 13.81
C THR A 19 -0.36 1.76 12.60
N GLU A 20 -0.09 3.01 12.22
CA GLU A 20 0.84 3.31 11.13
C GLU A 20 2.20 2.68 11.38
N ALA A 21 2.68 2.81 12.61
CA ALA A 21 4.01 2.32 12.98
C ALA A 21 4.16 0.83 12.68
N LEU A 22 3.08 0.09 12.87
CA LEU A 22 3.09 -1.34 12.60
C LEU A 22 3.23 -1.60 11.12
N ILE A 23 2.37 -0.98 10.33
CA ILE A 23 2.37 -1.13 8.88
C ILE A 23 3.72 -0.75 8.29
N LEU A 24 4.20 0.44 8.66
CA LEU A 24 5.48 0.95 8.16
C LEU A 24 6.62 0.02 8.49
N GLN A 25 6.65 -0.46 9.74
CA GLN A 25 7.73 -1.33 10.18
C GLN A 25 7.69 -2.67 9.43
N LEU A 26 6.49 -3.19 9.21
CA LEU A 26 6.33 -4.45 8.51
C LEU A 26 6.86 -4.39 7.09
N PHE A 27 6.52 -3.32 6.38
CA PHE A 27 6.95 -3.16 4.99
C PHE A 27 8.41 -2.72 4.91
N SER A 28 8.85 -1.94 5.90
CA SER A 28 10.24 -1.48 5.97
C SER A 28 11.19 -2.66 6.08
N GLN A 29 10.70 -3.75 6.67
CA GLN A 29 11.47 -4.99 6.78
C GLN A 29 11.79 -5.52 5.38
N ILE A 30 10.80 -5.46 4.50
CA ILE A 30 10.94 -6.00 3.16
C ILE A 30 11.83 -5.10 2.31
N GLY A 31 11.56 -3.81 2.33
CA GLY A 31 12.35 -2.87 1.56
C GLY A 31 12.23 -1.45 2.08
N PRO A 32 13.07 -0.53 1.56
CA PRO A 32 13.05 0.87 1.98
C PRO A 32 11.81 1.60 1.52
N CYS A 33 11.06 2.15 2.45
CA CYS A 33 9.84 2.88 2.14
C CYS A 33 10.17 4.28 1.63
N LYS A 34 9.47 4.67 0.59
CA LYS A 34 9.64 5.97 -0.04
C LYS A 34 8.74 6.99 0.64
N ASN A 35 7.48 6.63 0.82
CA ASN A 35 6.50 7.51 1.42
C ASN A 35 5.39 6.70 2.05
N CYS A 36 4.71 7.28 3.03
CA CYS A 36 3.62 6.62 3.72
C CYS A 36 2.39 7.52 3.79
N LYS A 37 1.28 7.03 3.27
CA LYS A 37 0.04 7.80 3.29
C LYS A 37 -1.07 7.00 3.94
N MET A 38 -1.41 7.40 5.15
CA MET A 38 -2.48 6.74 5.91
C MET A 38 -3.81 7.43 5.64
N ILE A 39 -4.66 6.79 4.86
CA ILE A 39 -5.95 7.37 4.51
C ILE A 39 -7.06 6.74 5.35
N MET A 40 -7.25 7.27 6.54
CA MET A 40 -8.32 6.81 7.41
C MET A 40 -9.61 7.56 7.11
N ASP A 41 -10.63 6.82 6.72
CA ASP A 41 -11.91 7.44 6.38
C ASP A 41 -12.87 7.33 7.56
N THR A 42 -13.45 8.46 7.91
CA THR A 42 -14.33 8.54 9.04
C THR A 42 -15.80 8.56 8.61
N ALA A 43 -16.03 8.38 7.31
CA ALA A 43 -17.38 8.37 6.77
C ALA A 43 -17.93 6.95 6.71
N GLY A 44 -17.12 6.03 6.22
CA GLY A 44 -17.54 4.65 6.12
C GLY A 44 -16.95 3.95 4.91
N ASN A 45 -16.05 4.63 4.21
CA ASN A 45 -15.37 4.03 3.07
C ASN A 45 -14.26 3.12 3.56
N ASP A 46 -13.99 2.06 2.81
CA ASP A 46 -12.96 1.10 3.19
C ASP A 46 -11.60 1.79 3.29
N PRO A 47 -11.03 1.85 4.51
CA PRO A 47 -9.77 2.55 4.77
C PRO A 47 -8.59 1.87 4.10
N TYR A 48 -7.68 2.69 3.60
CA TYR A 48 -6.53 2.19 2.87
C TYR A 48 -5.30 3.04 3.13
N CYS A 49 -4.14 2.43 2.99
CA CYS A 49 -2.89 3.13 3.22
C CYS A 49 -1.95 2.92 2.04
N PHE A 50 -1.32 4.00 1.60
CA PHE A 50 -0.38 3.94 0.49
C PHE A 50 1.04 3.81 1.01
N VAL A 51 1.67 2.70 0.68
CA VAL A 51 3.07 2.50 1.03
C VAL A 51 3.91 2.32 -0.23
N GLU A 52 4.76 3.29 -0.50
CA GLU A 52 5.61 3.25 -1.68
C GLU A 52 6.99 2.74 -1.31
N PHE A 53 7.56 1.91 -2.16
CA PHE A 53 8.90 1.39 -1.94
C PHE A 53 9.90 2.08 -2.86
N HIS A 54 11.16 2.08 -2.46
CA HIS A 54 12.23 2.60 -3.30
C HIS A 54 12.63 1.57 -4.35
N GLU A 55 12.12 0.36 -4.19
CA GLU A 55 12.42 -0.73 -5.11
C GLU A 55 11.16 -1.52 -5.42
N HIS A 56 10.81 -1.59 -6.69
CA HIS A 56 9.70 -2.41 -7.15
C HIS A 56 9.96 -3.88 -6.85
N ARG A 57 11.24 -4.25 -6.85
CA ARG A 57 11.64 -5.62 -6.56
C ARG A 57 11.18 -6.03 -5.16
N HIS A 58 11.35 -5.12 -4.20
CA HIS A 58 10.97 -5.40 -2.81
C HIS A 58 9.49 -5.15 -2.62
N ALA A 59 8.93 -4.31 -3.49
CA ALA A 59 7.50 -4.09 -3.51
C ALA A 59 6.77 -5.41 -3.82
N ALA A 60 7.36 -6.18 -4.73
CA ALA A 60 6.82 -7.49 -5.10
C ALA A 60 6.86 -8.45 -3.93
N ALA A 61 7.98 -8.46 -3.22
CA ALA A 61 8.16 -9.33 -2.07
C ALA A 61 7.13 -9.00 -0.99
N ALA A 62 6.93 -7.72 -0.74
CA ALA A 62 5.95 -7.26 0.25
C ALA A 62 4.54 -7.58 -0.20
N LEU A 63 4.32 -7.44 -1.51
CA LEU A 63 3.02 -7.73 -2.13
C LEU A 63 2.57 -9.16 -1.77
N ALA A 64 3.45 -10.13 -2.01
CA ALA A 64 3.11 -11.53 -1.78
C ALA A 64 3.16 -11.90 -0.30
N ALA A 65 3.87 -11.11 0.50
CA ALA A 65 4.09 -11.45 1.90
C ALA A 65 2.98 -10.90 2.80
N MET A 66 2.49 -9.71 2.50
CA MET A 66 1.54 -9.05 3.40
C MET A 66 0.10 -9.15 2.92
N ASN A 67 -0.09 -9.50 1.66
CA ASN A 67 -1.44 -9.59 1.10
C ASN A 67 -2.17 -10.81 1.63
N GLY A 68 -3.19 -10.57 2.45
CA GLY A 68 -3.97 -11.66 3.00
C GLY A 68 -3.51 -12.07 4.39
N ARG A 69 -2.65 -11.28 4.98
CA ARG A 69 -2.04 -11.65 6.26
C ARG A 69 -2.96 -11.31 7.43
N LYS A 70 -2.93 -12.16 8.45
CA LYS A 70 -3.76 -11.98 9.63
C LYS A 70 -3.18 -10.89 10.54
N ILE A 71 -3.73 -9.70 10.45
CA ILE A 71 -3.30 -8.59 11.31
C ILE A 71 -4.47 -8.07 12.13
N MET A 72 -4.31 -8.12 13.46
CA MET A 72 -5.31 -7.64 14.42
C MET A 72 -6.58 -8.48 14.38
N GLY A 73 -7.42 -8.24 13.39
CA GLY A 73 -8.63 -8.99 13.23
C GLY A 73 -9.31 -8.67 11.92
N LYS A 74 -8.51 -8.26 10.96
CA LYS A 74 -9.02 -7.80 9.67
C LYS A 74 -8.10 -8.30 8.56
N GLU A 75 -8.68 -8.66 7.43
CA GLU A 75 -7.89 -9.12 6.29
C GLU A 75 -7.21 -7.93 5.62
N VAL A 76 -5.91 -7.83 5.77
CA VAL A 76 -5.16 -6.80 5.08
C VAL A 76 -4.93 -7.22 3.64
N LYS A 77 -5.22 -6.33 2.71
CA LYS A 77 -5.11 -6.66 1.30
C LYS A 77 -4.18 -5.70 0.59
N VAL A 78 -3.14 -6.26 0.01
CA VAL A 78 -2.13 -5.47 -0.68
C VAL A 78 -2.23 -5.69 -2.18
N ASN A 79 -2.48 -4.62 -2.91
CA ASN A 79 -2.58 -4.69 -4.36
C ASN A 79 -1.59 -3.70 -4.99
N TRP A 80 -1.33 -3.86 -6.28
CA TRP A 80 -0.43 -2.96 -6.98
C TRP A 80 -1.07 -1.60 -7.20
N ALA A 81 -0.54 -0.57 -6.56
CA ALA A 81 -1.08 0.76 -6.67
C ALA A 81 -0.31 1.58 -7.71
N THR A 82 -1.00 1.94 -8.78
CA THR A 82 -0.40 2.77 -9.80
C THR A 82 -0.83 4.22 -9.65
N THR A 83 -0.51 5.03 -10.65
CA THR A 83 -0.88 6.44 -10.64
C THR A 83 -2.40 6.60 -10.68
N PRO A 84 -2.99 7.13 -9.59
CA PRO A 84 -4.43 7.33 -9.49
C PRO A 84 -4.91 8.41 -10.46
N SER A 85 -5.28 7.99 -11.66
CA SER A 85 -5.67 8.91 -12.71
C SER A 85 -7.18 9.13 -12.69
N SER A 86 -7.60 10.15 -11.95
CA SER A 86 -9.03 10.46 -11.81
C SER A 86 -9.50 11.30 -12.98
N GLN A 87 -9.31 10.80 -14.19
CA GLN A 87 -9.67 11.55 -15.38
C GLN A 87 -10.50 10.70 -16.35
N LYS A 88 -11.42 9.93 -15.79
CA LYS A 88 -12.30 9.08 -16.59
C LYS A 88 -13.51 9.85 -17.07
N LYS A 89 -13.76 11.02 -16.45
CA LYS A 89 -14.86 11.92 -16.81
C LYS A 89 -16.22 11.38 -16.35
N ASP A 90 -16.48 10.11 -16.65
CA ASP A 90 -17.73 9.48 -16.25
C ASP A 90 -17.41 8.15 -15.56
N THR A 91 -18.43 7.49 -15.07
CA THR A 91 -18.25 6.23 -14.34
C THR A 91 -19.26 5.19 -14.83
N SER A 92 -20.12 5.58 -15.76
CA SER A 92 -21.12 4.68 -16.31
C SER A 92 -20.54 3.97 -17.54
N MET A 1 7.40 4.54 -17.93
CA MET A 1 8.03 3.35 -17.28
C MET A 1 7.62 3.24 -15.82
N GLU A 2 7.46 4.38 -15.15
CA GLU A 2 7.02 4.40 -13.75
C GLU A 2 5.61 3.83 -13.62
N ASP A 3 4.89 3.85 -14.73
CA ASP A 3 3.53 3.35 -14.81
C ASP A 3 3.51 1.82 -14.92
N GLU A 4 4.55 1.26 -15.53
CA GLU A 4 4.66 -0.19 -15.66
C GLU A 4 5.34 -0.81 -14.45
N MET A 5 6.09 0.02 -13.73
CA MET A 5 6.78 -0.43 -12.53
C MET A 5 6.35 0.39 -11.34
N PRO A 6 5.19 0.07 -10.74
CA PRO A 6 4.63 0.83 -9.62
C PRO A 6 5.43 0.63 -8.33
N LYS A 7 5.85 1.73 -7.73
CA LYS A 7 6.50 1.68 -6.42
C LYS A 7 5.45 1.70 -5.33
N THR A 8 4.23 2.06 -5.70
CA THR A 8 3.15 2.25 -4.75
C THR A 8 2.39 0.94 -4.51
N LEU A 9 2.39 0.49 -3.26
CA LEU A 9 1.59 -0.67 -2.89
C LEU A 9 0.29 -0.21 -2.25
N TYR A 10 -0.81 -0.66 -2.83
CA TYR A 10 -2.13 -0.33 -2.32
C TYR A 10 -2.58 -1.39 -1.33
N VAL A 11 -2.55 -1.06 -0.07
CA VAL A 11 -3.02 -1.97 0.97
C VAL A 11 -4.35 -1.49 1.52
N GLY A 12 -5.36 -2.33 1.41
CA GLY A 12 -6.68 -1.96 1.89
C GLY A 12 -7.10 -2.80 3.07
N ASN A 13 -8.27 -2.48 3.62
CA ASN A 13 -8.81 -3.15 4.80
C ASN A 13 -7.97 -2.85 6.02
N LEU A 14 -7.71 -1.57 6.26
CA LEU A 14 -6.96 -1.16 7.43
C LEU A 14 -7.87 -1.02 8.62
N SER A 15 -7.32 -1.30 9.79
CA SER A 15 -8.07 -1.27 11.02
C SER A 15 -7.85 0.06 11.73
N ARG A 16 -8.84 0.49 12.50
CA ARG A 16 -8.80 1.81 13.15
C ARG A 16 -7.79 1.83 14.28
N ASP A 17 -7.27 0.65 14.62
CA ASP A 17 -6.26 0.50 15.67
C ASP A 17 -4.88 0.26 15.08
N VAL A 18 -4.78 0.32 13.76
CA VAL A 18 -3.48 0.23 13.10
C VAL A 18 -2.81 1.60 13.14
N THR A 19 -1.50 1.61 13.26
CA THR A 19 -0.76 2.86 13.37
C THR A 19 0.34 2.94 12.32
N GLU A 20 0.72 4.16 11.94
CA GLU A 20 1.79 4.39 10.97
C GLU A 20 3.06 3.62 11.36
N ALA A 21 3.43 3.72 12.64
CA ALA A 21 4.64 3.07 13.14
C ALA A 21 4.64 1.57 12.89
N LEU A 22 3.45 0.97 12.87
CA LEU A 22 3.31 -0.46 12.65
C LEU A 22 3.46 -0.77 11.17
N ILE A 23 2.78 0.01 10.34
CA ILE A 23 2.86 -0.16 8.90
C ILE A 23 4.29 0.03 8.41
N LEU A 24 4.94 1.07 8.91
CA LEU A 24 6.33 1.36 8.58
C LEU A 24 7.22 0.17 8.89
N GLN A 25 7.00 -0.44 10.05
CA GLN A 25 7.82 -1.55 10.51
C GLN A 25 7.62 -2.80 9.65
N LEU A 26 6.36 -3.17 9.42
CA LEU A 26 6.05 -4.39 8.68
C LEU A 26 6.66 -4.39 7.30
N PHE A 27 6.51 -3.27 6.58
CA PHE A 27 7.01 -3.19 5.22
C PHE A 27 8.52 -2.91 5.20
N SER A 28 9.04 -2.34 6.28
CA SER A 28 10.47 -2.08 6.40
C SER A 28 11.25 -3.39 6.40
N GLN A 29 10.62 -4.44 6.94
CA GLN A 29 11.23 -5.77 6.94
C GLN A 29 11.44 -6.27 5.51
N ILE A 30 10.59 -5.83 4.61
CA ILE A 30 10.65 -6.25 3.22
C ILE A 30 11.56 -5.33 2.41
N GLY A 31 11.37 -4.02 2.58
CA GLY A 31 12.17 -3.06 1.86
C GLY A 31 12.07 -1.67 2.45
N PRO A 32 12.98 -0.76 2.07
CA PRO A 32 12.96 0.62 2.56
C PRO A 32 11.75 1.40 2.05
N CYS A 33 10.96 1.93 2.97
CA CYS A 33 9.74 2.65 2.61
C CYS A 33 10.03 4.13 2.35
N LYS A 34 9.43 4.65 1.29
CA LYS A 34 9.60 6.05 0.90
C LYS A 34 8.49 6.90 1.50
N ASN A 35 7.25 6.54 1.17
CA ASN A 35 6.08 7.23 1.72
C ASN A 35 5.03 6.22 2.13
N CYS A 36 4.57 6.31 3.36
CA CYS A 36 3.50 5.47 3.83
C CYS A 36 2.35 6.33 4.33
N LYS A 37 1.29 6.42 3.53
CA LYS A 37 0.14 7.23 3.89
C LYS A 37 -0.96 6.34 4.41
N MET A 38 -1.60 6.77 5.46
CA MET A 38 -2.69 6.03 6.07
C MET A 38 -3.99 6.79 5.90
N ILE A 39 -4.80 6.36 4.94
CA ILE A 39 -6.07 6.99 4.70
C ILE A 39 -7.10 6.47 5.68
N MET A 40 -7.13 7.06 6.86
CA MET A 40 -8.11 6.70 7.87
C MET A 40 -9.42 7.41 7.59
N ASP A 41 -10.19 6.80 6.73
CA ASP A 41 -11.42 7.37 6.22
C ASP A 41 -12.59 6.94 7.09
N THR A 42 -12.62 7.49 8.28
CA THR A 42 -13.57 7.05 9.29
C THR A 42 -14.92 7.74 9.12
N ALA A 43 -15.00 8.67 8.18
CA ALA A 43 -16.25 9.31 7.82
C ALA A 43 -16.69 8.86 6.45
N GLY A 44 -16.08 7.78 5.96
CA GLY A 44 -16.39 7.29 4.63
C GLY A 44 -16.52 5.77 4.60
N ASN A 45 -15.48 5.10 4.13
CA ASN A 45 -15.53 3.65 3.95
C ASN A 45 -14.37 2.96 4.65
N ASP A 46 -14.16 1.68 4.34
CA ASP A 46 -13.07 0.91 4.92
C ASP A 46 -11.72 1.56 4.59
N PRO A 47 -10.94 1.89 5.63
CA PRO A 47 -9.66 2.58 5.48
C PRO A 47 -8.63 1.78 4.70
N TYR A 48 -7.72 2.50 4.06
CA TYR A 48 -6.66 1.89 3.25
C TYR A 48 -5.40 2.72 3.36
N CYS A 49 -4.27 2.19 2.91
CA CYS A 49 -3.01 2.89 3.02
C CYS A 49 -2.18 2.75 1.75
N PHE A 50 -1.41 3.79 1.45
CA PHE A 50 -0.50 3.78 0.32
C PHE A 50 0.93 3.67 0.83
N VAL A 51 1.56 2.53 0.59
CA VAL A 51 2.94 2.34 1.01
C VAL A 51 3.86 2.23 -0.20
N GLU A 52 4.71 3.23 -0.39
CA GLU A 52 5.62 3.26 -1.51
C GLU A 52 7.03 2.88 -1.07
N PHE A 53 7.65 1.96 -1.79
CA PHE A 53 8.99 1.50 -1.47
C PHE A 53 10.03 2.29 -2.26
N HIS A 54 11.25 2.31 -1.74
CA HIS A 54 12.37 2.88 -2.47
C HIS A 54 12.87 1.87 -3.49
N GLU A 55 12.54 0.62 -3.22
CA GLU A 55 13.06 -0.48 -4.00
C GLU A 55 11.93 -1.33 -4.56
N HIS A 56 11.72 -1.21 -5.86
CA HIS A 56 10.61 -1.88 -6.52
C HIS A 56 10.75 -3.40 -6.47
N ARG A 57 11.98 -3.89 -6.48
CA ARG A 57 12.21 -5.33 -6.47
C ARG A 57 11.76 -5.93 -5.15
N HIS A 58 11.83 -5.13 -4.09
CA HIS A 58 11.39 -5.57 -2.77
C HIS A 58 9.89 -5.33 -2.60
N ALA A 59 9.36 -4.39 -3.36
CA ALA A 59 7.94 -4.11 -3.36
C ALA A 59 7.16 -5.34 -3.83
N ALA A 60 7.76 -6.09 -4.74
CA ALA A 60 7.17 -7.31 -5.28
C ALA A 60 6.95 -8.34 -4.18
N ALA A 61 7.89 -8.43 -3.25
CA ALA A 61 7.81 -9.39 -2.16
C ALA A 61 6.66 -9.03 -1.22
N ALA A 62 6.50 -7.73 -0.95
CA ALA A 62 5.42 -7.26 -0.09
C ALA A 62 4.07 -7.53 -0.73
N LEU A 63 4.01 -7.33 -2.04
CA LEU A 63 2.81 -7.60 -2.83
C LEU A 63 2.34 -9.04 -2.62
N ALA A 64 3.29 -9.96 -2.56
CA ALA A 64 2.99 -11.38 -2.40
C ALA A 64 2.76 -11.76 -0.94
N ALA A 65 3.75 -11.54 -0.10
CA ALA A 65 3.76 -12.07 1.26
C ALA A 65 2.75 -11.41 2.18
N MET A 66 2.36 -10.18 1.87
CA MET A 66 1.42 -9.45 2.73
C MET A 66 0.01 -9.50 2.18
N ASN A 67 -0.16 -10.10 1.01
CA ASN A 67 -1.47 -10.15 0.36
C ASN A 67 -2.40 -11.11 1.10
N GLY A 68 -3.44 -10.56 1.72
CA GLY A 68 -4.43 -11.39 2.36
C GLY A 68 -4.11 -11.71 3.81
N ARG A 69 -3.11 -11.02 4.36
CA ARG A 69 -2.65 -11.34 5.70
C ARG A 69 -3.55 -10.72 6.75
N LYS A 70 -3.80 -11.46 7.82
CA LYS A 70 -4.68 -10.99 8.89
C LYS A 70 -3.91 -10.06 9.83
N ILE A 71 -4.30 -8.80 9.85
CA ILE A 71 -3.69 -7.84 10.75
C ILE A 71 -4.74 -7.24 11.67
N MET A 72 -4.55 -7.43 12.98
CA MET A 72 -5.46 -6.94 14.00
C MET A 72 -6.82 -7.62 13.92
N GLY A 73 -7.68 -7.14 13.04
CA GLY A 73 -9.00 -7.72 12.91
C GLY A 73 -9.55 -7.62 11.50
N LYS A 74 -8.69 -7.30 10.55
CA LYS A 74 -9.09 -7.21 9.16
C LYS A 74 -8.05 -7.86 8.26
N GLU A 75 -8.51 -8.53 7.22
CA GLU A 75 -7.62 -9.16 6.26
C GLU A 75 -7.15 -8.11 5.27
N VAL A 76 -5.88 -7.76 5.35
CA VAL A 76 -5.33 -6.72 4.50
C VAL A 76 -5.21 -7.20 3.08
N LYS A 77 -5.36 -6.28 2.15
CA LYS A 77 -5.25 -6.63 0.75
C LYS A 77 -4.19 -5.76 0.10
N VAL A 78 -3.35 -6.39 -0.68
CA VAL A 78 -2.20 -5.71 -1.24
C VAL A 78 -2.20 -5.84 -2.76
N ASN A 79 -2.46 -4.73 -3.43
CA ASN A 79 -2.44 -4.68 -4.88
C ASN A 79 -1.45 -3.62 -5.33
N TRP A 80 -0.80 -3.86 -6.45
CA TRP A 80 0.16 -2.91 -6.99
C TRP A 80 -0.56 -1.70 -7.56
N ALA A 81 -0.47 -0.58 -6.86
CA ALA A 81 -1.14 0.64 -7.26
C ALA A 81 -0.27 1.43 -8.23
N THR A 82 -0.62 1.35 -9.50
CA THR A 82 0.11 2.06 -10.54
C THR A 82 -0.11 3.55 -10.44
N THR A 83 0.93 4.28 -10.10
CA THR A 83 0.82 5.73 -10.04
C THR A 83 1.60 6.35 -11.19
N PRO A 84 0.89 6.84 -12.22
CA PRO A 84 1.49 7.44 -13.40
C PRO A 84 2.00 8.86 -13.14
N SER A 85 2.85 9.34 -14.02
CA SER A 85 3.38 10.69 -13.91
C SER A 85 2.52 11.66 -14.70
N SER A 86 1.46 12.13 -14.08
CA SER A 86 0.55 13.06 -14.71
C SER A 86 1.07 14.48 -14.55
N GLN A 87 2.00 14.85 -15.40
CA GLN A 87 2.63 16.16 -15.33
C GLN A 87 2.18 17.07 -16.49
N LYS A 88 2.79 16.91 -17.66
CA LYS A 88 2.46 17.74 -18.80
C LYS A 88 1.63 16.97 -19.82
N LYS A 89 2.14 15.82 -20.22
CA LYS A 89 1.43 14.99 -21.18
C LYS A 89 0.59 13.92 -20.49
N ASP A 90 -0.50 14.37 -19.86
CA ASP A 90 -1.46 13.45 -19.27
C ASP A 90 -2.46 13.01 -20.33
N THR A 91 -2.96 13.98 -21.08
CA THR A 91 -3.88 13.72 -22.17
C THR A 91 -3.33 14.34 -23.46
N SER A 92 -3.17 13.53 -24.49
CA SER A 92 -2.64 14.01 -25.76
C SER A 92 -3.61 13.74 -26.90
N MET A 1 5.94 3.87 -18.41
CA MET A 1 6.80 2.69 -18.12
C MET A 1 6.82 2.43 -16.60
N GLU A 2 7.01 3.48 -15.81
CA GLU A 2 7.00 3.37 -14.36
C GLU A 2 5.63 2.89 -13.87
N ASP A 3 4.61 3.21 -14.65
CA ASP A 3 3.24 2.84 -14.33
C ASP A 3 3.01 1.34 -14.45
N GLU A 4 3.92 0.65 -15.13
CA GLU A 4 3.83 -0.80 -15.26
C GLU A 4 4.47 -1.49 -14.07
N MET A 5 5.38 -0.79 -13.40
CA MET A 5 6.07 -1.34 -12.24
C MET A 5 6.00 -0.37 -11.07
N PRO A 6 4.80 -0.24 -10.45
CA PRO A 6 4.58 0.73 -9.38
C PRO A 6 5.33 0.38 -8.11
N LYS A 7 6.02 1.36 -7.53
CA LYS A 7 6.73 1.16 -6.27
C LYS A 7 5.85 1.58 -5.11
N THR A 8 4.58 1.85 -5.39
CA THR A 8 3.64 2.28 -4.37
C THR A 8 2.61 1.19 -4.11
N LEU A 9 2.56 0.70 -2.88
CA LEU A 9 1.62 -0.34 -2.51
C LEU A 9 0.35 0.27 -1.94
N TYR A 10 -0.77 -0.24 -2.41
CA TYR A 10 -2.09 0.21 -1.98
C TYR A 10 -2.68 -0.80 -1.01
N VAL A 11 -2.54 -0.53 0.28
CA VAL A 11 -3.08 -1.42 1.29
C VAL A 11 -4.40 -0.89 1.83
N GLY A 12 -5.46 -1.66 1.64
CA GLY A 12 -6.77 -1.23 2.07
C GLY A 12 -7.27 -2.05 3.24
N ASN A 13 -8.40 -1.61 3.79
CA ASN A 13 -9.06 -2.26 4.92
C ASN A 13 -8.22 -2.14 6.17
N LEU A 14 -7.80 -0.93 6.47
CA LEU A 14 -7.10 -0.65 7.70
C LEU A 14 -8.12 -0.37 8.80
N SER A 15 -7.93 -1.02 9.92
CA SER A 15 -8.78 -0.85 11.07
C SER A 15 -8.20 0.23 11.97
N ARG A 16 -8.98 0.72 12.91
CA ARG A 16 -8.51 1.74 13.85
C ARG A 16 -7.58 1.10 14.87
N ASP A 17 -7.54 -0.22 14.84
CA ASP A 17 -6.65 -1.01 15.69
C ASP A 17 -5.28 -1.13 15.04
N VAL A 18 -5.26 -0.85 13.73
CA VAL A 18 -4.04 -0.97 12.94
C VAL A 18 -3.21 0.32 13.02
N THR A 19 -2.10 0.24 13.73
CA THR A 19 -1.20 1.38 13.87
C THR A 19 -0.19 1.43 12.72
N GLU A 20 0.23 2.64 12.37
CA GLU A 20 1.20 2.84 11.31
C GLU A 20 2.54 2.20 11.68
N ALA A 21 2.82 2.19 12.98
CA ALA A 21 4.08 1.67 13.48
C ALA A 21 4.17 0.17 13.23
N LEU A 22 3.01 -0.46 13.06
CA LEU A 22 2.95 -1.88 12.75
C LEU A 22 3.08 -2.07 11.23
N ILE A 23 2.26 -1.33 10.47
CA ILE A 23 2.28 -1.40 9.01
C ILE A 23 3.65 -1.03 8.45
N LEU A 24 4.11 0.16 8.80
CA LEU A 24 5.37 0.68 8.28
C LEU A 24 6.55 -0.20 8.65
N GLN A 25 6.44 -0.84 9.81
CA GLN A 25 7.51 -1.72 10.28
C GLN A 25 7.61 -2.96 9.41
N LEU A 26 6.46 -3.57 9.14
CA LEU A 26 6.40 -4.78 8.34
C LEU A 26 6.94 -4.54 6.94
N PHE A 27 6.61 -3.40 6.35
CA PHE A 27 7.09 -3.05 5.02
C PHE A 27 8.58 -2.67 5.05
N SER A 28 9.01 -2.02 6.12
CA SER A 28 10.42 -1.66 6.27
C SER A 28 11.29 -2.90 6.37
N GLN A 29 10.69 -3.99 6.83
CA GLN A 29 11.38 -5.27 6.91
C GLN A 29 11.59 -5.85 5.52
N ILE A 30 10.75 -5.43 4.56
CA ILE A 30 10.84 -5.94 3.20
C ILE A 30 11.73 -5.05 2.33
N GLY A 31 11.43 -3.76 2.29
CA GLY A 31 12.17 -2.86 1.43
C GLY A 31 12.36 -1.49 2.02
N PRO A 32 13.08 -0.61 1.31
CA PRO A 32 13.29 0.77 1.74
C PRO A 32 12.05 1.64 1.51
N CYS A 33 11.42 2.05 2.60
CA CYS A 33 10.22 2.87 2.53
C CYS A 33 10.58 4.31 2.19
N LYS A 34 9.90 4.87 1.19
CA LYS A 34 10.12 6.24 0.77
C LYS A 34 9.22 7.19 1.54
N ASN A 35 7.94 6.89 1.55
CA ASN A 35 6.95 7.72 2.21
C ASN A 35 5.66 6.94 2.42
N CYS A 36 5.01 7.21 3.53
CA CYS A 36 3.73 6.60 3.83
C CYS A 36 2.62 7.63 3.74
N LYS A 37 1.60 7.30 2.96
CA LYS A 37 0.42 8.13 2.89
C LYS A 37 -0.73 7.38 3.53
N MET A 38 -1.43 8.05 4.42
CA MET A 38 -2.51 7.42 5.18
C MET A 38 -3.81 8.16 4.96
N ILE A 39 -4.71 7.53 4.21
CA ILE A 39 -5.96 8.17 3.83
C ILE A 39 -7.10 7.64 4.67
N MET A 40 -7.62 8.47 5.57
CA MET A 40 -8.75 8.09 6.39
C MET A 40 -10.06 8.33 5.62
N ASP A 41 -10.71 7.24 5.26
CA ASP A 41 -11.97 7.32 4.53
C ASP A 41 -13.13 7.35 5.49
N THR A 42 -13.81 8.47 5.53
CA THR A 42 -14.95 8.63 6.40
C THR A 42 -16.25 8.50 5.60
N ALA A 43 -16.13 8.11 4.34
CA ALA A 43 -17.27 8.07 3.45
C ALA A 43 -17.93 6.69 3.49
N GLY A 44 -17.27 5.70 2.89
CA GLY A 44 -17.86 4.38 2.81
C GLY A 44 -16.87 3.33 2.33
N ASN A 45 -15.60 3.68 2.32
CA ASN A 45 -14.55 2.77 1.90
C ASN A 45 -13.72 2.37 3.11
N ASP A 46 -13.07 1.24 3.02
CA ASP A 46 -12.11 0.84 4.04
C ASP A 46 -10.85 1.68 3.91
N PRO A 47 -10.40 2.28 5.03
CA PRO A 47 -9.23 3.16 5.06
C PRO A 47 -8.02 2.49 4.41
N TYR A 48 -7.37 3.22 3.51
CA TYR A 48 -6.29 2.67 2.73
C TYR A 48 -5.03 3.49 2.89
N CYS A 49 -3.89 2.82 2.76
CA CYS A 49 -2.60 3.45 2.92
C CYS A 49 -1.75 3.26 1.68
N PHE A 50 -1.08 4.32 1.28
CA PHE A 50 -0.13 4.27 0.19
C PHE A 50 1.28 4.10 0.74
N VAL A 51 1.84 2.92 0.58
CA VAL A 51 3.18 2.66 1.04
C VAL A 51 4.15 2.70 -0.13
N GLU A 52 4.92 3.78 -0.20
CA GLU A 52 5.84 3.99 -1.31
C GLU A 52 7.22 3.45 -0.96
N PHE A 53 7.78 2.65 -1.86
CA PHE A 53 9.11 2.11 -1.69
C PHE A 53 10.09 2.76 -2.65
N HIS A 54 11.36 2.58 -2.39
CA HIS A 54 12.42 3.00 -3.30
C HIS A 54 12.76 1.86 -4.23
N GLU A 55 12.20 0.70 -3.94
CA GLU A 55 12.66 -0.54 -4.55
C GLU A 55 11.47 -1.45 -4.88
N HIS A 56 11.26 -1.68 -6.18
CA HIS A 56 10.11 -2.45 -6.66
C HIS A 56 10.35 -3.95 -6.51
N ARG A 57 11.60 -4.36 -6.59
CA ARG A 57 11.95 -5.79 -6.51
C ARG A 57 11.55 -6.34 -5.14
N HIS A 58 11.71 -5.52 -4.11
CA HIS A 58 11.30 -5.90 -2.77
C HIS A 58 9.81 -5.66 -2.59
N ALA A 59 9.30 -4.62 -3.26
CA ALA A 59 7.89 -4.28 -3.22
C ALA A 59 7.04 -5.45 -3.72
N ALA A 60 7.59 -6.18 -4.69
CA ALA A 60 6.96 -7.37 -5.22
C ALA A 60 6.69 -8.39 -4.11
N ALA A 61 7.73 -8.64 -3.30
CA ALA A 61 7.63 -9.57 -2.19
C ALA A 61 6.68 -9.04 -1.12
N ALA A 62 6.76 -7.74 -0.87
CA ALA A 62 5.90 -7.09 0.10
C ALA A 62 4.42 -7.29 -0.24
N LEU A 63 4.10 -7.16 -1.52
CA LEU A 63 2.73 -7.36 -1.99
C LEU A 63 2.23 -8.75 -1.63
N ALA A 64 2.98 -9.76 -2.05
CA ALA A 64 2.56 -11.15 -1.90
C ALA A 64 2.54 -11.59 -0.43
N ALA A 65 3.55 -11.18 0.31
CA ALA A 65 3.69 -11.60 1.71
C ALA A 65 2.69 -10.91 2.60
N MET A 66 2.36 -9.66 2.29
CA MET A 66 1.48 -8.87 3.14
C MET A 66 0.01 -9.11 2.81
N ASN A 67 -0.32 -9.21 1.53
CA ASN A 67 -1.71 -9.35 1.10
C ASN A 67 -2.23 -10.72 1.48
N GLY A 68 -3.44 -10.76 2.03
CA GLY A 68 -4.04 -12.03 2.39
C GLY A 68 -3.49 -12.58 3.69
N ARG A 69 -2.75 -11.76 4.41
CA ARG A 69 -2.16 -12.19 5.66
C ARG A 69 -2.98 -11.68 6.83
N LYS A 70 -3.37 -12.59 7.71
CA LYS A 70 -4.15 -12.26 8.89
C LYS A 70 -3.36 -11.35 9.83
N ILE A 71 -3.82 -10.12 9.95
CA ILE A 71 -3.14 -9.10 10.74
C ILE A 71 -4.15 -8.34 11.60
N MET A 72 -3.92 -8.31 12.91
CA MET A 72 -4.83 -7.64 13.84
C MET A 72 -6.23 -8.25 13.78
N GLY A 73 -6.28 -9.53 13.37
CA GLY A 73 -7.55 -10.22 13.23
C GLY A 73 -8.37 -9.70 12.07
N LYS A 74 -7.73 -8.94 11.18
CA LYS A 74 -8.40 -8.32 10.05
C LYS A 74 -7.88 -8.85 8.74
N GLU A 75 -8.68 -8.67 7.70
CA GLU A 75 -8.31 -9.07 6.35
C GLU A 75 -7.65 -7.87 5.64
N VAL A 76 -6.36 -7.98 5.40
CA VAL A 76 -5.60 -6.91 4.75
C VAL A 76 -5.55 -7.12 3.25
N LYS A 77 -5.54 -6.03 2.51
CA LYS A 77 -5.50 -6.10 1.06
C LYS A 77 -4.40 -5.22 0.51
N VAL A 78 -3.47 -5.83 -0.22
CA VAL A 78 -2.37 -5.10 -0.81
C VAL A 78 -2.45 -5.15 -2.32
N ASN A 79 -2.63 -4.00 -2.93
CA ASN A 79 -2.69 -3.90 -4.38
C ASN A 79 -1.53 -3.07 -4.88
N TRP A 80 -1.03 -3.39 -6.06
CA TRP A 80 0.01 -2.59 -6.69
C TRP A 80 -0.63 -1.45 -7.47
N ALA A 81 -0.59 -0.26 -6.89
CA ALA A 81 -1.31 0.90 -7.42
C ALA A 81 -0.68 1.41 -8.70
N THR A 82 -1.22 0.95 -9.82
CA THR A 82 -0.82 1.44 -11.13
C THR A 82 -1.56 2.72 -11.49
N THR A 83 -1.67 2.99 -12.77
CA THR A 83 -2.43 4.14 -13.25
C THR A 83 -3.93 3.93 -13.03
N PRO A 84 -4.59 4.87 -12.33
CA PRO A 84 -6.02 4.79 -12.04
C PRO A 84 -6.87 5.13 -13.27
N SER A 85 -6.93 4.20 -14.21
CA SER A 85 -7.69 4.41 -15.43
C SER A 85 -9.18 4.31 -15.15
N SER A 86 -9.96 5.07 -15.92
CA SER A 86 -11.43 5.12 -15.78
C SER A 86 -11.83 5.36 -14.33
N GLN A 87 -11.06 6.19 -13.66
CA GLN A 87 -11.32 6.56 -12.28
C GLN A 87 -10.97 8.02 -12.09
N LYS A 88 -11.71 8.88 -12.78
CA LYS A 88 -11.42 10.30 -12.83
C LYS A 88 -11.84 10.98 -11.52
N LYS A 89 -11.00 10.85 -10.51
CA LYS A 89 -11.25 11.49 -9.22
C LYS A 89 -10.78 12.94 -9.26
N ASP A 90 -11.47 13.75 -10.04
CA ASP A 90 -11.17 15.18 -10.13
C ASP A 90 -11.88 15.93 -9.01
N THR A 91 -13.03 15.42 -8.62
CA THR A 91 -13.82 16.01 -7.55
C THR A 91 -13.90 15.03 -6.38
N SER A 92 -13.90 15.55 -5.16
CA SER A 92 -13.96 14.71 -3.97
C SER A 92 -14.58 15.49 -2.80
N MET A 1 7.41 7.07 -16.26
CA MET A 1 8.07 5.75 -16.14
C MET A 1 7.59 5.01 -14.90
N GLU A 2 7.22 5.75 -13.85
CA GLU A 2 6.72 5.16 -12.62
C GLU A 2 5.39 4.43 -12.91
N ASP A 3 4.80 4.80 -14.04
CA ASP A 3 3.56 4.20 -14.52
C ASP A 3 3.71 2.68 -14.63
N GLU A 4 4.82 2.25 -15.24
CA GLU A 4 5.02 0.83 -15.54
C GLU A 4 5.70 0.11 -14.38
N MET A 5 6.04 0.85 -13.35
CA MET A 5 6.66 0.27 -12.16
C MET A 5 5.96 0.77 -10.91
N PRO A 6 4.74 0.27 -10.63
CA PRO A 6 3.97 0.65 -9.42
C PRO A 6 4.82 0.54 -8.15
N LYS A 7 5.35 1.67 -7.71
CA LYS A 7 6.25 1.70 -6.57
C LYS A 7 5.48 1.92 -5.27
N THR A 8 4.18 2.13 -5.41
CA THR A 8 3.30 2.34 -4.27
C THR A 8 2.40 1.12 -4.08
N LEU A 9 2.32 0.62 -2.86
CA LEU A 9 1.48 -0.53 -2.56
C LEU A 9 0.18 -0.08 -1.94
N TYR A 10 -0.91 -0.59 -2.48
CA TYR A 10 -2.25 -0.29 -2.00
C TYR A 10 -2.68 -1.37 -1.03
N VAL A 11 -2.71 -1.05 0.27
CA VAL A 11 -3.15 -1.99 1.28
C VAL A 11 -4.47 -1.52 1.87
N GLY A 12 -5.49 -2.37 1.77
CA GLY A 12 -6.79 -2.01 2.29
C GLY A 12 -7.16 -2.82 3.52
N ASN A 13 -8.39 -2.60 4.01
CA ASN A 13 -8.89 -3.21 5.23
C ASN A 13 -8.11 -2.74 6.45
N LEU A 14 -7.95 -1.44 6.54
CA LEU A 14 -7.27 -0.84 7.69
C LEU A 14 -8.27 -0.48 8.77
N SER A 15 -7.75 -0.09 9.92
CA SER A 15 -8.57 0.31 11.05
C SER A 15 -7.93 1.52 11.71
N ARG A 16 -8.77 2.40 12.26
CA ARG A 16 -8.31 3.63 12.91
C ARG A 16 -7.48 3.32 14.14
N ASP A 17 -7.54 2.07 14.59
CA ASP A 17 -6.78 1.62 15.74
C ASP A 17 -5.52 0.87 15.30
N VAL A 18 -5.25 0.90 14.01
CA VAL A 18 -4.02 0.32 13.47
C VAL A 18 -2.99 1.43 13.30
N THR A 19 -1.90 1.33 14.04
CA THR A 19 -0.85 2.33 14.00
C THR A 19 -0.02 2.22 12.73
N GLU A 20 0.39 3.37 12.22
CA GLU A 20 1.19 3.48 11.01
C GLU A 20 2.55 2.84 11.22
N ALA A 21 3.04 2.90 12.44
CA ALA A 21 4.35 2.35 12.78
C ALA A 21 4.37 0.84 12.60
N LEU A 22 3.23 0.20 12.82
CA LEU A 22 3.12 -1.25 12.70
C LEU A 22 3.18 -1.67 11.24
N ILE A 23 2.27 -1.13 10.44
CA ILE A 23 2.18 -1.48 9.02
C ILE A 23 3.49 -1.21 8.29
N LEU A 24 4.06 -0.04 8.52
CA LEU A 24 5.33 0.32 7.88
C LEU A 24 6.45 -0.62 8.28
N GLN A 25 6.39 -1.14 9.50
CA GLN A 25 7.40 -2.07 9.99
C GLN A 25 7.43 -3.34 9.13
N LEU A 26 6.24 -3.86 8.86
CA LEU A 26 6.11 -5.07 8.04
C LEU A 26 6.78 -4.90 6.69
N PHE A 27 6.47 -3.79 6.03
CA PHE A 27 7.01 -3.53 4.69
C PHE A 27 8.48 -3.11 4.75
N SER A 28 8.86 -2.44 5.84
CA SER A 28 10.25 -2.01 6.03
C SER A 28 11.16 -3.23 6.19
N GLN A 29 10.59 -4.31 6.72
CA GLN A 29 11.33 -5.55 6.91
C GLN A 29 11.63 -6.21 5.55
N ILE A 30 10.87 -5.81 4.54
CA ILE A 30 11.08 -6.36 3.20
C ILE A 30 11.91 -5.43 2.34
N GLY A 31 11.49 -4.17 2.26
CA GLY A 31 12.17 -3.23 1.39
C GLY A 31 12.31 -1.85 2.02
N PRO A 32 13.11 -0.97 1.41
CA PRO A 32 13.33 0.39 1.90
C PRO A 32 12.07 1.26 1.75
N CYS A 33 11.53 1.70 2.88
CA CYS A 33 10.34 2.53 2.89
C CYS A 33 10.66 3.95 2.42
N LYS A 34 9.78 4.50 1.60
CA LYS A 34 9.94 5.85 1.07
C LYS A 34 8.97 6.81 1.74
N ASN A 35 7.69 6.47 1.68
CA ASN A 35 6.64 7.37 2.12
C ASN A 35 5.40 6.57 2.48
N CYS A 36 4.52 7.16 3.28
CA CYS A 36 3.30 6.49 3.68
C CYS A 36 2.13 7.47 3.65
N LYS A 37 1.16 7.18 2.80
CA LYS A 37 -0.05 7.97 2.75
C LYS A 37 -1.15 7.22 3.47
N MET A 38 -1.51 7.71 4.65
CA MET A 38 -2.50 7.04 5.48
C MET A 38 -3.90 7.58 5.21
N ILE A 39 -4.64 6.85 4.41
CA ILE A 39 -5.98 7.28 4.02
C ILE A 39 -7.01 6.68 4.97
N MET A 40 -7.23 7.36 6.09
CA MET A 40 -8.23 6.94 7.05
C MET A 40 -9.57 7.53 6.66
N ASP A 41 -10.62 6.74 6.84
CA ASP A 41 -11.96 7.17 6.47
C ASP A 41 -12.37 8.39 7.28
N THR A 42 -12.88 9.40 6.60
CA THR A 42 -13.20 10.67 7.24
C THR A 42 -14.59 10.64 7.86
N ALA A 43 -15.45 9.77 7.33
CA ALA A 43 -16.83 9.63 7.80
C ALA A 43 -17.53 8.49 7.07
N GLY A 44 -16.74 7.53 6.59
CA GLY A 44 -17.26 6.48 5.75
C GLY A 44 -16.22 6.04 4.73
N ASN A 45 -16.60 5.10 3.86
CA ASN A 45 -15.67 4.47 2.91
C ASN A 45 -14.79 3.46 3.62
N ASP A 46 -14.06 2.67 2.84
CA ASP A 46 -13.13 1.68 3.38
C ASP A 46 -11.75 2.31 3.54
N PRO A 47 -11.11 2.09 4.71
CA PRO A 47 -9.80 2.65 5.01
C PRO A 47 -8.66 1.86 4.37
N TYR A 48 -7.67 2.57 3.87
CA TYR A 48 -6.53 1.96 3.20
C TYR A 48 -5.30 2.86 3.32
N CYS A 49 -4.14 2.32 3.00
CA CYS A 49 -2.91 3.07 3.11
C CYS A 49 -2.05 2.87 1.87
N PHE A 50 -1.41 3.94 1.44
CA PHE A 50 -0.47 3.90 0.33
C PHE A 50 0.95 3.88 0.86
N VAL A 51 1.60 2.73 0.80
CA VAL A 51 2.98 2.62 1.24
C VAL A 51 3.92 2.62 0.04
N GLU A 52 4.83 3.58 0.02
CA GLU A 52 5.77 3.71 -1.08
C GLU A 52 7.13 3.14 -0.69
N PHE A 53 7.73 2.43 -1.63
CA PHE A 53 9.08 1.90 -1.45
C PHE A 53 10.06 2.69 -2.28
N HIS A 54 11.34 2.38 -2.15
CA HIS A 54 12.36 2.92 -3.04
C HIS A 54 12.69 1.89 -4.10
N GLU A 55 12.23 0.67 -3.87
CA GLU A 55 12.64 -0.46 -4.65
C GLU A 55 11.44 -1.32 -5.01
N HIS A 56 11.20 -1.48 -6.30
CA HIS A 56 10.00 -2.17 -6.79
C HIS A 56 10.11 -3.68 -6.64
N ARG A 57 11.32 -4.22 -6.79
CA ARG A 57 11.54 -5.65 -6.64
C ARG A 57 11.28 -6.10 -5.20
N HIS A 58 11.64 -5.23 -4.27
CA HIS A 58 11.39 -5.49 -2.85
C HIS A 58 9.91 -5.31 -2.55
N ALA A 59 9.30 -4.37 -3.25
CA ALA A 59 7.88 -4.12 -3.13
C ALA A 59 7.08 -5.34 -3.59
N ALA A 60 7.62 -6.05 -4.57
CA ALA A 60 7.02 -7.27 -5.08
C ALA A 60 6.98 -8.34 -4.00
N ALA A 61 8.13 -8.57 -3.37
CA ALA A 61 8.24 -9.56 -2.30
C ALA A 61 7.35 -9.18 -1.13
N ALA A 62 7.31 -7.88 -0.84
CA ALA A 62 6.46 -7.37 0.23
C ALA A 62 5.00 -7.71 -0.05
N LEU A 63 4.57 -7.48 -1.28
CA LEU A 63 3.21 -7.77 -1.68
C LEU A 63 2.92 -9.27 -1.58
N ALA A 64 3.86 -10.09 -2.03
CA ALA A 64 3.67 -11.54 -2.04
C ALA A 64 3.48 -12.10 -0.64
N ALA A 65 4.11 -11.47 0.34
CA ALA A 65 4.04 -11.95 1.72
C ALA A 65 2.90 -11.29 2.49
N MET A 66 2.64 -10.02 2.19
CA MET A 66 1.66 -9.24 2.94
C MET A 66 0.25 -9.38 2.39
N ASN A 67 0.12 -9.73 1.12
CA ASN A 67 -1.19 -9.87 0.51
C ASN A 67 -1.91 -11.08 1.08
N GLY A 68 -2.95 -10.84 1.85
CA GLY A 68 -3.68 -11.92 2.49
C GLY A 68 -3.21 -12.17 3.91
N ARG A 69 -2.39 -11.24 4.42
CA ARG A 69 -1.87 -11.35 5.78
C ARG A 69 -2.94 -10.92 6.77
N LYS A 70 -2.74 -11.22 8.05
CA LYS A 70 -3.72 -10.88 9.07
C LYS A 70 -3.11 -9.93 10.09
N ILE A 71 -3.52 -8.67 10.05
CA ILE A 71 -3.03 -7.68 10.99
C ILE A 71 -4.21 -7.14 11.81
N MET A 72 -4.10 -7.24 13.13
CA MET A 72 -5.17 -6.79 14.04
C MET A 72 -6.45 -7.59 13.84
N GLY A 73 -6.32 -8.75 13.22
CA GLY A 73 -7.49 -9.57 12.93
C GLY A 73 -8.13 -9.21 11.61
N LYS A 74 -7.62 -8.18 10.97
CA LYS A 74 -8.15 -7.72 9.68
C LYS A 74 -7.44 -8.43 8.54
N GLU A 75 -8.20 -8.84 7.55
CA GLU A 75 -7.65 -9.43 6.35
C GLU A 75 -7.16 -8.34 5.42
N VAL A 76 -5.86 -8.18 5.33
CA VAL A 76 -5.29 -7.10 4.55
C VAL A 76 -5.16 -7.50 3.09
N LYS A 77 -5.30 -6.54 2.21
CA LYS A 77 -5.19 -6.80 0.79
C LYS A 77 -4.19 -5.85 0.18
N VAL A 78 -3.17 -6.41 -0.45
CA VAL A 78 -2.10 -5.61 -1.01
C VAL A 78 -2.11 -5.73 -2.53
N ASN A 79 -2.20 -4.60 -3.20
CA ASN A 79 -2.20 -4.56 -4.65
C ASN A 79 -1.31 -3.42 -5.14
N TRP A 80 -0.78 -3.55 -6.35
CA TRP A 80 0.06 -2.53 -6.94
C TRP A 80 -0.77 -1.30 -7.27
N ALA A 81 -0.43 -0.17 -6.67
CA ALA A 81 -1.11 1.08 -6.95
C ALA A 81 -0.39 1.82 -8.07
N THR A 82 -0.99 1.80 -9.25
CA THR A 82 -0.39 2.42 -10.41
C THR A 82 -0.75 3.89 -10.48
N THR A 83 0.20 4.73 -10.84
CA THR A 83 -0.06 6.14 -11.02
C THR A 83 0.41 6.60 -12.41
N PRO A 84 -0.54 6.80 -13.34
CA PRO A 84 -0.25 7.31 -14.68
C PRO A 84 0.18 8.77 -14.63
N SER A 85 1.39 9.03 -15.13
CA SER A 85 1.95 10.37 -15.12
C SER A 85 1.35 11.21 -16.25
N SER A 86 0.08 11.57 -16.09
CA SER A 86 -0.59 12.44 -17.03
C SER A 86 -0.26 13.90 -16.70
N GLN A 87 0.36 14.59 -17.66
CA GLN A 87 0.86 15.93 -17.41
C GLN A 87 0.44 16.89 -18.52
N LYS A 88 -0.63 17.65 -18.28
CA LYS A 88 -1.04 18.69 -19.21
C LYS A 88 -0.17 19.92 -19.04
N LYS A 89 1.11 19.76 -19.37
CA LYS A 89 2.09 20.83 -19.27
C LYS A 89 1.81 21.90 -20.31
N ASP A 90 1.12 21.48 -21.38
CA ASP A 90 0.83 22.35 -22.50
C ASP A 90 -0.64 22.76 -22.52
N THR A 91 -1.06 23.41 -23.59
CA THR A 91 -2.38 24.05 -23.61
C THR A 91 -3.49 23.08 -24.03
N SER A 92 -3.24 22.26 -25.03
CA SER A 92 -4.27 21.39 -25.59
C SER A 92 -4.58 20.21 -24.67
N MET A 1 4.60 0.68 -20.15
CA MET A 1 5.08 -0.35 -19.19
C MET A 1 5.68 0.28 -17.94
N GLU A 2 6.22 1.49 -18.08
CA GLU A 2 6.79 2.19 -16.92
C GLU A 2 5.69 2.63 -15.98
N ASP A 3 4.50 2.80 -16.54
CA ASP A 3 3.30 3.03 -15.76
C ASP A 3 2.94 1.78 -14.98
N GLU A 4 3.14 0.63 -15.62
CA GLU A 4 2.90 -0.67 -15.01
C GLU A 4 4.06 -1.10 -14.10
N MET A 5 4.77 -0.11 -13.56
CA MET A 5 5.80 -0.37 -12.57
C MET A 5 5.51 0.42 -11.30
N PRO A 6 4.48 0.03 -10.54
CA PRO A 6 4.07 0.73 -9.32
C PRO A 6 5.08 0.60 -8.19
N LYS A 7 5.60 1.73 -7.71
CA LYS A 7 6.43 1.73 -6.53
C LYS A 7 5.54 1.83 -5.29
N THR A 8 4.29 2.20 -5.52
CA THR A 8 3.33 2.38 -4.46
C THR A 8 2.49 1.12 -4.25
N LEU A 9 2.47 0.63 -3.02
CA LEU A 9 1.63 -0.51 -2.68
C LEU A 9 0.30 -0.03 -2.13
N TYR A 10 -0.76 -0.71 -2.53
CA TYR A 10 -2.12 -0.35 -2.16
C TYR A 10 -2.64 -1.31 -1.11
N VAL A 11 -2.54 -0.92 0.15
CA VAL A 11 -3.02 -1.76 1.23
C VAL A 11 -4.39 -1.29 1.70
N GLY A 12 -5.41 -2.09 1.44
CA GLY A 12 -6.76 -1.73 1.82
C GLY A 12 -7.26 -2.55 2.98
N ASN A 13 -8.49 -2.26 3.41
CA ASN A 13 -9.15 -2.99 4.49
C ASN A 13 -8.49 -2.70 5.84
N LEU A 14 -7.99 -1.48 6.00
CA LEU A 14 -7.39 -1.07 7.26
C LEU A 14 -8.49 -0.86 8.29
N SER A 15 -8.13 -1.01 9.56
CA SER A 15 -9.08 -0.82 10.65
C SER A 15 -8.59 0.27 11.59
N ARG A 16 -9.42 0.64 12.55
CA ARG A 16 -9.02 1.62 13.56
C ARG A 16 -7.98 0.99 14.47
N ASP A 17 -8.00 -0.34 14.52
CA ASP A 17 -7.09 -1.12 15.35
C ASP A 17 -5.70 -1.14 14.73
N VAL A 18 -5.60 -0.82 13.45
CA VAL A 18 -4.34 -0.90 12.73
C VAL A 18 -3.53 0.37 12.91
N THR A 19 -2.27 0.20 13.26
CA THR A 19 -1.36 1.32 13.44
C THR A 19 -0.36 1.38 12.29
N GLU A 20 -0.01 2.61 11.92
CA GLU A 20 0.96 2.86 10.84
C GLU A 20 2.30 2.23 11.15
N ALA A 21 2.68 2.28 12.42
CA ALA A 21 3.98 1.77 12.86
C ALA A 21 4.14 0.30 12.53
N LEU A 22 3.07 -0.46 12.72
CA LEU A 22 3.10 -1.89 12.49
C LEU A 22 3.18 -2.19 10.99
N ILE A 23 2.28 -1.59 10.22
CA ILE A 23 2.23 -1.80 8.77
C ILE A 23 3.58 -1.49 8.12
N LEU A 24 4.12 -0.31 8.41
CA LEU A 24 5.39 0.10 7.82
C LEU A 24 6.53 -0.80 8.27
N GLN A 25 6.43 -1.33 9.47
CA GLN A 25 7.44 -2.23 10.00
C GLN A 25 7.49 -3.51 9.17
N LEU A 26 6.32 -4.03 8.86
CA LEU A 26 6.18 -5.23 8.04
C LEU A 26 6.85 -5.03 6.68
N PHE A 27 6.56 -3.91 6.05
CA PHE A 27 7.13 -3.61 4.74
C PHE A 27 8.60 -3.27 4.83
N SER A 28 8.98 -2.60 5.92
CA SER A 28 10.37 -2.19 6.14
C SER A 28 11.28 -3.40 6.26
N GLN A 29 10.70 -4.54 6.66
CA GLN A 29 11.42 -5.79 6.76
C GLN A 29 11.80 -6.31 5.38
N ILE A 30 11.04 -5.90 4.37
CA ILE A 30 11.28 -6.32 3.00
C ILE A 30 12.09 -5.27 2.25
N GLY A 31 11.64 -4.02 2.34
CA GLY A 31 12.33 -2.95 1.64
C GLY A 31 12.08 -1.59 2.29
N PRO A 32 12.97 -0.62 2.04
CA PRO A 32 12.85 0.72 2.62
C PRO A 32 11.76 1.56 1.95
N CYS A 33 10.84 2.06 2.76
CA CYS A 33 9.78 2.92 2.28
C CYS A 33 10.15 4.39 2.51
N LYS A 34 9.73 5.27 1.61
CA LYS A 34 10.05 6.70 1.75
C LYS A 34 8.86 7.49 2.28
N ASN A 35 7.66 7.05 1.95
CA ASN A 35 6.46 7.81 2.29
C ASN A 35 5.28 6.87 2.46
N CYS A 36 4.36 7.25 3.34
CA CYS A 36 3.16 6.47 3.61
C CYS A 36 1.94 7.37 3.58
N LYS A 37 1.08 7.17 2.59
CA LYS A 37 -0.13 7.94 2.45
C LYS A 37 -1.26 7.26 3.21
N MET A 38 -1.63 7.85 4.33
CA MET A 38 -2.67 7.32 5.16
C MET A 38 -4.02 7.92 4.77
N ILE A 39 -4.77 7.19 3.98
CA ILE A 39 -6.06 7.70 3.51
C ILE A 39 -7.14 7.43 4.55
N MET A 40 -7.54 8.50 5.23
CA MET A 40 -8.54 8.40 6.28
C MET A 40 -9.93 8.66 5.72
N ASP A 41 -10.85 7.74 6.01
CA ASP A 41 -12.24 7.90 5.58
C ASP A 41 -12.97 8.82 6.55
N THR A 42 -13.89 9.62 6.03
CA THR A 42 -14.54 10.63 6.85
C THR A 42 -15.94 10.19 7.28
N ALA A 43 -16.39 9.04 6.83
CA ALA A 43 -17.74 8.58 7.15
C ALA A 43 -17.74 7.16 7.71
N GLY A 44 -17.57 6.19 6.84
CA GLY A 44 -17.59 4.80 7.25
C GLY A 44 -17.12 3.89 6.14
N ASN A 45 -15.87 4.04 5.76
CA ASN A 45 -15.31 3.28 4.66
C ASN A 45 -14.14 2.42 5.16
N ASP A 46 -13.65 1.53 4.33
CA ASP A 46 -12.43 0.80 4.64
C ASP A 46 -11.24 1.62 4.17
N PRO A 47 -10.42 2.10 5.11
CA PRO A 47 -9.25 2.92 4.79
C PRO A 47 -8.18 2.14 4.04
N TYR A 48 -7.41 2.84 3.24
CA TYR A 48 -6.34 2.24 2.48
C TYR A 48 -5.08 3.08 2.57
N CYS A 49 -3.93 2.43 2.54
CA CYS A 49 -2.66 3.10 2.73
C CYS A 49 -1.77 2.92 1.51
N PHE A 50 -1.13 4.00 1.10
CA PHE A 50 -0.18 3.98 -0.01
C PHE A 50 1.25 4.03 0.52
N VAL A 51 2.01 2.98 0.31
CA VAL A 51 3.39 2.97 0.73
C VAL A 51 4.34 2.89 -0.47
N GLU A 52 5.23 3.87 -0.56
CA GLU A 52 6.20 3.90 -1.65
C GLU A 52 7.55 3.34 -1.22
N PHE A 53 7.98 2.29 -1.90
CA PHE A 53 9.28 1.69 -1.65
C PHE A 53 10.36 2.36 -2.47
N HIS A 54 11.60 2.24 -2.01
CA HIS A 54 12.76 2.71 -2.78
C HIS A 54 13.22 1.64 -3.76
N GLU A 55 12.64 0.46 -3.64
CA GLU A 55 13.01 -0.66 -4.49
C GLU A 55 11.76 -1.43 -4.91
N HIS A 56 11.47 -1.41 -6.20
CA HIS A 56 10.31 -2.08 -6.75
C HIS A 56 10.45 -3.60 -6.60
N ARG A 57 11.68 -4.08 -6.63
CA ARG A 57 11.95 -5.51 -6.46
C ARG A 57 11.53 -5.98 -5.08
N HIS A 58 11.69 -5.11 -4.08
CA HIS A 58 11.31 -5.45 -2.71
C HIS A 58 9.83 -5.18 -2.49
N ALA A 59 9.31 -4.20 -3.23
CA ALA A 59 7.88 -3.90 -3.20
C ALA A 59 7.08 -5.11 -3.65
N ALA A 60 7.59 -5.79 -4.67
CA ALA A 60 6.95 -6.99 -5.19
C ALA A 60 6.90 -8.11 -4.16
N ALA A 61 8.01 -8.32 -3.47
CA ALA A 61 8.09 -9.35 -2.44
C ALA A 61 7.19 -9.03 -1.27
N ALA A 62 7.15 -7.75 -0.90
CA ALA A 62 6.31 -7.29 0.20
C ALA A 62 4.84 -7.50 -0.14
N LEU A 63 4.49 -7.28 -1.41
CA LEU A 63 3.13 -7.45 -1.87
C LEU A 63 2.67 -8.89 -1.64
N ALA A 64 3.47 -9.84 -2.10
CA ALA A 64 3.11 -11.26 -2.03
C ALA A 64 3.05 -11.76 -0.59
N ALA A 65 3.98 -11.31 0.24
CA ALA A 65 4.09 -11.79 1.61
C ALA A 65 3.06 -11.15 2.52
N MET A 66 2.71 -9.89 2.25
CA MET A 66 1.82 -9.14 3.12
C MET A 66 0.36 -9.29 2.69
N ASN A 67 0.14 -9.57 1.41
CA ASN A 67 -1.20 -9.75 0.88
C ASN A 67 -1.88 -10.93 1.57
N GLY A 68 -2.89 -10.65 2.39
CA GLY A 68 -3.62 -11.71 3.05
C GLY A 68 -3.17 -11.96 4.46
N ARG A 69 -2.34 -11.07 4.99
CA ARG A 69 -1.89 -11.17 6.37
C ARG A 69 -3.04 -10.83 7.31
N LYS A 70 -3.02 -11.38 8.52
CA LYS A 70 -4.06 -11.09 9.49
C LYS A 70 -3.52 -10.10 10.52
N ILE A 71 -4.25 -9.01 10.72
CA ILE A 71 -3.86 -7.99 11.67
C ILE A 71 -5.07 -7.50 12.45
N MET A 72 -5.03 -7.72 13.76
CA MET A 72 -6.06 -7.22 14.69
C MET A 72 -7.40 -7.94 14.52
N GLY A 73 -7.51 -8.80 13.52
CA GLY A 73 -8.73 -9.55 13.32
C GLY A 73 -9.25 -9.45 11.90
N LYS A 74 -8.66 -8.57 11.10
CA LYS A 74 -9.07 -8.43 9.72
C LYS A 74 -7.94 -8.77 8.77
N GLU A 75 -8.29 -8.93 7.51
CA GLU A 75 -7.35 -9.33 6.47
C GLU A 75 -6.82 -8.10 5.74
N VAL A 76 -5.52 -7.90 5.78
CA VAL A 76 -4.91 -6.82 5.04
C VAL A 76 -4.73 -7.23 3.59
N LYS A 77 -4.98 -6.32 2.68
CA LYS A 77 -4.85 -6.64 1.26
C LYS A 77 -3.91 -5.67 0.59
N VAL A 78 -2.83 -6.22 0.06
CA VAL A 78 -1.79 -5.41 -0.56
C VAL A 78 -1.80 -5.61 -2.07
N ASN A 79 -2.27 -4.60 -2.77
CA ASN A 79 -2.26 -4.60 -4.23
C ASN A 79 -1.25 -3.57 -4.71
N TRP A 80 -1.15 -3.40 -6.01
CA TRP A 80 -0.25 -2.41 -6.57
C TRP A 80 -1.03 -1.26 -7.19
N ALA A 81 -0.62 -0.04 -6.89
CA ALA A 81 -1.28 1.14 -7.42
C ALA A 81 -0.53 1.65 -8.64
N THR A 82 -1.07 1.37 -9.81
CA THR A 82 -0.46 1.77 -11.06
C THR A 82 -0.37 3.29 -11.18
N THR A 83 0.74 3.79 -11.68
CA THR A 83 0.92 5.21 -11.85
C THR A 83 0.95 5.57 -13.34
N PRO A 84 -0.15 6.16 -13.84
CA PRO A 84 -0.29 6.49 -15.27
C PRO A 84 0.35 7.82 -15.63
N SER A 85 1.15 8.36 -14.72
CA SER A 85 1.85 9.62 -14.94
C SER A 85 3.12 9.38 -15.76
N SER A 86 2.94 8.78 -16.93
CA SER A 86 4.06 8.40 -17.77
C SER A 86 4.52 9.55 -18.65
N GLN A 87 5.82 9.85 -18.57
CA GLN A 87 6.45 10.86 -19.42
C GLN A 87 5.81 12.23 -19.24
N LYS A 88 5.57 12.62 -17.99
CA LYS A 88 4.94 13.91 -17.72
C LYS A 88 5.95 15.04 -17.86
N LYS A 89 7.20 14.69 -18.08
CA LYS A 89 8.25 15.65 -18.35
C LYS A 89 9.00 15.28 -19.62
N ASP A 90 8.44 15.65 -20.76
CA ASP A 90 9.05 15.35 -22.04
C ASP A 90 10.12 16.39 -22.36
N THR A 91 11.33 15.90 -22.63
CA THR A 91 12.47 16.75 -22.85
C THR A 91 13.23 16.30 -24.10
N SER A 92 12.52 15.58 -24.96
CA SER A 92 13.11 15.01 -26.15
C SER A 92 13.12 16.01 -27.31
N MET A 1 5.61 4.77 -19.22
CA MET A 1 6.94 4.13 -19.40
C MET A 1 7.43 3.58 -18.06
N GLU A 2 8.08 4.44 -17.26
CA GLU A 2 8.63 4.05 -15.97
C GLU A 2 7.55 4.07 -14.89
N ASP A 3 6.52 4.85 -15.18
CA ASP A 3 5.37 5.03 -14.31
C ASP A 3 4.52 3.76 -14.27
N GLU A 4 4.77 2.87 -15.22
CA GLU A 4 4.02 1.62 -15.33
C GLU A 4 4.67 0.53 -14.48
N MET A 5 5.57 0.95 -13.61
CA MET A 5 6.20 0.05 -12.65
C MET A 5 5.80 0.45 -11.24
N PRO A 6 4.78 -0.22 -10.68
CA PRO A 6 4.19 0.14 -9.38
C PRO A 6 5.22 0.18 -8.25
N LYS A 7 5.52 1.38 -7.76
CA LYS A 7 6.43 1.54 -6.64
C LYS A 7 5.65 1.70 -5.34
N THR A 8 4.34 1.87 -5.47
CA THR A 8 3.48 2.08 -4.33
C THR A 8 2.55 0.88 -4.14
N LEU A 9 2.46 0.41 -2.90
CA LEU A 9 1.56 -0.68 -2.56
C LEU A 9 0.24 -0.13 -2.02
N TYR A 10 -0.85 -0.57 -2.60
CA TYR A 10 -2.19 -0.21 -2.15
C TYR A 10 -2.66 -1.22 -1.13
N VAL A 11 -2.50 -0.88 0.14
CA VAL A 11 -2.83 -1.83 1.20
C VAL A 11 -3.99 -1.33 2.04
N GLY A 12 -5.11 -2.04 1.94
CA GLY A 12 -6.28 -1.70 2.73
C GLY A 12 -6.52 -2.72 3.83
N ASN A 13 -6.67 -2.24 5.06
CA ASN A 13 -6.83 -3.12 6.22
C ASN A 13 -6.92 -2.29 7.50
N LEU A 14 -6.69 -0.99 7.38
CA LEU A 14 -6.54 -0.11 8.53
C LEU A 14 -7.74 -0.20 9.45
N SER A 15 -7.48 -0.18 10.73
CA SER A 15 -8.50 -0.23 11.74
C SER A 15 -8.06 0.57 12.96
N ARG A 16 -8.90 0.64 13.98
CA ARG A 16 -8.63 1.46 15.15
C ARG A 16 -7.30 1.12 15.81
N ASP A 17 -7.04 -0.17 15.99
CA ASP A 17 -5.82 -0.61 16.67
C ASP A 17 -4.65 -0.77 15.70
N VAL A 18 -4.81 -0.24 14.51
CA VAL A 18 -3.72 -0.23 13.53
C VAL A 18 -3.06 1.13 13.51
N THR A 19 -1.74 1.15 13.59
CA THR A 19 -0.98 2.39 13.58
C THR A 19 -0.04 2.45 12.38
N GLU A 20 0.29 3.66 11.94
CA GLU A 20 1.19 3.86 10.81
C GLU A 20 2.51 3.12 11.02
N ALA A 21 3.07 3.30 12.21
CA ALA A 21 4.38 2.72 12.55
C ALA A 21 4.38 1.21 12.39
N LEU A 22 3.26 0.58 12.74
CA LEU A 22 3.13 -0.87 12.64
C LEU A 22 3.18 -1.30 11.18
N ILE A 23 2.30 -0.71 10.37
CA ILE A 23 2.21 -1.04 8.96
C ILE A 23 3.53 -0.81 8.24
N LEU A 24 4.12 0.37 8.45
CA LEU A 24 5.38 0.71 7.80
C LEU A 24 6.51 -0.20 8.26
N GLN A 25 6.46 -0.62 9.52
CA GLN A 25 7.47 -1.54 10.04
C GLN A 25 7.39 -2.88 9.31
N LEU A 26 6.15 -3.32 9.07
CA LEU A 26 5.90 -4.57 8.36
C LEU A 26 6.43 -4.52 6.93
N PHE A 27 6.45 -3.33 6.35
CA PHE A 27 7.00 -3.16 5.00
C PHE A 27 8.50 -2.93 5.04
N SER A 28 8.98 -2.34 6.13
CA SER A 28 10.40 -2.03 6.27
C SER A 28 11.23 -3.31 6.46
N GLN A 29 10.56 -4.38 6.88
CA GLN A 29 11.24 -5.67 7.00
C GLN A 29 11.43 -6.29 5.63
N ILE A 30 10.76 -5.71 4.64
CA ILE A 30 10.85 -6.17 3.26
C ILE A 30 11.74 -5.23 2.45
N GLY A 31 11.47 -3.94 2.52
CA GLY A 31 12.25 -2.97 1.79
C GLY A 31 12.22 -1.60 2.44
N PRO A 32 13.17 -0.72 2.10
CA PRO A 32 13.24 0.64 2.62
C PRO A 32 12.05 1.49 2.15
N CYS A 33 11.24 1.92 3.10
CA CYS A 33 10.08 2.75 2.82
C CYS A 33 10.50 4.21 2.57
N LYS A 34 9.91 4.82 1.55
CA LYS A 34 10.25 6.18 1.17
C LYS A 34 9.23 7.17 1.70
N ASN A 35 7.96 6.87 1.49
CA ASN A 35 6.87 7.77 1.88
C ASN A 35 5.61 6.97 2.20
N CYS A 36 4.77 7.53 3.05
CA CYS A 36 3.52 6.87 3.43
C CYS A 36 2.34 7.80 3.25
N LYS A 37 1.35 7.35 2.51
CA LYS A 37 0.12 8.10 2.30
C LYS A 37 -1.04 7.42 3.00
N MET A 38 -1.46 7.99 4.11
CA MET A 38 -2.56 7.43 4.89
C MET A 38 -3.89 7.96 4.38
N ILE A 39 -4.70 7.08 3.82
CA ILE A 39 -6.01 7.48 3.32
C ILE A 39 -7.10 6.98 4.26
N MET A 40 -7.60 7.88 5.09
CA MET A 40 -8.62 7.52 6.06
C MET A 40 -9.95 8.15 5.70
N ASP A 41 -10.91 7.31 5.36
CA ASP A 41 -12.26 7.78 5.06
C ASP A 41 -13.00 8.04 6.36
N THR A 42 -13.79 9.10 6.40
CA THR A 42 -14.52 9.45 7.59
C THR A 42 -15.92 8.86 7.54
N ALA A 43 -16.18 8.07 6.51
CA ALA A 43 -17.46 7.41 6.33
C ALA A 43 -17.43 5.99 6.90
N GLY A 44 -16.25 5.57 7.31
CA GLY A 44 -16.08 4.23 7.82
C GLY A 44 -15.33 3.35 6.84
N ASN A 45 -16.01 2.30 6.37
CA ASN A 45 -15.46 1.35 5.38
C ASN A 45 -14.06 0.86 5.73
N ASP A 46 -13.41 0.20 4.79
CA ASP A 46 -12.04 -0.25 4.98
C ASP A 46 -11.06 0.82 4.50
N PRO A 47 -10.30 1.40 5.44
CA PRO A 47 -9.27 2.40 5.11
C PRO A 47 -7.99 1.75 4.60
N TYR A 48 -7.32 2.44 3.69
CA TYR A 48 -6.13 1.91 3.05
C TYR A 48 -4.99 2.91 3.12
N CYS A 49 -3.79 2.42 2.90
CA CYS A 49 -2.61 3.25 2.97
C CYS A 49 -1.70 3.00 1.77
N PHE A 50 -1.15 4.06 1.24
CA PHE A 50 -0.17 3.96 0.16
C PHE A 50 1.23 4.00 0.75
N VAL A 51 2.08 3.10 0.30
CA VAL A 51 3.46 3.08 0.77
C VAL A 51 4.43 3.01 -0.40
N GLU A 52 5.31 4.00 -0.49
CA GLU A 52 6.33 4.03 -1.51
C GLU A 52 7.59 3.31 -1.06
N PHE A 53 8.10 2.42 -1.89
CA PHE A 53 9.33 1.70 -1.61
C PHE A 53 10.49 2.30 -2.40
N HIS A 54 11.68 2.29 -1.79
CA HIS A 54 12.89 2.72 -2.47
C HIS A 54 13.32 1.66 -3.49
N GLU A 55 12.85 0.44 -3.28
CA GLU A 55 13.19 -0.67 -4.16
C GLU A 55 11.93 -1.34 -4.69
N HIS A 56 11.69 -1.17 -5.98
CA HIS A 56 10.55 -1.79 -6.64
C HIS A 56 10.58 -3.31 -6.52
N ARG A 57 11.78 -3.88 -6.50
CA ARG A 57 11.93 -5.32 -6.40
C ARG A 57 11.47 -5.84 -5.05
N HIS A 58 11.70 -5.07 -3.99
CA HIS A 58 11.28 -5.47 -2.66
C HIS A 58 9.80 -5.20 -2.46
N ALA A 59 9.26 -4.30 -3.27
CA ALA A 59 7.84 -3.99 -3.25
C ALA A 59 7.02 -5.21 -3.68
N ALA A 60 7.61 -6.00 -4.58
CA ALA A 60 6.97 -7.21 -5.08
C ALA A 60 6.79 -8.24 -3.98
N ALA A 61 7.85 -8.43 -3.21
CA ALA A 61 7.83 -9.39 -2.11
C ALA A 61 6.84 -8.97 -1.03
N ALA A 62 6.78 -7.66 -0.80
CA ALA A 62 5.85 -7.10 0.18
C ALA A 62 4.41 -7.41 -0.19
N LEU A 63 4.11 -7.33 -1.49
CA LEU A 63 2.77 -7.63 -1.99
C LEU A 63 2.40 -9.08 -1.68
N ALA A 64 3.22 -10.00 -2.15
CA ALA A 64 2.92 -11.43 -2.03
C ALA A 64 2.86 -11.87 -0.57
N ALA A 65 3.79 -11.36 0.23
CA ALA A 65 3.90 -11.80 1.62
C ALA A 65 2.80 -11.24 2.50
N MET A 66 2.35 -10.02 2.20
CA MET A 66 1.37 -9.34 3.05
C MET A 66 -0.06 -9.62 2.60
N ASN A 67 -0.28 -9.65 1.29
CA ASN A 67 -1.63 -9.83 0.77
C ASN A 67 -2.19 -11.19 1.14
N GLY A 68 -3.36 -11.19 1.76
CA GLY A 68 -4.01 -12.43 2.14
C GLY A 68 -3.68 -12.84 3.57
N ARG A 69 -2.88 -12.04 4.23
CA ARG A 69 -2.50 -12.32 5.61
C ARG A 69 -3.62 -11.91 6.56
N LYS A 70 -3.66 -12.50 7.74
CA LYS A 70 -4.67 -12.14 8.72
C LYS A 70 -4.05 -11.29 9.82
N ILE A 71 -4.55 -10.08 9.97
CA ILE A 71 -4.05 -9.14 10.96
C ILE A 71 -5.21 -8.43 11.64
N MET A 72 -5.23 -8.48 12.98
CA MET A 72 -6.29 -7.86 13.78
C MET A 72 -7.64 -8.51 13.48
N GLY A 73 -7.60 -9.74 12.99
CA GLY A 73 -8.81 -10.44 12.62
C GLY A 73 -9.43 -9.89 11.34
N LYS A 74 -8.76 -8.93 10.73
CA LYS A 74 -9.27 -8.27 9.54
C LYS A 74 -8.53 -8.73 8.29
N GLU A 75 -9.08 -8.39 7.14
CA GLU A 75 -8.52 -8.81 5.88
C GLU A 75 -7.59 -7.73 5.33
N VAL A 76 -6.30 -8.03 5.30
CA VAL A 76 -5.33 -7.13 4.72
C VAL A 76 -5.26 -7.37 3.21
N LYS A 77 -5.28 -6.29 2.45
CA LYS A 77 -5.27 -6.40 1.01
C LYS A 77 -4.14 -5.58 0.43
N VAL A 78 -3.41 -6.16 -0.51
CA VAL A 78 -2.27 -5.49 -1.11
C VAL A 78 -2.37 -5.55 -2.62
N ASN A 79 -2.64 -4.39 -3.22
CA ASN A 79 -2.81 -4.28 -4.66
C ASN A 79 -1.78 -3.29 -5.21
N TRP A 80 -1.48 -3.40 -6.49
CA TRP A 80 -0.51 -2.51 -7.12
C TRP A 80 -1.13 -1.15 -7.40
N ALA A 81 -0.66 -0.13 -6.70
CA ALA A 81 -1.13 1.23 -6.93
C ALA A 81 -0.38 1.84 -8.11
N THR A 82 -0.93 1.68 -9.29
CA THR A 82 -0.28 2.12 -10.51
C THR A 82 -0.87 3.43 -11.04
N THR A 83 0.00 4.27 -11.58
CA THR A 83 -0.44 5.44 -12.30
C THR A 83 0.05 5.34 -13.74
N PRO A 84 -0.83 5.00 -14.69
CA PRO A 84 -0.46 4.76 -16.08
C PRO A 84 -0.22 6.04 -16.86
N SER A 85 0.54 5.92 -17.94
CA SER A 85 0.85 7.04 -18.80
C SER A 85 -0.42 7.59 -19.45
N SER A 86 -0.76 8.83 -19.09
CA SER A 86 -1.92 9.51 -19.65
C SER A 86 -1.87 9.46 -21.17
N GLN A 87 -0.68 9.67 -21.71
CA GLN A 87 -0.43 9.51 -23.13
C GLN A 87 1.07 9.58 -23.37
N LYS A 88 1.63 10.77 -23.27
CA LYS A 88 3.07 10.95 -23.38
C LYS A 88 3.61 11.62 -22.12
N LYS A 89 3.25 12.89 -21.94
CA LYS A 89 3.60 13.63 -20.73
C LYS A 89 2.40 14.48 -20.30
N ASP A 90 2.30 14.74 -19.00
CA ASP A 90 1.17 15.49 -18.46
C ASP A 90 1.51 16.96 -18.30
N THR A 91 2.77 17.30 -18.48
CA THR A 91 3.21 18.68 -18.36
C THR A 91 3.11 19.40 -19.71
N SER A 92 2.53 20.59 -19.69
CA SER A 92 2.39 21.40 -20.89
C SER A 92 2.44 22.88 -20.53
N MET A 1 6.31 3.39 -20.40
CA MET A 1 5.04 3.22 -19.66
C MET A 1 5.30 3.18 -18.16
N GLU A 2 4.95 4.25 -17.48
CA GLU A 2 5.19 4.38 -16.04
C GLU A 2 4.17 3.55 -15.27
N ASP A 3 2.96 3.46 -15.81
CA ASP A 3 1.86 2.75 -15.16
C ASP A 3 2.02 1.24 -15.30
N GLU A 4 3.04 0.83 -16.03
CA GLU A 4 3.33 -0.58 -16.22
C GLU A 4 4.18 -1.10 -15.06
N MET A 5 4.85 -0.18 -14.37
CA MET A 5 5.73 -0.54 -13.27
C MET A 5 5.44 0.32 -12.03
N PRO A 6 4.41 -0.05 -11.25
CA PRO A 6 4.04 0.68 -10.05
C PRO A 6 5.06 0.51 -8.92
N LYS A 7 5.33 1.58 -8.19
CA LYS A 7 6.24 1.52 -7.06
C LYS A 7 5.51 1.85 -5.78
N THR A 8 4.19 1.91 -5.89
CA THR A 8 3.33 2.23 -4.76
C THR A 8 2.50 1.02 -4.38
N LEU A 9 2.52 0.67 -3.10
CA LEU A 9 1.70 -0.43 -2.61
C LEU A 9 0.40 0.10 -2.02
N TYR A 10 -0.70 -0.39 -2.55
CA TYR A 10 -2.02 0.02 -2.09
C TYR A 10 -2.55 -0.98 -1.08
N VAL A 11 -2.40 -0.67 0.20
CA VAL A 11 -2.90 -1.54 1.25
C VAL A 11 -4.25 -1.05 1.75
N GLY A 12 -5.28 -1.82 1.48
CA GLY A 12 -6.61 -1.44 1.88
C GLY A 12 -7.15 -2.30 2.99
N ASN A 13 -8.26 -1.85 3.59
CA ASN A 13 -8.97 -2.59 4.63
C ASN A 13 -8.22 -2.55 5.96
N LEU A 14 -7.91 -1.35 6.41
CA LEU A 14 -7.26 -1.16 7.69
C LEU A 14 -8.28 -1.18 8.83
N SER A 15 -7.80 -0.95 10.04
CA SER A 15 -8.66 -0.93 11.21
C SER A 15 -8.11 0.06 12.23
N ARG A 16 -8.95 0.44 13.19
CA ARG A 16 -8.52 1.34 14.26
C ARG A 16 -7.51 0.63 15.16
N ASP A 17 -7.48 -0.70 15.06
CA ASP A 17 -6.52 -1.51 15.80
C ASP A 17 -5.15 -1.46 15.13
N VAL A 18 -5.15 -1.11 13.85
CA VAL A 18 -3.93 -1.07 13.06
C VAL A 18 -3.20 0.25 13.28
N THR A 19 -1.88 0.19 13.37
CA THR A 19 -1.08 1.38 13.60
C THR A 19 0.02 1.50 12.55
N GLU A 20 0.38 2.74 12.23
CA GLU A 20 1.41 3.04 11.24
C GLU A 20 2.73 2.35 11.58
N ALA A 21 3.09 2.39 12.86
CA ALA A 21 4.36 1.83 13.32
C ALA A 21 4.45 0.33 13.05
N LEU A 22 3.31 -0.33 12.95
CA LEU A 22 3.26 -1.76 12.69
C LEU A 22 3.37 -2.04 11.20
N ILE A 23 2.51 -1.37 10.43
CA ILE A 23 2.48 -1.54 8.98
C ILE A 23 3.82 -1.20 8.35
N LEU A 24 4.37 -0.04 8.73
CA LEU A 24 5.64 0.42 8.19
C LEU A 24 6.79 -0.49 8.58
N GLN A 25 6.66 -1.13 9.74
CA GLN A 25 7.70 -2.03 10.22
C GLN A 25 7.82 -3.22 9.28
N LEU A 26 6.68 -3.79 8.93
CA LEU A 26 6.63 -4.95 8.04
C LEU A 26 7.26 -4.63 6.70
N PHE A 27 6.90 -3.47 6.14
CA PHE A 27 7.44 -3.04 4.87
C PHE A 27 8.92 -2.72 4.97
N SER A 28 9.33 -2.15 6.10
CA SER A 28 10.74 -1.81 6.32
C SER A 28 11.61 -3.06 6.35
N GLN A 29 11.01 -4.18 6.73
CA GLN A 29 11.71 -5.45 6.77
C GLN A 29 11.95 -5.98 5.36
N ILE A 30 11.17 -5.48 4.40
CA ILE A 30 11.27 -5.95 3.03
C ILE A 30 12.06 -4.97 2.17
N GLY A 31 11.69 -3.70 2.20
CA GLY A 31 12.34 -2.72 1.37
C GLY A 31 12.27 -1.32 1.96
N PRO A 32 13.18 -0.42 1.55
CA PRO A 32 13.21 0.97 2.02
C PRO A 32 11.93 1.71 1.66
N CYS A 33 11.23 2.18 2.68
CA CYS A 33 9.98 2.90 2.49
C CYS A 33 10.24 4.34 2.11
N LYS A 34 9.50 4.82 1.12
CA LYS A 34 9.63 6.19 0.63
C LYS A 34 8.77 7.13 1.45
N ASN A 35 7.53 6.73 1.69
CA ASN A 35 6.59 7.50 2.50
C ASN A 35 5.41 6.63 2.88
N CYS A 36 4.60 7.09 3.81
CA CYS A 36 3.43 6.37 4.25
C CYS A 36 2.26 7.32 4.42
N LYS A 37 1.16 7.05 3.73
CA LYS A 37 -0.03 7.88 3.85
C LYS A 37 -1.24 7.03 4.22
N MET A 38 -1.65 7.14 5.46
CA MET A 38 -2.81 6.41 5.95
C MET A 38 -4.06 7.26 5.77
N ILE A 39 -4.90 6.86 4.84
CA ILE A 39 -6.13 7.59 4.57
C ILE A 39 -7.21 7.15 5.55
N MET A 40 -7.46 7.99 6.54
CA MET A 40 -8.43 7.68 7.58
C MET A 40 -9.84 8.00 7.09
N ASP A 41 -10.41 7.06 6.38
CA ASP A 41 -11.76 7.21 5.83
C ASP A 41 -12.78 7.36 6.94
N THR A 42 -13.75 8.22 6.69
CA THR A 42 -14.75 8.54 7.68
C THR A 42 -16.05 7.79 7.41
N ALA A 43 -16.34 7.53 6.13
CA ALA A 43 -17.56 6.84 5.71
C ALA A 43 -17.63 6.73 4.20
N GLY A 44 -16.60 6.16 3.61
CA GLY A 44 -16.59 5.91 2.19
C GLY A 44 -16.68 4.43 1.91
N ASN A 45 -15.80 3.66 2.54
CA ASN A 45 -15.82 2.21 2.43
C ASN A 45 -15.05 1.57 3.58
N ASP A 46 -13.76 1.43 3.41
CA ASP A 46 -12.90 0.84 4.42
C ASP A 46 -11.50 1.44 4.30
N PRO A 47 -10.99 2.01 5.41
CA PRO A 47 -9.70 2.73 5.44
C PRO A 47 -8.56 2.02 4.73
N TYR A 48 -7.72 2.79 4.07
CA TYR A 48 -6.60 2.24 3.30
C TYR A 48 -5.36 3.12 3.45
N CYS A 49 -4.22 2.59 3.06
CA CYS A 49 -2.96 3.29 3.21
C CYS A 49 -2.10 3.17 1.96
N PHE A 50 -1.40 4.25 1.63
CA PHE A 50 -0.46 4.27 0.52
C PHE A 50 0.96 4.13 1.03
N VAL A 51 1.64 3.07 0.62
CA VAL A 51 3.03 2.87 1.02
C VAL A 51 3.92 2.74 -0.21
N GLU A 52 4.82 3.69 -0.40
CA GLU A 52 5.72 3.66 -1.54
C GLU A 52 7.08 3.11 -1.15
N PHE A 53 7.71 2.40 -2.06
CA PHE A 53 9.02 1.81 -1.83
C PHE A 53 10.07 2.44 -2.72
N HIS A 54 11.30 2.44 -2.24
CA HIS A 54 12.45 2.79 -3.07
C HIS A 54 12.90 1.54 -3.82
N GLU A 55 12.29 0.43 -3.46
CA GLU A 55 12.59 -0.87 -4.04
C GLU A 55 11.37 -1.44 -4.73
N HIS A 56 11.30 -1.26 -6.04
CA HIS A 56 10.23 -1.85 -6.84
C HIS A 56 10.37 -3.38 -6.82
N ARG A 57 11.61 -3.83 -6.70
CA ARG A 57 11.90 -5.26 -6.63
C ARG A 57 11.35 -5.87 -5.34
N HIS A 58 11.60 -5.19 -4.23
CA HIS A 58 11.20 -5.71 -2.93
C HIS A 58 9.72 -5.46 -2.68
N ALA A 59 9.14 -4.56 -3.47
CA ALA A 59 7.72 -4.26 -3.39
C ALA A 59 6.90 -5.51 -3.63
N ALA A 60 7.38 -6.35 -4.54
CA ALA A 60 6.72 -7.61 -4.87
C ALA A 60 6.71 -8.55 -3.68
N ALA A 61 7.87 -8.67 -3.04
CA ALA A 61 8.02 -9.57 -1.89
C ALA A 61 7.17 -9.09 -0.72
N ALA A 62 7.09 -7.78 -0.54
CA ALA A 62 6.27 -7.21 0.52
C ALA A 62 4.79 -7.51 0.27
N LEU A 63 4.38 -7.33 -0.98
CA LEU A 63 3.00 -7.56 -1.38
C LEU A 63 2.61 -9.02 -1.14
N ALA A 64 3.39 -9.93 -1.68
CA ALA A 64 3.08 -11.36 -1.62
C ALA A 64 3.00 -11.87 -0.18
N ALA A 65 3.81 -11.31 0.69
CA ALA A 65 3.89 -11.79 2.08
C ALA A 65 2.83 -11.16 2.97
N MET A 66 2.20 -10.09 2.50
CA MET A 66 1.25 -9.36 3.33
C MET A 66 -0.17 -9.40 2.74
N ASN A 67 -0.27 -9.50 1.43
CA ASN A 67 -1.58 -9.46 0.76
C ASN A 67 -2.48 -10.61 1.22
N GLY A 68 -3.58 -10.24 1.88
CA GLY A 68 -4.53 -11.23 2.33
C GLY A 68 -4.25 -11.74 3.72
N ARG A 69 -3.33 -11.08 4.40
CA ARG A 69 -2.93 -11.50 5.73
C ARG A 69 -3.74 -10.76 6.78
N LYS A 70 -4.28 -11.47 7.76
CA LYS A 70 -5.08 -10.82 8.78
C LYS A 70 -4.17 -10.16 9.81
N ILE A 71 -4.33 -8.86 9.96
CA ILE A 71 -3.55 -8.09 10.90
C ILE A 71 -4.49 -7.26 11.78
N MET A 72 -4.48 -7.57 13.07
CA MET A 72 -5.33 -6.88 14.04
C MET A 72 -6.81 -7.05 13.70
N GLY A 73 -7.18 -8.27 13.34
CA GLY A 73 -8.59 -8.57 13.09
C GLY A 73 -9.00 -8.41 11.64
N LYS A 74 -8.44 -7.41 10.98
CA LYS A 74 -8.83 -7.11 9.61
C LYS A 74 -7.92 -7.77 8.59
N GLU A 75 -8.49 -8.10 7.45
CA GLU A 75 -7.75 -8.71 6.37
C GLU A 75 -7.17 -7.62 5.47
N VAL A 76 -5.86 -7.46 5.52
CA VAL A 76 -5.20 -6.44 4.71
C VAL A 76 -5.15 -6.87 3.26
N LYS A 77 -5.25 -5.92 2.36
CA LYS A 77 -5.15 -6.21 0.94
C LYS A 77 -4.11 -5.32 0.30
N VAL A 78 -3.05 -5.94 -0.19
CA VAL A 78 -1.95 -5.20 -0.78
C VAL A 78 -2.02 -5.32 -2.30
N ASN A 79 -2.24 -4.20 -2.95
CA ASN A 79 -2.42 -4.18 -4.39
C ASN A 79 -1.36 -3.30 -5.04
N TRP A 80 -1.13 -3.50 -6.32
CA TRP A 80 -0.21 -2.67 -7.07
C TRP A 80 -0.89 -1.36 -7.43
N ALA A 81 -0.57 -0.30 -6.70
CA ALA A 81 -1.17 1.00 -6.94
C ALA A 81 -0.63 1.60 -8.22
N THR A 82 -1.31 1.34 -9.32
CA THR A 82 -0.89 1.81 -10.62
C THR A 82 -1.20 3.28 -10.78
N THR A 83 -0.16 4.09 -10.90
CA THR A 83 -0.32 5.49 -11.17
C THR A 83 0.00 5.78 -12.62
N PRO A 84 -1.05 6.00 -13.43
CA PRO A 84 -0.91 6.21 -14.88
C PRO A 84 -0.33 7.58 -15.21
N SER A 85 -0.14 7.82 -16.49
CA SER A 85 0.36 9.09 -16.98
C SER A 85 -0.77 9.85 -17.66
N SER A 86 -1.89 9.95 -16.95
CA SER A 86 -3.11 10.61 -17.44
C SER A 86 -3.55 10.10 -18.81
N GLN A 87 -3.13 10.78 -19.87
CA GLN A 87 -3.49 10.40 -21.23
C GLN A 87 -2.82 9.09 -21.65
N LYS A 88 -3.54 7.99 -21.45
CA LYS A 88 -3.07 6.69 -21.86
C LYS A 88 -3.18 6.53 -23.37
N LYS A 89 -4.37 6.82 -23.91
CA LYS A 89 -4.62 6.73 -25.35
C LYS A 89 -4.24 5.35 -25.88
N ASP A 90 -5.01 4.35 -25.48
CA ASP A 90 -4.73 2.94 -25.82
C ASP A 90 -4.64 2.76 -27.33
N THR A 91 -3.69 1.96 -27.75
CA THR A 91 -3.45 1.73 -29.16
C THR A 91 -2.84 0.35 -29.38
N SER A 92 -3.08 -0.22 -30.55
CA SER A 92 -2.55 -1.53 -30.89
C SER A 92 -2.04 -1.50 -32.33
N MET A 1 6.22 2.14 -20.64
CA MET A 1 6.94 1.01 -20.01
C MET A 1 7.08 1.23 -18.51
N GLU A 2 7.19 2.48 -18.08
CA GLU A 2 7.25 2.78 -16.65
C GLU A 2 5.91 2.53 -15.98
N ASP A 3 4.87 2.44 -16.82
CA ASP A 3 3.51 2.19 -16.37
C ASP A 3 3.44 0.87 -15.59
N GLU A 4 4.18 -0.13 -16.07
CA GLU A 4 4.08 -1.49 -15.54
C GLU A 4 5.00 -1.70 -14.34
N MET A 5 5.61 -0.64 -13.85
CA MET A 5 6.48 -0.76 -12.68
C MET A 5 6.07 0.24 -11.59
N PRO A 6 4.93 -0.01 -10.93
CA PRO A 6 4.44 0.84 -9.85
C PRO A 6 5.30 0.70 -8.60
N LYS A 7 5.76 1.82 -8.08
CA LYS A 7 6.56 1.83 -6.86
C LYS A 7 5.66 2.14 -5.66
N THR A 8 4.38 2.26 -5.95
CA THR A 8 3.37 2.57 -4.94
C THR A 8 2.41 1.39 -4.79
N LEU A 9 2.28 0.90 -3.57
CA LEU A 9 1.39 -0.21 -3.27
C LEU A 9 0.07 0.31 -2.71
N TYR A 10 -1.01 -0.35 -3.09
CA TYR A 10 -2.34 0.01 -2.61
C TYR A 10 -2.89 -1.13 -1.78
N VAL A 11 -3.06 -0.90 -0.48
CA VAL A 11 -3.63 -1.93 0.38
C VAL A 11 -4.95 -1.46 0.96
N GLY A 12 -5.91 -2.37 1.08
CA GLY A 12 -7.19 -2.01 1.65
C GLY A 12 -7.61 -2.93 2.78
N ASN A 13 -8.80 -2.66 3.33
CA ASN A 13 -9.36 -3.42 4.45
C ASN A 13 -8.51 -3.27 5.70
N LEU A 14 -8.35 -2.02 6.13
CA LEU A 14 -7.56 -1.70 7.32
C LEU A 14 -8.48 -1.52 8.52
N SER A 15 -7.88 -1.18 9.65
CA SER A 15 -8.62 -0.96 10.88
C SER A 15 -7.92 0.09 11.72
N ARG A 16 -8.70 0.85 12.47
CA ARG A 16 -8.18 1.91 13.33
C ARG A 16 -7.31 1.35 14.47
N ASP A 17 -7.28 0.04 14.60
CA ASP A 17 -6.39 -0.61 15.56
C ASP A 17 -4.97 -0.63 15.02
N VAL A 18 -4.85 -0.61 13.70
CA VAL A 18 -3.55 -0.63 13.04
C VAL A 18 -2.87 0.74 13.17
N THR A 19 -1.56 0.74 13.38
CA THR A 19 -0.82 1.97 13.62
C THR A 19 0.27 2.19 12.56
N GLU A 20 0.71 3.43 12.42
CA GLU A 20 1.77 3.79 11.48
C GLU A 20 3.03 2.96 11.75
N ALA A 21 3.41 2.87 13.01
CA ALA A 21 4.62 2.14 13.41
C ALA A 21 4.55 0.67 13.01
N LEU A 22 3.33 0.15 12.88
CA LEU A 22 3.13 -1.23 12.49
C LEU A 22 3.27 -1.37 10.97
N ILE A 23 2.55 -0.52 10.25
CA ILE A 23 2.54 -0.55 8.79
C ILE A 23 3.95 -0.37 8.22
N LEU A 24 4.62 0.70 8.64
CA LEU A 24 5.94 1.01 8.13
C LEU A 24 6.92 -0.13 8.37
N GLN A 25 6.95 -0.64 9.60
CA GLN A 25 7.91 -1.69 9.96
C GLN A 25 7.69 -2.94 9.13
N LEU A 26 6.42 -3.30 8.92
CA LEU A 26 6.08 -4.49 8.13
C LEU A 26 6.70 -4.43 6.74
N PHE A 27 6.54 -3.30 6.08
CA PHE A 27 7.06 -3.13 4.73
C PHE A 27 8.57 -2.86 4.76
N SER A 28 9.04 -2.21 5.82
CA SER A 28 10.47 -1.96 6.00
C SER A 28 11.23 -3.26 6.18
N GLN A 29 10.53 -4.27 6.68
CA GLN A 29 11.09 -5.60 6.86
C GLN A 29 11.44 -6.21 5.51
N ILE A 30 10.79 -5.72 4.46
CA ILE A 30 11.03 -6.23 3.12
C ILE A 30 11.90 -5.27 2.32
N GLY A 31 11.50 -4.01 2.26
CA GLY A 31 12.22 -3.04 1.46
C GLY A 31 12.29 -1.68 2.10
N PRO A 32 13.17 -0.80 1.58
CA PRO A 32 13.32 0.57 2.10
C PRO A 32 12.06 1.42 1.88
N CYS A 33 11.49 1.89 2.97
CA CYS A 33 10.26 2.67 2.93
C CYS A 33 10.52 4.11 2.50
N LYS A 34 9.77 4.57 1.50
CA LYS A 34 9.82 5.96 1.07
C LYS A 34 8.82 6.77 1.87
N ASN A 35 7.59 6.28 1.90
CA ASN A 35 6.53 6.88 2.69
C ASN A 35 5.32 5.96 2.69
N CYS A 36 4.49 6.03 3.72
CA CYS A 36 3.31 5.20 3.81
C CYS A 36 2.12 6.03 4.25
N LYS A 37 1.21 6.29 3.34
CA LYS A 37 0.04 7.08 3.64
C LYS A 37 -1.13 6.21 4.01
N MET A 38 -1.45 6.20 5.28
CA MET A 38 -2.58 5.43 5.77
C MET A 38 -3.85 6.28 5.67
N ILE A 39 -4.65 6.01 4.67
CA ILE A 39 -5.86 6.77 4.44
C ILE A 39 -6.95 6.28 5.38
N MET A 40 -6.95 6.83 6.58
CA MET A 40 -7.96 6.49 7.56
C MET A 40 -9.15 7.42 7.38
N ASP A 41 -9.99 7.05 6.44
CA ASP A 41 -11.14 7.86 6.09
C ASP A 41 -12.19 7.76 7.19
N THR A 42 -12.93 8.84 7.36
CA THR A 42 -13.86 8.95 8.47
C THR A 42 -15.17 8.19 8.21
N ALA A 43 -15.51 7.99 6.94
CA ALA A 43 -16.77 7.34 6.59
C ALA A 43 -16.89 7.08 5.10
N GLY A 44 -16.46 8.06 4.29
CA GLY A 44 -16.64 7.99 2.85
C GLY A 44 -15.97 6.78 2.23
N ASN A 45 -14.84 6.37 2.77
CA ASN A 45 -14.13 5.20 2.28
C ASN A 45 -13.67 4.31 3.42
N ASP A 46 -13.50 3.04 3.13
CA ASP A 46 -13.00 2.09 4.10
C ASP A 46 -11.49 2.15 4.10
N PRO A 47 -10.86 2.32 5.28
CA PRO A 47 -9.42 2.59 5.43
C PRO A 47 -8.53 1.73 4.54
N TYR A 48 -7.62 2.41 3.83
CA TYR A 48 -6.68 1.77 2.92
C TYR A 48 -5.34 2.50 2.97
N CYS A 49 -4.25 1.82 2.65
CA CYS A 49 -2.94 2.44 2.79
C CYS A 49 -2.17 2.47 1.47
N PHE A 50 -1.54 3.61 1.21
CA PHE A 50 -0.63 3.76 0.10
C PHE A 50 0.81 3.60 0.58
N VAL A 51 1.49 2.58 0.09
CA VAL A 51 2.84 2.31 0.54
C VAL A 51 3.85 2.53 -0.59
N GLU A 52 4.70 3.53 -0.41
CA GLU A 52 5.72 3.85 -1.41
C GLU A 52 7.09 3.36 -0.94
N PHE A 53 7.76 2.62 -1.80
CA PHE A 53 9.10 2.11 -1.51
C PHE A 53 10.16 2.87 -2.28
N HIS A 54 11.41 2.55 -1.99
CA HIS A 54 12.53 3.06 -2.78
C HIS A 54 12.98 1.97 -3.75
N GLU A 55 12.41 0.79 -3.57
CA GLU A 55 12.88 -0.38 -4.28
C GLU A 55 11.69 -1.24 -4.74
N HIS A 56 11.57 -1.42 -6.05
CA HIS A 56 10.39 -2.09 -6.63
C HIS A 56 10.44 -3.61 -6.46
N ARG A 57 11.64 -4.19 -6.54
CA ARG A 57 11.76 -5.64 -6.45
C ARG A 57 11.45 -6.10 -5.02
N HIS A 58 11.67 -5.22 -4.06
CA HIS A 58 11.34 -5.48 -2.67
C HIS A 58 9.87 -5.20 -2.45
N ALA A 59 9.36 -4.18 -3.13
CA ALA A 59 7.93 -3.85 -3.08
C ALA A 59 7.10 -5.03 -3.58
N ALA A 60 7.60 -5.70 -4.62
CA ALA A 60 6.95 -6.88 -5.17
C ALA A 60 6.85 -7.99 -4.13
N ALA A 61 7.92 -8.18 -3.37
CA ALA A 61 7.96 -9.20 -2.34
C ALA A 61 7.00 -8.88 -1.21
N ALA A 62 7.03 -7.63 -0.75
CA ALA A 62 6.16 -7.18 0.33
C ALA A 62 4.69 -7.31 -0.07
N LEU A 63 4.41 -7.04 -1.34
CA LEU A 63 3.07 -7.16 -1.88
C LEU A 63 2.52 -8.56 -1.61
N ALA A 64 3.20 -9.57 -2.10
CA ALA A 64 2.72 -10.95 -2.01
C ALA A 64 2.79 -11.48 -0.58
N ALA A 65 3.75 -10.98 0.18
CA ALA A 65 3.98 -11.47 1.54
C ALA A 65 2.98 -10.87 2.53
N MET A 66 2.53 -9.66 2.28
CA MET A 66 1.63 -8.99 3.21
C MET A 66 0.17 -9.06 2.74
N ASN A 67 -0.05 -9.24 1.45
CA ASN A 67 -1.41 -9.34 0.91
C ASN A 67 -2.11 -10.56 1.51
N GLY A 68 -3.23 -10.31 2.18
CA GLY A 68 -4.03 -11.37 2.74
C GLY A 68 -3.67 -11.67 4.17
N ARG A 69 -2.86 -10.83 4.77
CA ARG A 69 -2.44 -11.02 6.15
C ARG A 69 -3.47 -10.40 7.10
N LYS A 70 -3.93 -11.19 8.05
CA LYS A 70 -4.93 -10.72 8.99
C LYS A 70 -4.26 -10.05 10.19
N ILE A 71 -4.68 -8.82 10.46
CA ILE A 71 -4.12 -8.04 11.55
C ILE A 71 -5.25 -7.56 12.45
N MET A 72 -5.21 -7.98 13.72
CA MET A 72 -6.21 -7.62 14.73
C MET A 72 -7.55 -8.28 14.42
N GLY A 73 -8.24 -7.75 13.42
CA GLY A 73 -9.52 -8.31 13.02
C GLY A 73 -9.83 -8.03 11.57
N LYS A 74 -8.84 -7.52 10.84
CA LYS A 74 -9.03 -7.19 9.43
C LYS A 74 -8.01 -7.92 8.57
N GLU A 75 -8.31 -8.01 7.30
CA GLU A 75 -7.47 -8.71 6.35
C GLU A 75 -6.94 -7.74 5.31
N VAL A 76 -5.66 -7.44 5.39
CA VAL A 76 -5.06 -6.43 4.52
C VAL A 76 -4.86 -6.99 3.12
N LYS A 77 -4.99 -6.15 2.12
CA LYS A 77 -4.79 -6.57 0.75
C LYS A 77 -3.89 -5.61 0.01
N VAL A 78 -2.67 -6.05 -0.23
CA VAL A 78 -1.67 -5.21 -0.85
C VAL A 78 -1.60 -5.50 -2.35
N ASN A 79 -2.14 -4.60 -3.15
CA ASN A 79 -2.11 -4.74 -4.59
C ASN A 79 -1.28 -3.63 -5.21
N TRP A 80 -0.65 -3.91 -6.34
CA TRP A 80 0.17 -2.91 -7.00
C TRP A 80 -0.69 -1.94 -7.80
N ALA A 81 -0.85 -0.73 -7.26
CA ALA A 81 -1.65 0.31 -7.90
C ALA A 81 -0.96 0.78 -9.18
N THR A 82 -1.39 0.23 -10.30
CA THR A 82 -0.77 0.54 -11.58
C THR A 82 -1.27 1.87 -12.10
N THR A 83 -0.36 2.81 -12.22
CA THR A 83 -0.71 4.12 -12.71
C THR A 83 0.18 4.51 -13.90
N PRO A 84 -0.37 4.51 -15.11
CA PRO A 84 0.33 4.94 -16.31
C PRO A 84 0.60 6.43 -16.28
N SER A 85 1.77 6.79 -15.77
CA SER A 85 2.17 8.18 -15.62
C SER A 85 2.26 8.87 -16.99
N SER A 86 1.31 9.75 -17.26
CA SER A 86 1.27 10.47 -18.52
C SER A 86 1.09 11.97 -18.27
N GLN A 87 1.60 12.43 -17.14
CA GLN A 87 1.52 13.83 -16.78
C GLN A 87 2.59 14.64 -17.51
N LYS A 88 3.57 13.94 -18.07
CA LYS A 88 4.61 14.57 -18.86
C LYS A 88 4.37 14.31 -20.34
N LYS A 89 4.72 15.29 -21.17
CA LYS A 89 4.49 15.21 -22.60
C LYS A 89 5.71 14.62 -23.30
N ASP A 90 5.53 13.48 -23.97
CA ASP A 90 6.62 12.83 -24.67
C ASP A 90 6.52 13.10 -26.17
N THR A 91 5.30 13.15 -26.68
CA THR A 91 5.07 13.37 -28.09
C THR A 91 4.51 14.77 -28.32
N SER A 92 5.39 15.69 -28.70
CA SER A 92 4.99 17.07 -28.91
C SER A 92 5.75 17.64 -30.10
N MET A 1 9.11 4.11 -15.97
CA MET A 1 7.71 3.72 -16.21
C MET A 1 7.04 3.34 -14.89
N GLU A 2 6.45 4.32 -14.23
CA GLU A 2 5.89 4.13 -12.90
C GLU A 2 4.51 3.47 -13.01
N ASP A 3 3.86 3.66 -14.15
CA ASP A 3 2.58 3.01 -14.41
C ASP A 3 2.79 1.51 -14.62
N GLU A 4 3.97 1.16 -15.09
CA GLU A 4 4.31 -0.23 -15.36
C GLU A 4 4.95 -0.88 -14.14
N MET A 5 5.66 -0.10 -13.35
CA MET A 5 6.30 -0.61 -12.15
C MET A 5 5.65 0.01 -10.90
N PRO A 6 4.59 -0.63 -10.36
CA PRO A 6 3.96 -0.19 -9.12
C PRO A 6 4.95 -0.19 -7.96
N LYS A 7 5.50 0.99 -7.67
CA LYS A 7 6.44 1.14 -6.56
C LYS A 7 5.68 1.44 -5.28
N THR A 8 4.40 1.76 -5.44
CA THR A 8 3.53 2.01 -4.32
C THR A 8 2.58 0.83 -4.12
N LEU A 9 2.48 0.35 -2.89
CA LEU A 9 1.62 -0.77 -2.60
C LEU A 9 0.28 -0.28 -2.04
N TYR A 10 -0.80 -0.70 -2.70
CA TYR A 10 -2.13 -0.31 -2.30
C TYR A 10 -2.70 -1.32 -1.31
N VAL A 11 -2.66 -0.98 -0.03
CA VAL A 11 -3.21 -1.85 0.99
C VAL A 11 -4.54 -1.31 1.46
N GLY A 12 -5.60 -2.07 1.25
CA GLY A 12 -6.91 -1.66 1.70
C GLY A 12 -7.44 -2.59 2.76
N ASN A 13 -8.56 -2.21 3.35
CA ASN A 13 -9.17 -2.97 4.44
C ASN A 13 -8.27 -2.93 5.69
N LEU A 14 -8.11 -1.73 6.22
CA LEU A 14 -7.32 -1.52 7.43
C LEU A 14 -8.25 -1.42 8.64
N SER A 15 -7.71 -1.02 9.77
CA SER A 15 -8.48 -0.91 11.00
C SER A 15 -7.94 0.22 11.87
N ARG A 16 -8.74 0.63 12.85
CA ARG A 16 -8.42 1.79 13.68
C ARG A 16 -7.37 1.43 14.74
N ASP A 17 -7.15 0.14 14.91
CA ASP A 17 -6.15 -0.34 15.86
C ASP A 17 -4.85 -0.69 15.14
N VAL A 18 -4.79 -0.35 13.86
CA VAL A 18 -3.59 -0.52 13.07
C VAL A 18 -2.90 0.81 12.86
N THR A 19 -1.70 0.96 13.41
CA THR A 19 -1.00 2.23 13.41
C THR A 19 -0.01 2.35 12.25
N GLU A 20 0.35 3.59 11.92
CA GLU A 20 1.35 3.87 10.89
C GLU A 20 2.65 3.12 11.17
N ALA A 21 3.14 3.24 12.41
CA ALA A 21 4.40 2.63 12.80
C ALA A 21 4.40 1.12 12.59
N LEU A 22 3.24 0.51 12.80
CA LEU A 22 3.08 -0.93 12.61
C LEU A 22 3.22 -1.28 11.13
N ILE A 23 2.44 -0.58 10.31
CA ILE A 23 2.45 -0.80 8.87
C ILE A 23 3.85 -0.59 8.31
N LEU A 24 4.50 0.49 8.72
CA LEU A 24 5.86 0.78 8.31
C LEU A 24 6.79 -0.38 8.65
N GLN A 25 6.73 -0.85 9.89
CA GLN A 25 7.57 -1.96 10.34
C GLN A 25 7.31 -3.22 9.51
N LEU A 26 6.04 -3.49 9.23
CA LEU A 26 5.64 -4.68 8.49
C LEU A 26 6.20 -4.67 7.07
N PHE A 27 6.23 -3.51 6.45
CA PHE A 27 6.76 -3.39 5.10
C PHE A 27 8.27 -3.18 5.10
N SER A 28 8.77 -2.50 6.12
CA SER A 28 10.19 -2.16 6.23
C SER A 28 11.07 -3.40 6.20
N GLN A 29 10.59 -4.49 6.80
CA GLN A 29 11.36 -5.73 6.86
C GLN A 29 11.47 -6.36 5.47
N ILE A 30 10.59 -5.98 4.56
CA ILE A 30 10.66 -6.44 3.18
C ILE A 30 11.50 -5.47 2.34
N GLY A 31 11.19 -4.19 2.49
CA GLY A 31 11.95 -3.15 1.82
C GLY A 31 11.80 -1.81 2.50
N PRO A 32 12.78 -0.91 2.32
CA PRO A 32 12.75 0.41 2.96
C PRO A 32 11.66 1.32 2.38
N CYS A 33 10.82 1.80 3.27
CA CYS A 33 9.74 2.72 2.91
C CYS A 33 10.09 4.13 3.34
N LYS A 34 9.74 5.11 2.52
CA LYS A 34 10.04 6.50 2.84
C LYS A 34 8.75 7.29 3.09
N ASN A 35 7.70 6.94 2.39
CA ASN A 35 6.44 7.66 2.50
C ASN A 35 5.30 6.71 2.80
N CYS A 36 4.32 7.21 3.53
CA CYS A 36 3.17 6.41 3.92
C CYS A 36 1.96 7.29 4.09
N LYS A 37 0.90 6.96 3.38
CA LYS A 37 -0.34 7.70 3.46
C LYS A 37 -1.48 6.78 3.86
N MET A 38 -1.90 6.90 5.10
CA MET A 38 -2.97 6.07 5.62
C MET A 38 -4.29 6.82 5.57
N ILE A 39 -5.13 6.46 4.61
CA ILE A 39 -6.43 7.08 4.45
C ILE A 39 -7.45 6.34 5.30
N MET A 40 -7.53 6.71 6.57
CA MET A 40 -8.44 6.05 7.50
C MET A 40 -9.76 6.79 7.56
N ASP A 41 -10.68 6.38 6.72
CA ASP A 41 -12.00 6.99 6.66
C ASP A 41 -12.87 6.40 7.76
N THR A 42 -13.83 7.17 8.22
CA THR A 42 -14.65 6.79 9.35
C THR A 42 -16.02 6.27 8.93
N ALA A 43 -16.46 6.60 7.71
CA ALA A 43 -17.83 6.28 7.29
C ALA A 43 -17.96 6.07 5.78
N GLY A 44 -17.08 6.68 5.00
CA GLY A 44 -17.17 6.57 3.56
C GLY A 44 -16.53 5.30 3.05
N ASN A 45 -15.21 5.26 3.08
CA ASN A 45 -14.45 4.11 2.61
C ASN A 45 -13.92 3.31 3.76
N ASP A 46 -13.62 2.05 3.50
CA ASP A 46 -12.94 1.22 4.49
C ASP A 46 -11.44 1.51 4.37
N PRO A 47 -10.85 2.03 5.47
CA PRO A 47 -9.49 2.60 5.50
C PRO A 47 -8.47 1.82 4.68
N TYR A 48 -7.67 2.57 3.93
CA TYR A 48 -6.64 2.00 3.07
C TYR A 48 -5.37 2.84 3.18
N CYS A 49 -4.23 2.25 2.86
CA CYS A 49 -2.95 2.92 3.06
C CYS A 49 -2.07 2.79 1.82
N PHE A 50 -1.39 3.89 1.50
CA PHE A 50 -0.42 3.92 0.40
C PHE A 50 1.00 3.91 0.95
N VAL A 51 1.75 2.84 0.69
CA VAL A 51 3.14 2.78 1.10
C VAL A 51 4.07 2.78 -0.11
N GLU A 52 5.11 3.59 -0.06
CA GLU A 52 6.05 3.71 -1.16
C GLU A 52 7.39 3.08 -0.82
N PHE A 53 7.88 2.23 -1.72
CA PHE A 53 9.18 1.58 -1.55
C PHE A 53 10.21 2.21 -2.47
N HIS A 54 11.48 2.05 -2.11
CA HIS A 54 12.58 2.55 -2.94
C HIS A 54 12.95 1.53 -3.99
N GLU A 55 12.42 0.32 -3.86
CA GLU A 55 12.79 -0.77 -4.73
C GLU A 55 11.56 -1.54 -5.15
N HIS A 56 11.32 -1.58 -6.44
CA HIS A 56 10.16 -2.25 -7.00
C HIS A 56 10.25 -3.77 -6.82
N ARG A 57 11.47 -4.28 -6.76
CA ARG A 57 11.67 -5.73 -6.69
C ARG A 57 11.09 -6.32 -5.40
N HIS A 58 11.46 -5.74 -4.25
CA HIS A 58 10.94 -6.25 -2.99
C HIS A 58 9.65 -5.55 -2.60
N ALA A 59 9.28 -4.53 -3.36
CA ALA A 59 7.95 -3.97 -3.25
C ALA A 59 6.94 -5.05 -3.64
N ALA A 60 7.27 -5.79 -4.70
CA ALA A 60 6.48 -6.94 -5.12
C ALA A 60 6.49 -8.02 -4.05
N ALA A 61 7.64 -8.15 -3.40
CA ALA A 61 7.79 -9.09 -2.29
C ALA A 61 6.77 -8.78 -1.21
N ALA A 62 6.67 -7.50 -0.84
CA ALA A 62 5.71 -7.06 0.15
C ALA A 62 4.29 -7.27 -0.35
N LEU A 63 4.09 -7.02 -1.64
CA LEU A 63 2.80 -7.22 -2.28
C LEU A 63 2.28 -8.64 -1.99
N ALA A 64 3.07 -9.63 -2.37
CA ALA A 64 2.66 -11.02 -2.24
C ALA A 64 2.64 -11.47 -0.78
N ALA A 65 3.62 -11.03 -0.01
CA ALA A 65 3.77 -11.48 1.37
C ALA A 65 2.71 -10.88 2.28
N MET A 66 2.36 -9.62 2.06
CA MET A 66 1.45 -8.93 2.95
C MET A 66 -0.01 -9.15 2.56
N ASN A 67 -0.25 -9.41 1.28
CA ASN A 67 -1.61 -9.68 0.82
C ASN A 67 -2.11 -11.01 1.38
N GLY A 68 -3.17 -10.94 2.18
CA GLY A 68 -3.70 -12.13 2.80
C GLY A 68 -3.16 -12.32 4.20
N ARG A 69 -2.47 -11.30 4.71
CA ARG A 69 -1.88 -11.37 6.04
C ARG A 69 -2.94 -11.07 7.09
N LYS A 70 -2.68 -11.49 8.31
CA LYS A 70 -3.62 -11.28 9.40
C LYS A 70 -3.07 -10.22 10.34
N ILE A 71 -3.34 -8.96 10.02
CA ILE A 71 -2.85 -7.85 10.83
C ILE A 71 -3.90 -7.46 11.86
N MET A 72 -3.60 -7.76 13.12
CA MET A 72 -4.47 -7.45 14.25
C MET A 72 -5.76 -8.28 14.20
N GLY A 73 -6.66 -7.93 13.31
CA GLY A 73 -7.91 -8.65 13.18
C GLY A 73 -8.68 -8.25 11.95
N LYS A 74 -7.98 -7.90 10.89
CA LYS A 74 -8.61 -7.45 9.66
C LYS A 74 -7.96 -8.12 8.45
N GLU A 75 -8.78 -8.47 7.46
CA GLU A 75 -8.29 -9.04 6.22
C GLU A 75 -7.67 -7.94 5.35
N VAL A 76 -6.36 -7.97 5.21
CA VAL A 76 -5.65 -6.92 4.49
C VAL A 76 -5.45 -7.31 3.02
N LYS A 77 -5.65 -6.34 2.14
CA LYS A 77 -5.52 -6.58 0.72
C LYS A 77 -4.51 -5.63 0.11
N VAL A 78 -3.51 -6.19 -0.54
CA VAL A 78 -2.43 -5.41 -1.09
C VAL A 78 -2.34 -5.63 -2.59
N ASN A 79 -2.70 -4.61 -3.36
CA ASN A 79 -2.65 -4.69 -4.81
C ASN A 79 -1.74 -3.61 -5.37
N TRP A 80 -1.47 -3.70 -6.66
CA TRP A 80 -0.58 -2.76 -7.32
C TRP A 80 -1.24 -1.39 -7.44
N ALA A 81 -0.54 -0.35 -7.02
CA ALA A 81 -0.99 1.01 -7.27
C ALA A 81 -0.33 1.54 -8.53
N THR A 82 -1.06 1.49 -9.62
CA THR A 82 -0.53 1.84 -10.94
C THR A 82 -1.30 3.01 -11.54
N THR A 83 -1.35 3.04 -12.87
CA THR A 83 -2.13 4.04 -13.60
C THR A 83 -3.56 4.13 -13.04
N PRO A 84 -4.07 5.36 -12.88
CA PRO A 84 -5.40 5.62 -12.31
C PRO A 84 -6.51 4.83 -13.00
N SER A 85 -6.86 3.69 -12.43
CA SER A 85 -7.92 2.85 -12.95
C SER A 85 -9.24 3.23 -12.31
N SER A 86 -9.83 4.30 -12.81
CA SER A 86 -11.05 4.86 -12.23
C SER A 86 -12.21 3.87 -12.28
N GLN A 87 -12.40 3.24 -13.44
CA GLN A 87 -13.49 2.30 -13.62
C GLN A 87 -13.22 1.37 -14.78
N LYS A 88 -13.39 0.08 -14.56
CA LYS A 88 -13.15 -0.91 -15.59
C LYS A 88 -14.45 -1.61 -15.97
N LYS A 89 -14.79 -1.50 -17.25
CA LYS A 89 -15.94 -2.19 -17.83
C LYS A 89 -17.25 -1.79 -17.16
N ASP A 90 -17.43 -0.50 -16.92
CA ASP A 90 -18.69 -0.03 -16.36
C ASP A 90 -19.80 -0.23 -17.40
N THR A 91 -21.00 -0.55 -16.93
CA THR A 91 -22.07 -0.90 -17.84
C THR A 91 -22.90 0.32 -18.24
N SER A 92 -22.40 1.05 -19.24
CA SER A 92 -23.10 2.20 -19.79
C SER A 92 -22.66 2.43 -21.23
#